data_2LKZ
#
_entry.id   2LKZ
#
_entity_poly.entity_id   1
_entity_poly.type   'polypeptide(L)'
_entity_poly.pdbx_seq_one_letter_code
;MGHHHHHHMDTIILRNIAPHTVVDSIMTALSPYASLAVNNIRLIKDKQTQQNRGFAFVQLSSAMDASQLLQILQSLHPPL
KIDGKTIGVDFAKSA
;
_entity_poly.pdbx_strand_id   A
#
# COMPACT_ATOMS: atom_id res chain seq x y z
N MET A 1 4.14 -23.20 0.43
CA MET A 1 5.14 -23.85 -0.46
C MET A 1 4.45 -24.27 -1.76
N GLY A 2 3.63 -23.37 -2.30
CA GLY A 2 2.92 -23.66 -3.54
C GLY A 2 1.69 -22.77 -3.68
N HIS A 3 0.63 -23.31 -4.28
CA HIS A 3 -0.61 -22.56 -4.47
C HIS A 3 -1.52 -22.72 -3.26
N HIS A 4 -2.34 -21.71 -3.01
CA HIS A 4 -3.27 -21.74 -1.88
C HIS A 4 -4.55 -22.50 -2.26
N HIS A 5 -4.99 -23.37 -1.38
CA HIS A 5 -6.19 -24.15 -1.63
C HIS A 5 -7.43 -23.36 -1.23
N HIS A 6 -7.23 -22.13 -0.77
CA HIS A 6 -8.33 -21.28 -0.37
C HIS A 6 -7.94 -19.80 -0.46
N HIS A 7 -8.69 -18.96 0.23
CA HIS A 7 -8.40 -17.52 0.23
C HIS A 7 -8.53 -16.95 1.64
N HIS A 8 -7.69 -15.97 1.95
CA HIS A 8 -7.71 -15.34 3.26
C HIS A 8 -7.11 -13.94 3.20
N MET A 9 -7.09 -13.36 2.01
CA MET A 9 -6.54 -12.02 1.83
C MET A 9 -5.08 -11.97 2.28
N ASP A 10 -4.29 -11.14 1.61
CA ASP A 10 -2.88 -11.00 1.95
C ASP A 10 -2.23 -9.89 1.14
N THR A 11 -3.00 -8.85 0.84
CA THR A 11 -2.50 -7.72 0.07
C THR A 11 -3.27 -6.45 0.42
N ILE A 12 -2.57 -5.33 0.45
CA ILE A 12 -3.20 -4.06 0.77
C ILE A 12 -3.21 -3.14 -0.45
N ILE A 13 -4.02 -2.09 -0.38
CA ILE A 13 -4.12 -1.14 -1.49
C ILE A 13 -4.33 0.28 -0.97
N LEU A 14 -3.64 1.23 -1.57
CA LEU A 14 -3.75 2.63 -1.17
C LEU A 14 -4.78 3.35 -2.04
N ARG A 15 -5.57 4.22 -1.42
CA ARG A 15 -6.60 4.96 -2.14
C ARG A 15 -6.44 6.46 -1.93
N ASN A 16 -6.83 7.24 -2.93
CA ASN A 16 -6.74 8.69 -2.86
C ASN A 16 -5.28 9.14 -2.71
N ILE A 17 -4.45 8.78 -3.69
CA ILE A 17 -3.05 9.15 -3.66
C ILE A 17 -2.79 10.36 -4.56
N ALA A 18 -1.84 11.20 -4.17
CA ALA A 18 -1.52 12.39 -4.95
C ALA A 18 -0.68 12.03 -6.17
N PRO A 19 -0.68 12.85 -7.19
CA PRO A 19 0.11 12.60 -8.44
C PRO A 19 1.60 12.87 -8.24
N HIS A 20 1.98 13.21 -7.01
CA HIS A 20 3.38 13.50 -6.71
C HIS A 20 4.04 12.34 -5.96
N THR A 21 3.36 11.20 -5.94
CA THR A 21 3.89 10.03 -5.25
C THR A 21 4.77 9.21 -6.18
N VAL A 22 5.81 8.60 -5.60
CA VAL A 22 6.73 7.79 -6.38
C VAL A 22 7.03 6.48 -5.65
N VAL A 23 7.81 5.62 -6.30
CA VAL A 23 8.16 4.33 -5.71
C VAL A 23 9.15 4.52 -4.56
N ASP A 24 9.94 5.59 -4.64
CA ASP A 24 10.93 5.87 -3.60
C ASP A 24 10.25 6.34 -2.32
N SER A 25 9.23 7.17 -2.46
CA SER A 25 8.50 7.68 -1.31
C SER A 25 7.82 6.54 -0.54
N ILE A 26 6.96 5.80 -1.25
CA ILE A 26 6.25 4.69 -0.63
C ILE A 26 7.22 3.75 0.08
N MET A 27 8.41 3.59 -0.48
CA MET A 27 9.43 2.72 0.11
C MET A 27 9.86 3.25 1.47
N THR A 28 10.38 4.47 1.49
CA THR A 28 10.85 5.09 2.73
C THR A 28 9.68 5.39 3.66
N ALA A 29 8.50 5.56 3.09
CA ALA A 29 7.31 5.87 3.89
C ALA A 29 6.84 4.65 4.68
N LEU A 30 7.00 3.47 4.10
CA LEU A 30 6.57 2.24 4.77
C LEU A 30 7.76 1.49 5.37
N SER A 31 8.93 2.13 5.33
CA SER A 31 10.14 1.51 5.87
C SER A 31 10.00 1.20 7.36
N PRO A 32 9.66 2.18 8.18
CA PRO A 32 9.51 1.97 9.64
C PRO A 32 8.20 1.28 10.01
N TYR A 33 7.36 1.06 9.01
CA TYR A 33 6.07 0.41 9.24
C TYR A 33 6.13 -1.06 8.89
N ALA A 34 7.02 -1.41 7.96
CA ALA A 34 7.15 -2.80 7.54
C ALA A 34 8.16 -2.92 6.41
N SER A 35 8.37 -4.15 5.94
CA SER A 35 9.31 -4.41 4.85
C SER A 35 8.56 -4.85 3.60
N LEU A 36 8.87 -4.21 2.47
CA LEU A 36 8.22 -4.55 1.20
C LEU A 36 9.23 -5.16 0.24
N ALA A 37 8.77 -5.49 -0.96
CA ALA A 37 9.64 -6.10 -1.97
C ALA A 37 9.25 -5.61 -3.36
N VAL A 38 10.23 -5.13 -4.11
CA VAL A 38 9.98 -4.62 -5.46
C VAL A 38 9.15 -5.61 -6.29
N ASN A 39 9.42 -6.90 -6.13
CA ASN A 39 8.69 -7.92 -6.87
C ASN A 39 7.37 -8.28 -6.22
N ASN A 40 7.02 -7.55 -5.16
CA ASN A 40 5.77 -7.79 -4.43
C ASN A 40 4.86 -6.57 -4.48
N ILE A 41 5.32 -5.51 -5.15
CA ILE A 41 4.53 -4.29 -5.25
C ILE A 41 4.48 -3.81 -6.70
N ARG A 42 3.28 -3.46 -7.15
CA ARG A 42 3.09 -2.96 -8.51
C ARG A 42 2.46 -1.57 -8.49
N LEU A 43 3.30 -0.55 -8.60
CA LEU A 43 2.81 0.82 -8.58
C LEU A 43 2.47 1.28 -10.00
N ILE A 44 1.18 1.25 -10.31
CA ILE A 44 0.72 1.65 -11.64
C ILE A 44 1.11 3.10 -11.91
N LYS A 45 1.42 3.40 -13.17
CA LYS A 45 1.82 4.75 -13.56
C LYS A 45 0.88 5.29 -14.63
N ASP A 46 0.69 6.61 -14.64
CA ASP A 46 -0.20 7.24 -15.61
C ASP A 46 0.61 8.04 -16.63
N LYS A 47 0.05 8.18 -17.83
CA LYS A 47 0.74 8.93 -18.89
C LYS A 47 0.34 10.40 -18.85
N GLN A 48 -0.67 10.73 -18.05
CA GLN A 48 -1.13 12.10 -17.95
C GLN A 48 -0.24 12.90 -16.99
N THR A 49 -0.13 12.42 -15.75
CA THR A 49 0.69 13.10 -14.75
C THR A 49 2.01 12.36 -14.57
N GLN A 50 2.35 11.52 -15.54
CA GLN A 50 3.60 10.76 -15.48
C GLN A 50 3.78 10.14 -14.10
N GLN A 51 2.66 9.87 -13.44
CA GLN A 51 2.69 9.28 -12.10
C GLN A 51 1.38 8.56 -11.80
N ASN A 52 1.40 7.72 -10.78
CA ASN A 52 0.22 6.96 -10.38
C ASN A 52 -1.06 7.76 -10.61
N ARG A 53 -2.12 7.07 -11.03
CA ARG A 53 -3.40 7.73 -11.28
C ARG A 53 -4.22 7.80 -10.00
N GLY A 54 -3.54 7.84 -8.85
CA GLY A 54 -4.24 7.92 -7.57
C GLY A 54 -4.51 6.53 -7.00
N PHE A 55 -3.65 5.56 -7.31
CA PHE A 55 -3.83 4.20 -6.81
C PHE A 55 -2.51 3.44 -6.82
N ALA A 56 -2.34 2.54 -5.85
CA ALA A 56 -1.13 1.74 -5.75
C ALA A 56 -1.41 0.43 -5.03
N PHE A 57 -0.81 -0.65 -5.51
CA PHE A 57 -1.01 -1.98 -4.90
C PHE A 57 0.26 -2.41 -4.16
N VAL A 58 0.07 -3.05 -3.00
CA VAL A 58 1.21 -3.51 -2.21
C VAL A 58 0.90 -4.86 -1.55
N GLN A 59 1.79 -5.83 -1.73
CA GLN A 59 1.60 -7.15 -1.14
C GLN A 59 2.66 -7.40 -0.06
N LEU A 60 2.32 -8.23 0.92
CA LEU A 60 3.26 -8.53 2.01
C LEU A 60 3.75 -9.97 1.88
N SER A 61 4.81 -10.30 2.61
CA SER A 61 5.38 -11.64 2.57
C SER A 61 4.36 -12.69 3.01
N SER A 62 3.55 -12.33 4.00
CA SER A 62 2.54 -13.24 4.52
C SER A 62 1.16 -12.57 4.54
N ALA A 63 0.16 -13.29 5.03
CA ALA A 63 -1.19 -12.76 5.09
C ALA A 63 -1.36 -11.87 6.32
N MET A 64 -0.94 -12.37 7.47
CA MET A 64 -1.05 -11.61 8.72
C MET A 64 -0.34 -10.27 8.59
N ASP A 65 0.82 -10.28 7.93
CA ASP A 65 1.59 -9.06 7.75
C ASP A 65 0.74 -7.97 7.11
N ALA A 66 -0.19 -8.36 6.25
CA ALA A 66 -1.06 -7.41 5.58
C ALA A 66 -1.93 -6.69 6.60
N SER A 67 -2.68 -7.46 7.39
CA SER A 67 -3.55 -6.87 8.40
C SER A 67 -2.73 -6.08 9.41
N GLN A 68 -1.56 -6.58 9.75
CA GLN A 68 -0.69 -5.92 10.71
C GLN A 68 -0.38 -4.49 10.25
N LEU A 69 0.14 -4.37 9.03
CA LEU A 69 0.48 -3.05 8.50
C LEU A 69 -0.77 -2.18 8.40
N LEU A 70 -1.93 -2.84 8.27
CA LEU A 70 -3.19 -2.12 8.18
C LEU A 70 -3.67 -1.70 9.56
N GLN A 71 -3.44 -2.56 10.54
CA GLN A 71 -3.84 -2.26 11.91
C GLN A 71 -2.80 -1.38 12.61
N ILE A 72 -1.56 -1.49 12.15
CA ILE A 72 -0.47 -0.70 12.73
C ILE A 72 -0.52 0.74 12.24
N LEU A 73 -0.83 0.92 10.96
CA LEU A 73 -0.91 2.25 10.38
C LEU A 73 -2.22 2.94 10.75
N GLN A 74 -3.28 2.14 10.88
CA GLN A 74 -4.59 2.70 11.25
C GLN A 74 -4.70 2.86 12.76
N SER A 75 -3.78 2.24 13.49
CA SER A 75 -3.78 2.33 14.95
C SER A 75 -3.38 3.73 15.39
N LEU A 76 -2.62 4.40 14.54
CA LEU A 76 -2.17 5.76 14.85
C LEU A 76 -3.36 6.72 14.79
N HIS A 77 -3.43 7.62 15.75
CA HIS A 77 -4.53 8.59 15.80
C HIS A 77 -4.64 9.37 14.49
N PRO A 78 -3.58 10.03 14.07
CA PRO A 78 -3.59 10.83 12.81
C PRO A 78 -3.45 9.94 11.57
N PRO A 79 -4.45 9.85 10.72
CA PRO A 79 -4.37 9.00 9.48
C PRO A 79 -3.07 9.26 8.71
N LEU A 80 -2.93 8.61 7.56
CA LEU A 80 -1.74 8.79 6.75
C LEU A 80 -1.91 10.03 5.86
N LYS A 81 -1.01 11.00 6.03
CA LYS A 81 -1.08 12.22 5.24
C LYS A 81 0.30 12.66 4.79
N ILE A 82 0.46 12.81 3.48
CA ILE A 82 1.73 13.24 2.90
C ILE A 82 1.49 14.44 2.00
N ASP A 83 2.52 15.28 1.83
CA ASP A 83 2.40 16.48 0.99
C ASP A 83 1.49 16.21 -0.21
N GLY A 84 0.26 16.72 -0.13
CA GLY A 84 -0.70 16.53 -1.19
C GLY A 84 -2.12 16.46 -0.64
N LYS A 85 -2.39 15.44 0.18
CA LYS A 85 -3.71 15.28 0.77
C LYS A 85 -3.74 14.08 1.72
N THR A 86 -4.92 13.82 2.27
CA THR A 86 -5.08 12.70 3.21
C THR A 86 -5.01 11.37 2.47
N ILE A 87 -4.41 10.38 3.11
CA ILE A 87 -4.27 9.05 2.52
C ILE A 87 -4.90 7.98 3.40
N GLY A 88 -5.68 7.09 2.78
CA GLY A 88 -6.36 6.03 3.51
C GLY A 88 -5.81 4.66 3.11
N VAL A 89 -6.27 3.62 3.81
CA VAL A 89 -5.83 2.25 3.54
C VAL A 89 -7.03 1.31 3.47
N ASP A 90 -7.00 0.38 2.53
CA ASP A 90 -8.08 -0.58 2.38
C ASP A 90 -7.54 -1.94 1.95
N PHE A 91 -8.35 -2.98 2.14
CA PHE A 91 -7.94 -4.33 1.78
C PHE A 91 -8.08 -4.55 0.27
N ALA A 92 -7.60 -5.68 -0.20
CA ALA A 92 -7.68 -5.99 -1.63
C ALA A 92 -9.14 -6.10 -2.07
N LYS A 93 -9.54 -5.18 -2.94
CA LYS A 93 -10.92 -5.18 -3.44
C LYS A 93 -10.99 -5.81 -4.83
N SER A 94 -12.18 -6.23 -5.22
CA SER A 94 -12.37 -6.85 -6.52
C SER A 94 -12.37 -5.79 -7.62
N ALA A 95 -11.44 -5.91 -8.56
CA ALA A 95 -11.35 -4.96 -9.66
C ALA A 95 -10.97 -3.58 -9.14
N MET A 1 -3.48 -31.69 12.76
CA MET A 1 -4.24 -31.49 14.02
C MET A 1 -4.37 -30.00 14.30
N GLY A 2 -5.57 -29.47 14.05
CA GLY A 2 -5.83 -28.05 14.28
C GLY A 2 -5.79 -27.27 12.97
N HIS A 3 -4.68 -26.54 12.75
CA HIS A 3 -4.54 -25.76 11.53
C HIS A 3 -5.58 -24.65 11.47
N HIS A 4 -5.19 -23.51 10.92
CA HIS A 4 -6.10 -22.37 10.81
C HIS A 4 -5.56 -21.36 9.81
N HIS A 5 -5.61 -21.71 8.53
CA HIS A 5 -5.14 -20.81 7.48
C HIS A 5 -5.98 -20.95 6.22
N HIS A 6 -6.95 -20.07 6.07
CA HIS A 6 -7.83 -20.10 4.90
C HIS A 6 -8.17 -18.70 4.43
N HIS A 7 -7.27 -17.75 4.73
CA HIS A 7 -7.48 -16.37 4.33
C HIS A 7 -7.07 -16.15 2.87
N HIS A 8 -7.93 -15.51 2.11
CA HIS A 8 -7.65 -15.25 0.70
C HIS A 8 -7.07 -13.85 0.52
N MET A 9 -6.99 -13.10 1.61
CA MET A 9 -6.45 -11.75 1.56
C MET A 9 -4.98 -11.74 1.94
N ASP A 10 -4.20 -10.89 1.28
CA ASP A 10 -2.78 -10.80 1.55
C ASP A 10 -2.15 -9.66 0.74
N THR A 11 -2.93 -8.62 0.49
CA THR A 11 -2.44 -7.48 -0.28
C THR A 11 -3.20 -6.22 0.11
N ILE A 12 -2.49 -5.11 0.23
CA ILE A 12 -3.10 -3.84 0.59
C ILE A 12 -3.16 -2.91 -0.61
N ILE A 13 -3.99 -1.88 -0.52
CA ILE A 13 -4.10 -0.91 -1.62
C ILE A 13 -4.40 0.48 -1.08
N LEU A 14 -3.58 1.45 -1.50
CA LEU A 14 -3.75 2.83 -1.06
C LEU A 14 -4.79 3.52 -1.92
N ARG A 15 -5.56 4.41 -1.30
CA ARG A 15 -6.61 5.15 -2.00
C ARG A 15 -6.44 6.66 -1.80
N ASN A 16 -6.86 7.43 -2.80
CA ASN A 16 -6.75 8.88 -2.73
C ASN A 16 -5.30 9.33 -2.63
N ILE A 17 -4.50 8.96 -3.63
CA ILE A 17 -3.08 9.33 -3.64
C ILE A 17 -2.84 10.51 -4.58
N ALA A 18 -1.75 11.24 -4.34
CA ALA A 18 -1.43 12.39 -5.17
C ALA A 18 -0.60 11.94 -6.39
N PRO A 19 -0.57 12.76 -7.42
CA PRO A 19 0.20 12.43 -8.67
C PRO A 19 1.71 12.62 -8.49
N HIS A 20 2.12 12.98 -7.28
CA HIS A 20 3.54 13.21 -7.00
C HIS A 20 4.12 12.06 -6.17
N THR A 21 3.46 10.92 -6.19
CA THR A 21 3.92 9.76 -5.43
C THR A 21 4.93 8.93 -6.23
N VAL A 22 5.97 8.48 -5.56
CA VAL A 22 6.99 7.66 -6.21
C VAL A 22 7.35 6.46 -5.34
N VAL A 23 7.59 5.32 -5.98
CA VAL A 23 7.94 4.11 -5.25
C VAL A 23 9.06 4.38 -4.24
N ASP A 24 9.84 5.43 -4.51
CA ASP A 24 10.93 5.80 -3.63
C ASP A 24 10.41 6.22 -2.26
N SER A 25 9.46 7.14 -2.25
CA SER A 25 8.88 7.63 -1.00
C SER A 25 8.06 6.54 -0.32
N ILE A 26 7.31 5.78 -1.12
CA ILE A 26 6.49 4.71 -0.58
C ILE A 26 7.34 3.71 0.19
N MET A 27 8.61 3.60 -0.19
CA MET A 27 9.53 2.67 0.46
C MET A 27 9.94 3.21 1.84
N THR A 28 10.52 4.39 1.86
CA THR A 28 10.97 5.00 3.10
C THR A 28 9.79 5.31 4.02
N ALA A 29 8.60 5.46 3.44
CA ALA A 29 7.41 5.77 4.21
C ALA A 29 6.94 4.55 5.00
N LEU A 30 7.13 3.37 4.43
CA LEU A 30 6.72 2.13 5.09
C LEU A 30 7.91 1.41 5.71
N SER A 31 9.07 2.07 5.70
CA SER A 31 10.28 1.48 6.27
C SER A 31 10.12 1.16 7.75
N PRO A 32 9.73 2.12 8.56
CA PRO A 32 9.56 1.90 10.02
C PRO A 32 8.27 1.17 10.35
N TYR A 33 7.45 0.93 9.33
CA TYR A 33 6.17 0.26 9.52
C TYR A 33 6.28 -1.21 9.10
N ALA A 34 7.17 -1.50 8.16
CA ALA A 34 7.34 -2.87 7.69
C ALA A 34 8.36 -2.92 6.55
N SER A 35 8.55 -4.11 5.98
CA SER A 35 9.49 -4.30 4.89
C SER A 35 8.75 -4.78 3.64
N LEU A 36 9.01 -4.10 2.52
CA LEU A 36 8.37 -4.47 1.26
C LEU A 36 9.38 -5.07 0.29
N ALA A 37 8.93 -5.39 -0.91
CA ALA A 37 9.80 -5.99 -1.92
C ALA A 37 9.43 -5.49 -3.31
N VAL A 38 10.41 -5.02 -4.05
CA VAL A 38 10.18 -4.52 -5.41
C VAL A 38 9.32 -5.47 -6.23
N ASN A 39 9.58 -6.77 -6.09
CA ASN A 39 8.82 -7.77 -6.84
C ASN A 39 7.49 -8.11 -6.18
N ASN A 40 7.16 -7.40 -5.09
CA ASN A 40 5.91 -7.64 -4.38
C ASN A 40 5.03 -6.39 -4.40
N ILE A 41 5.50 -5.32 -5.05
CA ILE A 41 4.73 -4.09 -5.14
C ILE A 41 4.58 -3.65 -6.59
N ARG A 42 3.41 -3.13 -6.92
CA ARG A 42 3.14 -2.66 -8.28
C ARG A 42 2.52 -1.27 -8.26
N LEU A 43 3.32 -0.27 -8.61
CA LEU A 43 2.83 1.10 -8.63
C LEU A 43 2.24 1.44 -9.99
N ILE A 44 0.94 1.70 -10.02
CA ILE A 44 0.26 2.04 -11.27
C ILE A 44 0.88 3.29 -11.87
N LYS A 45 0.92 3.35 -13.20
CA LYS A 45 1.49 4.51 -13.88
C LYS A 45 0.62 4.91 -15.06
N ASP A 46 0.21 6.17 -15.08
CA ASP A 46 -0.63 6.69 -16.16
C ASP A 46 0.19 7.52 -17.14
N LYS A 47 -0.34 7.68 -18.35
CA LYS A 47 0.34 8.46 -19.38
C LYS A 47 -0.06 9.92 -19.30
N GLN A 48 -0.96 10.24 -18.38
CA GLN A 48 -1.42 11.62 -18.22
C GLN A 48 -0.49 12.40 -17.31
N THR A 49 -0.32 11.91 -16.09
CA THR A 49 0.56 12.57 -15.12
C THR A 49 1.85 11.77 -14.92
N GLN A 50 2.14 10.91 -15.88
CA GLN A 50 3.34 10.08 -15.82
C GLN A 50 3.53 9.54 -14.40
N GLN A 51 2.42 9.36 -13.71
CA GLN A 51 2.46 8.85 -12.34
C GLN A 51 1.12 8.22 -11.95
N ASN A 52 1.12 7.46 -10.86
CA ASN A 52 -0.09 6.80 -10.38
C ASN A 52 -1.32 7.68 -10.59
N ARG A 53 -2.43 7.05 -10.95
CA ARG A 53 -3.68 7.78 -11.16
C ARG A 53 -4.47 7.87 -9.86
N GLY A 54 -3.75 7.96 -8.74
CA GLY A 54 -4.39 8.05 -7.43
C GLY A 54 -4.60 6.66 -6.83
N PHE A 55 -3.71 5.74 -7.13
CA PHE A 55 -3.82 4.37 -6.61
C PHE A 55 -2.46 3.68 -6.59
N ALA A 56 -2.27 2.82 -5.59
CA ALA A 56 -1.00 2.10 -5.46
C ALA A 56 -1.24 0.70 -4.90
N PHE A 57 -0.68 -0.31 -5.55
CA PHE A 57 -0.84 -1.69 -5.10
C PHE A 57 0.41 -2.17 -4.36
N VAL A 58 0.20 -2.83 -3.23
CA VAL A 58 1.32 -3.32 -2.43
C VAL A 58 1.00 -4.69 -1.82
N GLN A 59 1.97 -5.59 -1.83
CA GLN A 59 1.78 -6.91 -1.26
C GLN A 59 2.81 -7.16 -0.15
N LEU A 60 2.44 -8.01 0.80
CA LEU A 60 3.34 -8.33 1.92
C LEU A 60 3.87 -9.75 1.78
N SER A 61 4.92 -10.06 2.53
CA SER A 61 5.52 -11.40 2.48
C SER A 61 4.51 -12.46 2.86
N SER A 62 3.66 -12.15 3.83
CA SER A 62 2.65 -13.09 4.29
C SER A 62 1.25 -12.46 4.21
N ALA A 63 0.24 -13.22 4.64
CA ALA A 63 -1.13 -12.72 4.61
C ALA A 63 -1.42 -11.85 5.84
N MET A 64 -1.07 -12.36 7.02
CA MET A 64 -1.31 -11.61 8.25
C MET A 64 -0.59 -10.27 8.21
N ASP A 65 0.64 -10.26 7.71
CA ASP A 65 1.41 -9.03 7.62
C ASP A 65 0.59 -7.92 6.97
N ALA A 66 -0.25 -8.30 6.01
CA ALA A 66 -1.08 -7.32 5.31
C ALA A 66 -2.05 -6.67 6.30
N SER A 67 -2.77 -7.50 7.04
CA SER A 67 -3.74 -6.98 8.01
C SER A 67 -3.02 -6.22 9.12
N GLN A 68 -1.86 -6.73 9.53
CA GLN A 68 -1.08 -6.09 10.57
C GLN A 68 -0.68 -4.68 10.17
N LEU A 69 -0.06 -4.54 9.01
CA LEU A 69 0.36 -3.23 8.53
C LEU A 69 -0.84 -2.30 8.39
N LEU A 70 -2.01 -2.89 8.25
CA LEU A 70 -3.24 -2.10 8.11
C LEU A 70 -3.73 -1.66 9.48
N GLN A 71 -3.59 -2.52 10.48
CA GLN A 71 -4.02 -2.20 11.83
C GLN A 71 -2.95 -1.38 12.54
N ILE A 72 -1.69 -1.59 12.16
CA ILE A 72 -0.58 -0.87 12.77
C ILE A 72 -0.58 0.60 12.32
N LEU A 73 -0.82 0.82 11.04
CA LEU A 73 -0.83 2.18 10.50
C LEU A 73 -2.12 2.90 10.89
N GLN A 74 -3.22 2.16 10.97
CA GLN A 74 -4.51 2.74 11.33
C GLN A 74 -4.64 2.87 12.85
N SER A 75 -3.70 2.26 13.58
CA SER A 75 -3.73 2.31 15.03
C SER A 75 -3.42 3.73 15.49
N LEU A 76 -2.62 4.43 14.70
CA LEU A 76 -2.25 5.81 15.03
C LEU A 76 -3.47 6.71 14.92
N HIS A 77 -3.60 7.63 15.87
CA HIS A 77 -4.75 8.55 15.86
C HIS A 77 -4.83 9.32 14.54
N PRO A 78 -3.80 10.03 14.15
CA PRO A 78 -3.79 10.80 12.87
C PRO A 78 -3.59 9.90 11.65
N PRO A 79 -4.57 9.77 10.78
CA PRO A 79 -4.44 8.91 9.56
C PRO A 79 -3.14 9.17 8.82
N LEU A 80 -2.95 8.50 7.68
CA LEU A 80 -1.75 8.68 6.90
C LEU A 80 -1.85 9.96 6.07
N LYS A 81 -0.91 10.88 6.27
CA LYS A 81 -0.90 12.14 5.55
C LYS A 81 0.41 12.33 4.80
N ILE A 82 0.31 12.48 3.49
CA ILE A 82 1.48 12.68 2.64
C ILE A 82 1.35 13.99 1.88
N ASP A 83 2.44 14.77 1.84
CA ASP A 83 2.43 16.06 1.16
C ASP A 83 1.51 16.04 -0.05
N GLY A 84 0.34 16.66 0.10
CA GLY A 84 -0.64 16.70 -0.97
C GLY A 84 -2.06 16.63 -0.41
N LYS A 85 -2.35 15.57 0.33
CA LYS A 85 -3.67 15.40 0.91
C LYS A 85 -3.70 14.20 1.87
N THR A 86 -4.85 13.94 2.46
CA THR A 86 -4.99 12.82 3.40
C THR A 86 -4.92 11.49 2.65
N ILE A 87 -4.26 10.51 3.25
CA ILE A 87 -4.12 9.19 2.65
C ILE A 87 -4.77 8.13 3.53
N GLY A 88 -5.59 7.27 2.90
CA GLY A 88 -6.28 6.21 3.63
C GLY A 88 -5.74 4.83 3.23
N VAL A 89 -6.20 3.80 3.93
CA VAL A 89 -5.77 2.43 3.66
C VAL A 89 -6.97 1.50 3.55
N ASP A 90 -6.92 0.58 2.59
CA ASP A 90 -8.02 -0.37 2.40
C ASP A 90 -7.47 -1.72 1.94
N PHE A 91 -8.27 -2.77 2.12
CA PHE A 91 -7.86 -4.11 1.71
C PHE A 91 -7.98 -4.27 0.20
N ALA A 92 -7.50 -5.39 -0.31
CA ALA A 92 -7.57 -5.66 -1.74
C ALA A 92 -8.97 -6.14 -2.14
N LYS A 93 -9.76 -5.22 -2.69
CA LYS A 93 -11.12 -5.56 -3.11
C LYS A 93 -11.17 -5.77 -4.62
N SER A 94 -12.38 -5.78 -5.16
CA SER A 94 -12.57 -5.97 -6.59
C SER A 94 -12.53 -4.63 -7.32
N ALA A 95 -11.33 -4.09 -7.53
CA ALA A 95 -11.18 -2.82 -8.22
C ALA A 95 -9.83 -2.76 -8.95
N MET A 1 7.42 -25.21 -3.75
CA MET A 1 6.90 -26.32 -2.91
C MET A 1 5.82 -25.79 -1.97
N GLY A 2 6.13 -24.70 -1.27
CA GLY A 2 5.18 -24.10 -0.36
C GLY A 2 4.51 -22.88 -0.98
N HIS A 3 4.40 -22.88 -2.30
CA HIS A 3 3.78 -21.77 -3.01
C HIS A 3 2.29 -21.73 -2.73
N HIS A 4 1.53 -22.58 -3.42
CA HIS A 4 0.08 -22.63 -3.23
C HIS A 4 -0.50 -21.23 -3.22
N HIS A 5 -0.89 -20.74 -4.40
CA HIS A 5 -1.47 -19.40 -4.52
C HIS A 5 -2.74 -19.30 -3.70
N HIS A 6 -2.60 -19.21 -2.38
CA HIS A 6 -3.76 -19.11 -1.50
C HIS A 6 -4.76 -18.09 -2.05
N HIS A 7 -6.04 -18.34 -1.80
CA HIS A 7 -7.09 -17.44 -2.27
C HIS A 7 -7.49 -16.47 -1.17
N HIS A 8 -6.96 -16.69 0.03
CA HIS A 8 -7.28 -15.82 1.16
C HIS A 8 -6.66 -14.44 0.96
N MET A 9 -7.21 -13.45 1.65
CA MET A 9 -6.72 -12.08 1.54
C MET A 9 -5.29 -11.99 2.07
N ASP A 10 -4.49 -11.13 1.47
CA ASP A 10 -3.09 -10.97 1.89
C ASP A 10 -2.42 -9.83 1.12
N THR A 11 -3.18 -8.77 0.86
CA THR A 11 -2.65 -7.63 0.12
C THR A 11 -3.39 -6.36 0.50
N ILE A 12 -2.65 -5.27 0.65
CA ILE A 12 -3.24 -3.98 1.02
C ILE A 12 -3.25 -3.05 -0.18
N ILE A 13 -4.13 -2.05 -0.14
CA ILE A 13 -4.22 -1.09 -1.24
C ILE A 13 -4.38 0.33 -0.71
N LEU A 14 -3.80 1.29 -1.42
CA LEU A 14 -3.87 2.69 -1.02
C LEU A 14 -4.90 3.42 -1.88
N ARG A 15 -5.69 4.28 -1.23
CA ARG A 15 -6.74 5.04 -1.93
C ARG A 15 -6.56 6.53 -1.68
N ASN A 16 -6.97 7.33 -2.68
CA ASN A 16 -6.88 8.79 -2.57
C ASN A 16 -5.42 9.23 -2.48
N ILE A 17 -4.62 8.85 -3.47
CA ILE A 17 -3.21 9.22 -3.50
C ILE A 17 -2.99 10.43 -4.40
N ALA A 18 -1.90 11.15 -4.16
CA ALA A 18 -1.60 12.34 -4.98
C ALA A 18 -0.71 11.96 -6.16
N PRO A 19 -0.68 12.78 -7.18
CA PRO A 19 0.16 12.53 -8.39
C PRO A 19 1.65 12.80 -8.14
N HIS A 20 1.98 13.16 -6.89
CA HIS A 20 3.36 13.46 -6.53
C HIS A 20 3.98 12.31 -5.75
N THR A 21 3.39 11.12 -5.87
CA THR A 21 3.90 9.95 -5.18
C THR A 21 4.97 9.25 -6.02
N VAL A 22 6.04 8.83 -5.35
CA VAL A 22 7.14 8.16 -6.04
C VAL A 22 7.58 6.92 -5.27
N VAL A 23 7.93 5.87 -5.98
CA VAL A 23 8.37 4.62 -5.35
C VAL A 23 9.42 4.90 -4.28
N ASP A 24 10.08 6.05 -4.40
CA ASP A 24 11.12 6.43 -3.44
C ASP A 24 10.50 6.74 -2.09
N SER A 25 9.53 7.65 -2.08
CA SER A 25 8.86 8.03 -0.83
C SER A 25 8.11 6.84 -0.23
N ILE A 26 7.31 6.17 -1.07
CA ILE A 26 6.54 5.02 -0.61
C ILE A 26 7.44 4.00 0.08
N MET A 27 8.69 3.93 -0.37
CA MET A 27 9.63 2.98 0.21
C MET A 27 10.09 3.44 1.59
N THR A 28 10.66 4.64 1.66
CA THR A 28 11.14 5.17 2.93
C THR A 28 9.97 5.49 3.86
N ALA A 29 8.79 5.72 3.29
CA ALA A 29 7.63 6.05 4.08
C ALA A 29 7.09 4.82 4.82
N LEU A 30 7.21 3.66 4.19
CA LEU A 30 6.72 2.42 4.79
C LEU A 30 7.88 1.60 5.38
N SER A 31 9.07 2.20 5.40
CA SER A 31 10.24 1.52 5.92
C SER A 31 10.08 1.16 7.40
N PRO A 32 9.75 2.12 8.24
CA PRO A 32 9.59 1.86 9.70
C PRO A 32 8.26 1.19 10.02
N TYR A 33 7.44 1.00 8.99
CA TYR A 33 6.13 0.37 9.17
C TYR A 33 6.17 -1.09 8.75
N ALA A 34 7.07 -1.42 7.84
CA ALA A 34 7.21 -2.80 7.37
C ALA A 34 8.19 -2.87 6.21
N SER A 35 8.39 -4.08 5.69
CA SER A 35 9.31 -4.28 4.57
C SER A 35 8.55 -4.65 3.31
N LEU A 36 8.90 -3.99 2.20
CA LEU A 36 8.23 -4.26 0.93
C LEU A 36 9.23 -4.85 -0.07
N ALA A 37 8.73 -5.21 -1.25
CA ALA A 37 9.58 -5.78 -2.28
C ALA A 37 9.12 -5.33 -3.68
N VAL A 38 10.06 -4.84 -4.47
CA VAL A 38 9.75 -4.36 -5.82
C VAL A 38 8.90 -5.37 -6.59
N ASN A 39 9.21 -6.65 -6.43
CA ASN A 39 8.47 -7.70 -7.13
C ASN A 39 7.17 -8.06 -6.41
N ASN A 40 6.86 -7.33 -5.34
CA ASN A 40 5.64 -7.59 -4.57
C ASN A 40 4.71 -6.38 -4.61
N ILE A 41 5.12 -5.33 -5.33
CA ILE A 41 4.32 -4.12 -5.44
C ILE A 41 4.20 -3.69 -6.88
N ARG A 42 2.98 -3.34 -7.29
CA ARG A 42 2.73 -2.90 -8.66
C ARG A 42 2.07 -1.53 -8.67
N LEU A 43 2.88 -0.51 -8.94
CA LEU A 43 2.39 0.86 -8.99
C LEU A 43 1.97 1.21 -10.40
N ILE A 44 0.66 1.18 -10.66
CA ILE A 44 0.14 1.48 -11.99
C ILE A 44 0.52 2.90 -12.40
N LYS A 45 1.46 3.01 -13.33
CA LYS A 45 1.90 4.32 -13.81
C LYS A 45 1.15 4.69 -15.08
N ASP A 46 0.74 5.96 -15.16
CA ASP A 46 0.00 6.45 -16.33
C ASP A 46 0.86 7.41 -17.14
N LYS A 47 0.45 7.65 -18.38
CA LYS A 47 1.19 8.56 -19.25
C LYS A 47 0.68 9.98 -19.10
N GLN A 48 -0.30 10.17 -18.22
CA GLN A 48 -0.86 11.50 -17.98
C GLN A 48 0.07 12.34 -17.13
N THR A 49 0.40 11.84 -15.94
CA THR A 49 1.29 12.55 -15.03
C THR A 49 2.53 11.70 -14.73
N GLN A 50 2.82 10.76 -15.62
CA GLN A 50 3.97 9.89 -15.45
C GLN A 50 4.08 9.43 -14.01
N GLN A 51 2.94 9.26 -13.36
CA GLN A 51 2.90 8.83 -11.96
C GLN A 51 1.57 8.15 -11.66
N ASN A 52 1.51 7.46 -10.53
CA ASN A 52 0.30 6.77 -10.10
C ASN A 52 -0.95 7.57 -10.46
N ARG A 53 -2.02 6.87 -10.82
CA ARG A 53 -3.28 7.53 -11.18
C ARG A 53 -4.17 7.69 -9.94
N GLY A 54 -3.55 7.87 -8.78
CA GLY A 54 -4.30 8.02 -7.54
C GLY A 54 -4.61 6.67 -6.92
N PHE A 55 -3.81 5.67 -7.23
CA PHE A 55 -4.02 4.32 -6.70
C PHE A 55 -2.73 3.52 -6.77
N ALA A 56 -2.51 2.65 -5.78
CA ALA A 56 -1.31 1.83 -5.75
C ALA A 56 -1.58 0.49 -5.04
N PHE A 57 -1.01 -0.58 -5.56
CA PHE A 57 -1.20 -1.90 -4.98
C PHE A 57 0.08 -2.36 -4.28
N VAL A 58 -0.06 -2.88 -3.07
CA VAL A 58 1.09 -3.35 -2.30
C VAL A 58 0.79 -4.68 -1.62
N GLN A 59 1.65 -5.67 -1.87
CA GLN A 59 1.46 -7.00 -1.28
C GLN A 59 2.56 -7.27 -0.26
N LEU A 60 2.25 -8.11 0.73
CA LEU A 60 3.23 -8.45 1.76
C LEU A 60 3.67 -9.90 1.61
N SER A 61 4.76 -10.26 2.29
CA SER A 61 5.28 -11.62 2.22
C SER A 61 4.24 -12.63 2.66
N SER A 62 3.47 -12.27 3.69
CA SER A 62 2.44 -13.15 4.21
C SER A 62 1.11 -12.43 4.30
N ALA A 63 0.09 -13.12 4.81
CA ALA A 63 -1.23 -12.54 4.94
C ALA A 63 -1.35 -11.74 6.23
N MET A 64 -0.82 -12.29 7.32
CA MET A 64 -0.86 -11.61 8.61
C MET A 64 -0.16 -10.26 8.52
N ASP A 65 0.90 -10.20 7.72
CA ASP A 65 1.65 -8.97 7.56
C ASP A 65 0.77 -7.86 6.97
N ALA A 66 -0.14 -8.25 6.08
CA ALA A 66 -1.04 -7.29 5.45
C ALA A 66 -1.90 -6.60 6.51
N SER A 67 -2.57 -7.40 7.33
CA SER A 67 -3.43 -6.84 8.38
C SER A 67 -2.59 -6.03 9.37
N GLN A 68 -1.41 -6.53 9.68
CA GLN A 68 -0.52 -5.85 10.61
C GLN A 68 -0.24 -4.42 10.15
N LEU A 69 0.23 -4.29 8.92
CA LEU A 69 0.54 -2.97 8.37
C LEU A 69 -0.73 -2.13 8.28
N LEU A 70 -1.87 -2.80 8.19
CA LEU A 70 -3.15 -2.11 8.11
C LEU A 70 -3.60 -1.66 9.49
N GLN A 71 -3.38 -2.51 10.49
CA GLN A 71 -3.77 -2.17 11.86
C GLN A 71 -2.70 -1.30 12.53
N ILE A 72 -1.46 -1.45 12.07
CA ILE A 72 -0.37 -0.68 12.64
C ILE A 72 -0.39 0.77 12.15
N LEU A 73 -0.76 0.96 10.88
CA LEU A 73 -0.83 2.30 10.31
C LEU A 73 -2.13 2.98 10.69
N GLN A 74 -3.21 2.20 10.79
CA GLN A 74 -4.51 2.75 11.16
C GLN A 74 -4.60 2.90 12.67
N SER A 75 -3.63 2.33 13.38
CA SER A 75 -3.61 2.41 14.83
C SER A 75 -3.28 3.82 15.29
N LEU A 76 -2.59 4.57 14.43
CA LEU A 76 -2.25 5.95 14.75
C LEU A 76 -3.50 6.81 14.80
N HIS A 77 -3.62 7.64 15.81
CA HIS A 77 -4.80 8.50 15.95
C HIS A 77 -5.11 9.20 14.62
N PRO A 78 -4.18 9.95 14.08
CA PRO A 78 -4.38 10.65 12.78
C PRO A 78 -4.22 9.69 11.59
N PRO A 79 -4.91 9.93 10.49
CA PRO A 79 -4.80 9.06 9.29
C PRO A 79 -3.47 9.27 8.56
N LEU A 80 -3.13 8.37 7.65
CA LEU A 80 -1.89 8.49 6.91
C LEU A 80 -1.87 9.79 6.12
N LYS A 81 -0.87 10.63 6.38
CA LYS A 81 -0.75 11.91 5.69
C LYS A 81 0.52 11.96 4.84
N ILE A 82 0.34 12.38 3.60
CA ILE A 82 1.46 12.50 2.67
C ILE A 82 1.34 13.82 1.92
N ASP A 83 2.45 14.56 1.83
CA ASP A 83 2.45 15.85 1.15
C ASP A 83 1.48 15.85 -0.02
N GLY A 84 0.33 16.48 0.18
CA GLY A 84 -0.69 16.54 -0.87
C GLY A 84 -2.10 16.48 -0.29
N LYS A 85 -2.35 15.51 0.59
CA LYS A 85 -3.67 15.37 1.18
C LYS A 85 -3.71 14.16 2.12
N THR A 86 -4.90 13.87 2.65
CA THR A 86 -5.07 12.74 3.56
C THR A 86 -5.04 11.42 2.78
N ILE A 87 -4.41 10.41 3.37
CA ILE A 87 -4.30 9.10 2.74
C ILE A 87 -4.95 8.03 3.61
N GLY A 88 -5.73 7.15 2.98
CA GLY A 88 -6.41 6.08 3.70
C GLY A 88 -5.86 4.71 3.30
N VAL A 89 -6.33 3.68 4.00
CA VAL A 89 -5.89 2.31 3.72
C VAL A 89 -7.09 1.37 3.65
N ASP A 90 -7.05 0.45 2.71
CA ASP A 90 -8.14 -0.51 2.54
C ASP A 90 -7.60 -1.89 2.19
N PHE A 91 -8.42 -2.92 2.40
CA PHE A 91 -8.01 -4.28 2.09
C PHE A 91 -8.11 -4.55 0.60
N ALA A 92 -7.62 -5.71 0.17
CA ALA A 92 -7.66 -6.07 -1.25
C ALA A 92 -9.08 -5.91 -1.80
N LYS A 93 -9.22 -5.03 -2.78
CA LYS A 93 -10.53 -4.79 -3.40
C LYS A 93 -10.36 -4.36 -4.85
N SER A 94 -10.99 -5.11 -5.75
CA SER A 94 -10.91 -4.79 -7.18
C SER A 94 -11.65 -3.50 -7.48
N ALA A 95 -10.90 -2.42 -7.71
CA ALA A 95 -11.51 -1.13 -8.01
C ALA A 95 -12.47 -1.25 -9.18
N MET A 1 9.19 -15.70 3.58
CA MET A 1 8.29 -15.59 2.40
C MET A 1 7.56 -16.91 2.20
N GLY A 2 6.88 -17.05 1.06
CA GLY A 2 6.15 -18.27 0.76
C GLY A 2 4.82 -17.95 0.08
N HIS A 3 4.87 -17.64 -1.21
CA HIS A 3 3.66 -17.32 -1.95
C HIS A 3 3.19 -18.53 -2.74
N HIS A 4 1.89 -18.58 -3.01
CA HIS A 4 1.31 -19.68 -3.76
C HIS A 4 0.18 -19.20 -4.66
N HIS A 5 -1.05 -19.28 -4.16
CA HIS A 5 -2.21 -18.84 -4.93
C HIS A 5 -2.38 -17.32 -4.82
N HIS A 6 -3.51 -16.83 -5.32
CA HIS A 6 -3.78 -15.40 -5.28
C HIS A 6 -5.24 -15.15 -4.90
N HIS A 7 -6.00 -16.22 -4.76
CA HIS A 7 -7.41 -16.10 -4.40
C HIS A 7 -7.57 -16.00 -2.88
N HIS A 8 -6.67 -15.24 -2.25
CA HIS A 8 -6.72 -15.05 -0.81
C HIS A 8 -6.19 -13.68 -0.42
N MET A 9 -6.99 -12.92 0.31
CA MET A 9 -6.60 -11.59 0.74
C MET A 9 -5.17 -11.61 1.28
N ASP A 10 -4.26 -10.95 0.57
CA ASP A 10 -2.87 -10.89 0.97
C ASP A 10 -2.17 -9.70 0.32
N THR A 11 -2.94 -8.67 0.03
CA THR A 11 -2.39 -7.47 -0.59
C THR A 11 -3.24 -6.25 -0.24
N ILE A 12 -2.56 -5.17 0.13
CA ILE A 12 -3.26 -3.93 0.48
C ILE A 12 -3.10 -2.89 -0.62
N ILE A 13 -4.01 -1.92 -0.63
CA ILE A 13 -3.94 -0.86 -1.64
C ILE A 13 -4.19 0.50 -1.00
N LEU A 14 -3.43 1.51 -1.46
CA LEU A 14 -3.57 2.85 -0.90
C LEU A 14 -4.51 3.68 -1.78
N ARG A 15 -5.28 4.55 -1.13
CA ARG A 15 -6.24 5.40 -1.85
C ARG A 15 -5.96 6.87 -1.56
N ASN A 16 -6.23 7.71 -2.55
CA ASN A 16 -6.03 9.15 -2.42
C ASN A 16 -4.54 9.50 -2.52
N ILE A 17 -3.90 9.09 -3.61
CA ILE A 17 -2.49 9.38 -3.81
C ILE A 17 -2.30 10.57 -4.75
N ALA A 18 -1.43 11.48 -4.37
CA ALA A 18 -1.16 12.65 -5.20
C ALA A 18 -0.35 12.25 -6.42
N PRO A 19 -0.35 13.07 -7.45
CA PRO A 19 0.41 12.79 -8.71
C PRO A 19 1.91 12.92 -8.52
N HIS A 20 2.33 13.37 -7.34
CA HIS A 20 3.75 13.56 -7.05
C HIS A 20 4.27 12.44 -6.15
N THR A 21 3.57 11.31 -6.15
CA THR A 21 3.98 10.18 -5.33
C THR A 21 4.96 9.29 -6.07
N VAL A 22 5.93 8.74 -5.34
CA VAL A 22 6.93 7.87 -5.94
C VAL A 22 7.14 6.64 -5.06
N VAL A 23 7.33 5.49 -5.68
CA VAL A 23 7.55 4.25 -4.94
C VAL A 23 8.60 4.46 -3.85
N ASP A 24 9.47 5.44 -4.05
CA ASP A 24 10.53 5.71 -3.08
C ASP A 24 9.96 6.42 -1.85
N SER A 25 8.94 7.26 -2.07
CA SER A 25 8.33 8.00 -0.97
C SER A 25 7.46 7.07 -0.12
N ILE A 26 6.85 6.08 -0.75
CA ILE A 26 6.00 5.13 -0.04
C ILE A 26 6.84 4.02 0.58
N MET A 27 8.02 3.78 0.00
CA MET A 27 8.91 2.74 0.49
C MET A 27 9.51 3.14 1.84
N THR A 28 10.18 4.28 1.86
CA THR A 28 10.80 4.76 3.09
C THR A 28 9.75 5.09 4.15
N ALA A 29 8.54 5.38 3.70
CA ALA A 29 7.46 5.72 4.63
C ALA A 29 6.97 4.48 5.37
N LEU A 30 7.03 3.33 4.70
CA LEU A 30 6.58 2.08 5.30
C LEU A 30 7.77 1.25 5.78
N SER A 31 8.96 1.83 5.73
CA SER A 31 10.17 1.12 6.14
C SER A 31 10.13 0.76 7.63
N PRO A 32 9.89 1.71 8.50
CA PRO A 32 9.83 1.44 9.97
C PRO A 32 8.51 0.80 10.40
N TYR A 33 7.58 0.67 9.46
CA TYR A 33 6.29 0.07 9.75
C TYR A 33 6.30 -1.42 9.44
N ALA A 34 7.15 -1.83 8.51
CA ALA A 34 7.24 -3.24 8.13
C ALA A 34 8.33 -3.44 7.08
N SER A 35 8.39 -4.64 6.54
CA SER A 35 9.37 -4.97 5.52
C SER A 35 8.71 -5.09 4.15
N LEU A 36 9.20 -4.30 3.19
CA LEU A 36 8.64 -4.32 1.84
C LEU A 36 9.65 -4.90 0.86
N ALA A 37 9.22 -5.10 -0.38
CA ALA A 37 10.09 -5.66 -1.41
C ALA A 37 9.78 -5.04 -2.76
N VAL A 38 10.81 -4.54 -3.44
CA VAL A 38 10.63 -3.91 -4.74
C VAL A 38 9.80 -4.79 -5.69
N ASN A 39 10.03 -6.10 -5.62
CA ASN A 39 9.31 -7.03 -6.48
C ASN A 39 7.93 -7.37 -5.91
N ASN A 40 7.56 -6.72 -4.82
CA ASN A 40 6.25 -6.96 -4.19
C ASN A 40 5.39 -5.70 -4.21
N ILE A 41 5.92 -4.63 -4.78
CA ILE A 41 5.18 -3.37 -4.85
C ILE A 41 5.27 -2.77 -6.25
N ARG A 42 4.11 -2.40 -6.79
CA ARG A 42 4.06 -1.83 -8.13
C ARG A 42 3.20 -0.56 -8.15
N LEU A 43 3.62 0.42 -8.94
CA LEU A 43 2.89 1.68 -9.05
C LEU A 43 2.22 1.76 -10.41
N ILE A 44 0.90 1.67 -10.43
CA ILE A 44 0.15 1.73 -11.68
C ILE A 44 0.39 3.06 -12.40
N LYS A 45 1.31 3.04 -13.36
CA LYS A 45 1.62 4.24 -14.12
C LYS A 45 0.91 4.24 -15.47
N ASP A 46 0.12 5.29 -15.72
CA ASP A 46 -0.63 5.39 -16.96
C ASP A 46 -0.04 6.50 -17.84
N LYS A 47 -0.33 6.45 -19.13
CA LYS A 47 0.17 7.46 -20.06
C LYS A 47 -0.78 8.65 -20.11
N GLN A 48 -1.75 8.67 -19.20
CA GLN A 48 -2.71 9.76 -19.16
C GLN A 48 -2.23 10.88 -18.23
N THR A 49 -1.92 10.51 -16.99
CA THR A 49 -1.44 11.49 -16.02
C THR A 49 0.08 11.42 -15.89
N GLN A 50 0.70 10.55 -16.68
CA GLN A 50 2.15 10.39 -16.68
C GLN A 50 2.65 9.97 -15.29
N GLN A 51 1.74 9.43 -14.48
CA GLN A 51 2.10 8.98 -13.14
C GLN A 51 0.91 8.30 -12.48
N ASN A 52 1.11 7.78 -11.28
CA ASN A 52 0.04 7.10 -10.56
C ASN A 52 -1.30 7.79 -10.77
N ARG A 53 -2.32 7.01 -11.14
CA ARG A 53 -3.65 7.57 -11.37
C ARG A 53 -4.38 7.76 -10.05
N GLY A 54 -3.62 7.93 -8.97
CA GLY A 54 -4.21 8.13 -7.66
C GLY A 54 -4.39 6.80 -6.92
N PHE A 55 -3.55 5.82 -7.26
CA PHE A 55 -3.64 4.50 -6.62
C PHE A 55 -2.28 3.80 -6.65
N ALA A 56 -1.99 3.03 -5.61
CA ALA A 56 -0.74 2.30 -5.52
C ALA A 56 -0.97 0.90 -4.98
N PHE A 57 -0.32 -0.09 -5.59
CA PHE A 57 -0.48 -1.48 -5.15
C PHE A 57 0.71 -1.91 -4.30
N VAL A 58 0.41 -2.52 -3.16
CA VAL A 58 1.47 -2.99 -2.25
C VAL A 58 1.11 -4.36 -1.69
N GLN A 59 2.04 -5.31 -1.83
CA GLN A 59 1.82 -6.66 -1.31
C GLN A 59 2.77 -6.95 -0.16
N LEU A 60 2.35 -7.84 0.75
CA LEU A 60 3.17 -8.19 1.90
C LEU A 60 3.73 -9.60 1.73
N SER A 61 4.72 -9.94 2.56
CA SER A 61 5.34 -11.26 2.49
C SER A 61 4.33 -12.36 2.78
N SER A 62 3.42 -12.10 3.71
CA SER A 62 2.40 -13.07 4.08
C SER A 62 1.00 -12.45 3.99
N ALA A 63 0.00 -13.23 4.33
CA ALA A 63 -1.38 -12.76 4.29
C ALA A 63 -1.76 -12.05 5.60
N MET A 64 -1.23 -12.56 6.71
CA MET A 64 -1.51 -11.96 8.02
C MET A 64 -0.86 -10.60 8.14
N ASP A 65 0.25 -10.41 7.45
CA ASP A 65 0.97 -9.13 7.50
C ASP A 65 0.11 -8.01 6.94
N ALA A 66 -0.69 -8.33 5.93
CA ALA A 66 -1.57 -7.33 5.31
C ALA A 66 -2.49 -6.70 6.36
N SER A 67 -3.20 -7.55 7.09
CA SER A 67 -4.11 -7.06 8.12
C SER A 67 -3.34 -6.33 9.22
N GLN A 68 -2.18 -6.85 9.55
CA GLN A 68 -1.34 -6.24 10.58
C GLN A 68 -0.90 -4.84 10.16
N LEU A 69 -0.26 -4.75 9.01
CA LEU A 69 0.21 -3.45 8.51
C LEU A 69 -0.95 -2.49 8.35
N LEU A 70 -2.15 -3.04 8.15
CA LEU A 70 -3.34 -2.23 7.99
C LEU A 70 -3.84 -1.72 9.34
N GLN A 71 -3.74 -2.57 10.35
CA GLN A 71 -4.19 -2.21 11.70
C GLN A 71 -3.10 -1.41 12.42
N ILE A 72 -1.85 -1.68 12.06
CA ILE A 72 -0.72 -0.99 12.69
C ILE A 72 -0.68 0.47 12.25
N LEU A 73 -0.90 0.72 10.96
CA LEU A 73 -0.88 2.09 10.45
C LEU A 73 -2.18 2.81 10.82
N GLN A 74 -3.28 2.08 10.83
CA GLN A 74 -4.58 2.69 11.18
C GLN A 74 -4.73 2.74 12.70
N SER A 75 -3.81 2.10 13.41
CA SER A 75 -3.86 2.09 14.87
C SER A 75 -3.43 3.45 15.42
N LEU A 76 -2.62 4.15 14.65
CA LEU A 76 -2.15 5.47 15.07
C LEU A 76 -3.30 6.47 15.03
N HIS A 77 -3.37 7.32 16.05
CA HIS A 77 -4.44 8.32 16.12
C HIS A 77 -4.49 9.16 14.84
N PRO A 78 -3.40 9.81 14.47
CA PRO A 78 -3.38 10.64 13.23
C PRO A 78 -3.23 9.79 11.97
N PRO A 79 -4.22 9.76 11.10
CA PRO A 79 -4.16 8.94 9.85
C PRO A 79 -2.84 9.15 9.10
N LEU A 80 -2.69 8.50 7.95
CA LEU A 80 -1.48 8.64 7.17
C LEU A 80 -1.55 9.92 6.34
N LYS A 81 -0.59 10.82 6.56
CA LYS A 81 -0.55 12.09 5.84
C LYS A 81 0.76 12.24 5.07
N ILE A 82 0.64 12.42 3.76
CA ILE A 82 1.81 12.58 2.90
C ILE A 82 1.70 13.91 2.16
N ASP A 83 2.79 14.67 2.14
CA ASP A 83 2.81 15.98 1.45
C ASP A 83 1.87 15.97 0.25
N GLY A 84 0.72 16.61 0.41
CA GLY A 84 -0.27 16.68 -0.66
C GLY A 84 -1.69 16.62 -0.09
N LYS A 85 -1.99 15.54 0.63
CA LYS A 85 -3.31 15.38 1.21
C LYS A 85 -3.35 14.15 2.13
N THR A 86 -4.46 13.96 2.82
CA THR A 86 -4.63 12.83 3.72
C THR A 86 -4.58 11.51 2.95
N ILE A 87 -3.97 10.50 3.55
CA ILE A 87 -3.85 9.19 2.90
C ILE A 87 -4.53 8.12 3.75
N GLY A 88 -5.36 7.30 3.10
CA GLY A 88 -6.09 6.24 3.80
C GLY A 88 -5.62 4.85 3.34
N VAL A 89 -5.95 3.83 4.12
CA VAL A 89 -5.58 2.47 3.80
C VAL A 89 -6.82 1.61 3.57
N ASP A 90 -6.76 0.73 2.56
CA ASP A 90 -7.90 -0.13 2.25
C ASP A 90 -7.42 -1.50 1.78
N PHE A 91 -8.33 -2.46 1.74
CA PHE A 91 -7.99 -3.81 1.30
C PHE A 91 -8.11 -3.93 -0.22
N ALA A 92 -7.70 -5.07 -0.75
CA ALA A 92 -7.76 -5.30 -2.19
C ALA A 92 -9.21 -5.49 -2.63
N LYS A 93 -9.89 -4.37 -2.90
CA LYS A 93 -11.28 -4.42 -3.33
C LYS A 93 -11.36 -4.49 -4.85
N SER A 94 -11.51 -5.71 -5.38
CA SER A 94 -11.61 -5.91 -6.82
C SER A 94 -13.04 -6.22 -7.22
N ALA A 95 -13.99 -5.45 -6.68
CA ALA A 95 -15.40 -5.66 -6.99
C ALA A 95 -15.67 -5.36 -8.47
N MET A 1 5.40 -19.57 6.07
CA MET A 1 5.53 -20.55 4.97
C MET A 1 4.47 -21.63 5.12
N GLY A 2 4.76 -22.65 5.91
CA GLY A 2 3.82 -23.74 6.12
C GLY A 2 3.74 -24.64 4.90
N HIS A 3 2.65 -24.50 4.14
CA HIS A 3 2.45 -25.30 2.94
C HIS A 3 1.61 -24.54 1.92
N HIS A 4 2.17 -24.38 0.72
CA HIS A 4 1.45 -23.67 -0.35
C HIS A 4 1.12 -22.25 0.09
N HIS A 5 1.11 -21.33 -0.87
CA HIS A 5 0.80 -19.94 -0.58
C HIS A 5 -0.66 -19.63 -0.88
N HIS A 6 -1.23 -18.67 -0.16
CA HIS A 6 -2.62 -18.30 -0.35
C HIS A 6 -2.79 -17.55 -1.68
N HIS A 7 -3.99 -17.01 -1.89
CA HIS A 7 -4.27 -16.27 -3.11
C HIS A 7 -5.45 -15.31 -2.91
N HIS A 8 -6.01 -15.32 -1.70
CA HIS A 8 -7.13 -14.46 -1.38
C HIS A 8 -6.65 -13.19 -0.68
N MET A 9 -7.20 -12.92 0.49
CA MET A 9 -6.82 -11.73 1.24
C MET A 9 -5.37 -11.82 1.69
N ASP A 10 -4.53 -10.96 1.13
CA ASP A 10 -3.11 -10.94 1.47
C ASP A 10 -2.40 -9.80 0.75
N THR A 11 -3.15 -8.74 0.46
CA THR A 11 -2.58 -7.58 -0.22
C THR A 11 -3.37 -6.33 0.14
N ILE A 12 -2.65 -5.24 0.44
CA ILE A 12 -3.30 -3.99 0.80
C ILE A 12 -3.17 -2.98 -0.34
N ILE A 13 -4.07 -2.01 -0.39
CA ILE A 13 -4.05 -0.98 -1.42
C ILE A 13 -4.26 0.39 -0.81
N LEU A 14 -3.58 1.39 -1.37
CA LEU A 14 -3.70 2.76 -0.87
C LEU A 14 -4.62 3.58 -1.77
N ARG A 15 -5.43 4.43 -1.14
CA ARG A 15 -6.37 5.28 -1.88
C ARG A 15 -6.10 6.75 -1.59
N ASN A 16 -6.33 7.59 -2.58
CA ASN A 16 -6.11 9.03 -2.45
C ASN A 16 -4.64 9.40 -2.59
N ILE A 17 -4.02 8.94 -3.68
CA ILE A 17 -2.61 9.23 -3.92
C ILE A 17 -2.46 10.41 -4.87
N ALA A 18 -1.68 11.40 -4.45
CA ALA A 18 -1.47 12.58 -5.29
C ALA A 18 -0.69 12.19 -6.55
N PRO A 19 -0.82 12.94 -7.61
CA PRO A 19 -0.10 12.65 -8.90
C PRO A 19 1.39 12.98 -8.80
N HIS A 20 1.86 13.18 -7.57
CA HIS A 20 3.26 13.51 -7.34
C HIS A 20 3.91 12.46 -6.43
N THR A 21 3.28 11.30 -6.35
CA THR A 21 3.79 10.22 -5.50
C THR A 21 4.80 9.37 -6.27
N VAL A 22 5.77 8.81 -5.54
CA VAL A 22 6.79 7.96 -6.15
C VAL A 22 7.01 6.72 -5.30
N VAL A 23 7.24 5.59 -5.97
CA VAL A 23 7.46 4.33 -5.28
C VAL A 23 8.43 4.53 -4.11
N ASP A 24 9.32 5.50 -4.24
CA ASP A 24 10.30 5.78 -3.18
C ASP A 24 9.61 6.37 -1.95
N SER A 25 8.88 7.46 -2.16
CA SER A 25 8.17 8.11 -1.05
C SER A 25 7.36 7.11 -0.25
N ILE A 26 6.56 6.30 -0.95
CA ILE A 26 5.74 5.29 -0.29
C ILE A 26 6.60 4.28 0.45
N MET A 27 7.67 3.83 -0.20
CA MET A 27 8.56 2.86 0.42
C MET A 27 9.15 3.39 1.71
N THR A 28 9.87 4.50 1.62
CA THR A 28 10.49 5.10 2.80
C THR A 28 9.45 5.39 3.89
N ALA A 29 8.20 5.57 3.47
CA ALA A 29 7.13 5.86 4.42
C ALA A 29 6.71 4.61 5.17
N LEU A 30 6.78 3.46 4.50
CA LEU A 30 6.39 2.20 5.11
C LEU A 30 7.62 1.39 5.54
N SER A 31 8.79 2.02 5.45
CA SER A 31 10.03 1.35 5.82
C SER A 31 10.05 0.99 7.32
N PRO A 32 9.82 1.95 8.19
CA PRO A 32 9.82 1.70 9.66
C PRO A 32 8.54 1.03 10.14
N TYR A 33 7.59 0.85 9.23
CA TYR A 33 6.33 0.22 9.58
C TYR A 33 6.38 -1.28 9.32
N ALA A 34 7.17 -1.69 8.33
CA ALA A 34 7.30 -3.10 7.99
C ALA A 34 8.38 -3.31 6.94
N SER A 35 8.48 -4.53 6.44
CA SER A 35 9.47 -4.85 5.41
C SER A 35 8.80 -5.01 4.05
N LEU A 36 9.20 -4.18 3.11
CA LEU A 36 8.64 -4.23 1.75
C LEU A 36 9.66 -4.78 0.77
N ALA A 37 9.22 -5.04 -0.46
CA ALA A 37 10.10 -5.57 -1.49
C ALA A 37 9.73 -5.01 -2.85
N VAL A 38 10.72 -4.46 -3.56
CA VAL A 38 10.49 -3.88 -4.87
C VAL A 38 9.71 -4.82 -5.77
N ASN A 39 10.01 -6.12 -5.68
CA ASN A 39 9.33 -7.12 -6.51
C ASN A 39 7.97 -7.49 -5.93
N ASN A 40 7.58 -6.87 -4.83
CA ASN A 40 6.30 -7.15 -4.19
C ASN A 40 5.37 -5.95 -4.26
N ILE A 41 5.84 -4.86 -4.88
CA ILE A 41 5.03 -3.65 -5.01
C ILE A 41 5.01 -3.16 -6.45
N ARG A 42 3.84 -2.78 -6.93
CA ARG A 42 3.70 -2.28 -8.30
C ARG A 42 2.89 -0.99 -8.32
N LEU A 43 3.49 0.06 -8.88
CA LEU A 43 2.81 1.35 -8.97
C LEU A 43 2.19 1.53 -10.35
N ILE A 44 0.88 1.34 -10.43
CA ILE A 44 0.18 1.48 -11.71
C ILE A 44 0.37 2.89 -12.25
N LYS A 45 1.34 3.05 -13.13
CA LYS A 45 1.63 4.37 -13.72
C LYS A 45 0.69 4.65 -14.88
N ASP A 46 0.32 5.92 -15.04
CA ASP A 46 -0.58 6.33 -16.11
C ASP A 46 0.16 7.18 -17.15
N LYS A 47 -0.39 7.24 -18.35
CA LYS A 47 0.22 8.02 -19.42
C LYS A 47 -0.33 9.45 -19.42
N GLN A 48 -1.39 9.66 -18.64
CA GLN A 48 -2.01 10.99 -18.57
C GLN A 48 -1.13 11.94 -17.77
N THR A 49 -0.84 11.59 -16.52
CA THR A 49 -0.02 12.42 -15.65
C THR A 49 1.35 11.78 -15.45
N GLN A 50 1.72 10.88 -16.37
CA GLN A 50 3.00 10.19 -16.30
C GLN A 50 3.29 9.76 -14.86
N GLN A 51 2.24 9.45 -14.12
CA GLN A 51 2.39 9.03 -12.73
C GLN A 51 1.17 8.23 -12.28
N ASN A 52 1.26 7.66 -11.08
CA ASN A 52 0.16 6.86 -10.53
C ASN A 52 -1.20 7.47 -10.87
N ARG A 53 -2.18 6.60 -11.12
CA ARG A 53 -3.53 7.06 -11.43
C ARG A 53 -4.33 7.29 -10.16
N GLY A 54 -3.64 7.65 -9.09
CA GLY A 54 -4.30 7.90 -7.81
C GLY A 54 -4.48 6.61 -7.02
N PHE A 55 -3.67 5.60 -7.34
CA PHE A 55 -3.75 4.32 -6.66
C PHE A 55 -2.39 3.61 -6.67
N ALA A 56 -2.13 2.86 -5.61
CA ALA A 56 -0.87 2.13 -5.49
C ALA A 56 -1.10 0.74 -4.90
N PHE A 57 -0.47 -0.27 -5.49
CA PHE A 57 -0.63 -1.63 -5.01
C PHE A 57 0.59 -2.07 -4.20
N VAL A 58 0.34 -2.68 -3.04
CA VAL A 58 1.42 -3.14 -2.18
C VAL A 58 1.10 -4.51 -1.61
N GLN A 59 2.01 -5.47 -1.82
CA GLN A 59 1.81 -6.82 -1.32
C GLN A 59 2.79 -7.12 -0.19
N LEU A 60 2.40 -8.01 0.73
CA LEU A 60 3.25 -8.36 1.86
C LEU A 60 3.79 -9.78 1.68
N SER A 61 4.79 -10.13 2.48
CA SER A 61 5.40 -11.45 2.41
C SER A 61 4.39 -12.54 2.72
N SER A 62 3.49 -12.26 3.66
CA SER A 62 2.47 -13.23 4.06
C SER A 62 1.08 -12.61 3.99
N ALA A 63 0.07 -13.39 4.36
CA ALA A 63 -1.30 -12.91 4.34
C ALA A 63 -1.65 -12.20 5.64
N MET A 64 -1.01 -12.62 6.72
CA MET A 64 -1.26 -12.01 8.03
C MET A 64 -0.53 -10.67 8.16
N ASP A 65 0.48 -10.47 7.32
CA ASP A 65 1.24 -9.23 7.36
C ASP A 65 0.48 -8.10 6.68
N ALA A 66 -0.62 -8.45 6.00
CA ALA A 66 -1.43 -7.46 5.32
C ALA A 66 -2.42 -6.80 6.29
N SER A 67 -3.20 -7.62 6.96
CA SER A 67 -4.19 -7.11 7.91
C SER A 67 -3.49 -6.33 9.02
N GLN A 68 -2.33 -6.83 9.44
CA GLN A 68 -1.56 -6.18 10.49
C GLN A 68 -1.14 -4.78 10.06
N LEU A 69 -0.39 -4.70 8.98
CA LEU A 69 0.08 -3.41 8.47
C LEU A 69 -1.09 -2.44 8.33
N LEU A 70 -2.27 -2.98 8.10
CA LEU A 70 -3.46 -2.14 7.95
C LEU A 70 -3.86 -1.56 9.30
N GLN A 71 -3.73 -2.36 10.36
CA GLN A 71 -4.07 -1.92 11.69
C GLN A 71 -2.93 -1.10 12.30
N ILE A 72 -1.72 -1.62 12.19
CA ILE A 72 -0.56 -0.94 12.74
C ILE A 72 -0.54 0.52 12.29
N LEU A 73 -0.91 0.77 11.04
CA LEU A 73 -0.94 2.13 10.51
C LEU A 73 -2.22 2.85 10.93
N GLN A 74 -3.34 2.14 10.85
CA GLN A 74 -4.63 2.74 11.23
C GLN A 74 -4.76 2.83 12.74
N SER A 75 -3.86 2.17 13.46
CA SER A 75 -3.90 2.18 14.91
C SER A 75 -3.48 3.55 15.43
N LEU A 76 -2.67 4.26 14.66
CA LEU A 76 -2.21 5.58 15.06
C LEU A 76 -3.35 6.60 14.93
N HIS A 77 -3.47 7.46 15.93
CA HIS A 77 -4.54 8.47 15.92
C HIS A 77 -4.51 9.28 14.62
N PRO A 78 -3.43 9.96 14.32
CA PRO A 78 -3.33 10.78 13.07
C PRO A 78 -3.24 9.88 11.82
N PRO A 79 -4.23 9.91 10.95
CA PRO A 79 -4.20 9.08 9.71
C PRO A 79 -2.87 9.18 8.97
N LEU A 80 -2.77 8.51 7.83
CA LEU A 80 -1.53 8.55 7.05
C LEU A 80 -1.47 9.84 6.24
N LYS A 81 -0.41 10.62 6.46
CA LYS A 81 -0.23 11.89 5.75
C LYS A 81 1.01 11.85 4.88
N ILE A 82 0.85 12.28 3.63
CA ILE A 82 1.95 12.33 2.69
C ILE A 82 1.91 13.65 1.94
N ASP A 83 3.06 14.30 1.81
CA ASP A 83 3.13 15.59 1.13
C ASP A 83 2.13 15.64 -0.03
N GLY A 84 1.03 16.37 0.19
CA GLY A 84 0.01 16.48 -0.83
C GLY A 84 -1.40 16.48 -0.24
N LYS A 85 -1.68 15.51 0.63
CA LYS A 85 -3.01 15.42 1.24
C LYS A 85 -3.09 14.21 2.18
N THR A 86 -4.29 13.98 2.73
CA THR A 86 -4.51 12.86 3.63
C THR A 86 -4.55 11.55 2.86
N ILE A 87 -3.99 10.50 3.47
CA ILE A 87 -3.95 9.19 2.84
C ILE A 87 -4.67 8.15 3.69
N GLY A 88 -5.44 7.28 3.04
CA GLY A 88 -6.19 6.24 3.74
C GLY A 88 -5.67 4.85 3.38
N VAL A 89 -6.16 3.83 4.09
CA VAL A 89 -5.75 2.45 3.84
C VAL A 89 -6.97 1.57 3.58
N ASP A 90 -6.86 0.68 2.59
CA ASP A 90 -7.96 -0.23 2.27
C ASP A 90 -7.44 -1.63 2.01
N PHE A 91 -8.33 -2.61 2.06
CA PHE A 91 -7.95 -4.00 1.83
C PHE A 91 -7.83 -4.27 0.33
N ALA A 92 -7.34 -5.46 -0.01
CA ALA A 92 -7.18 -5.83 -1.41
C ALA A 92 -8.47 -5.57 -2.19
N LYS A 93 -8.35 -4.87 -3.31
CA LYS A 93 -9.52 -4.56 -4.13
C LYS A 93 -10.14 -5.85 -4.67
N SER A 94 -11.46 -5.88 -4.71
CA SER A 94 -12.18 -7.05 -5.21
C SER A 94 -12.30 -7.00 -6.73
N ALA A 95 -11.34 -7.61 -7.41
CA ALA A 95 -11.34 -7.63 -8.87
C ALA A 95 -11.94 -8.93 -9.39
N MET A 1 -16.48 -27.17 3.71
CA MET A 1 -16.58 -26.58 5.06
C MET A 1 -16.07 -25.14 5.03
N GLY A 2 -16.23 -24.44 6.15
CA GLY A 2 -15.78 -23.05 6.23
C GLY A 2 -16.97 -22.09 6.13
N HIS A 3 -17.35 -21.51 7.25
CA HIS A 3 -18.46 -20.58 7.27
C HIS A 3 -17.99 -19.16 6.94
N HIS A 4 -16.80 -18.82 7.42
CA HIS A 4 -16.24 -17.50 7.17
C HIS A 4 -16.24 -17.19 5.68
N HIS A 5 -17.06 -16.21 5.29
CA HIS A 5 -17.15 -15.83 3.88
C HIS A 5 -15.97 -14.96 3.49
N HIS A 6 -15.67 -14.93 2.18
CA HIS A 6 -14.55 -14.14 1.69
C HIS A 6 -13.26 -14.54 2.39
N HIS A 7 -12.36 -15.19 1.65
CA HIS A 7 -11.09 -15.63 2.21
C HIS A 7 -9.96 -15.34 1.24
N HIS A 8 -8.81 -15.99 1.46
CA HIS A 8 -7.65 -15.79 0.59
C HIS A 8 -7.42 -14.30 0.36
N MET A 9 -6.48 -13.72 1.11
CA MET A 9 -6.16 -12.31 0.97
C MET A 9 -4.81 -12.00 1.60
N ASP A 10 -4.03 -11.15 0.94
CA ASP A 10 -2.71 -10.78 1.44
C ASP A 10 -2.14 -9.61 0.65
N THR A 11 -2.98 -8.62 0.38
CA THR A 11 -2.55 -7.45 -0.37
C THR A 11 -3.37 -6.23 0.03
N ILE A 12 -2.68 -5.15 0.37
CA ILE A 12 -3.34 -3.91 0.77
C ILE A 12 -3.21 -2.86 -0.33
N ILE A 13 -4.35 -2.27 -0.71
CA ILE A 13 -4.34 -1.25 -1.75
C ILE A 13 -4.46 0.14 -1.14
N LEU A 14 -3.78 1.11 -1.76
CA LEU A 14 -3.81 2.48 -1.27
C LEU A 14 -4.76 3.33 -2.12
N ARG A 15 -5.43 4.27 -1.47
CA ARG A 15 -6.38 5.14 -2.15
C ARG A 15 -6.04 6.59 -1.88
N ASN A 16 -6.32 7.45 -2.86
CA ASN A 16 -6.06 8.88 -2.74
C ASN A 16 -4.56 9.18 -2.84
N ILE A 17 -3.94 8.71 -3.93
CA ILE A 17 -2.51 8.93 -4.13
C ILE A 17 -2.30 10.18 -4.99
N ALA A 18 -1.63 11.18 -4.41
CA ALA A 18 -1.37 12.42 -5.13
C ALA A 18 -0.42 12.16 -6.30
N PRO A 19 -0.37 13.08 -7.24
CA PRO A 19 0.53 12.95 -8.44
C PRO A 19 2.00 13.11 -8.08
N HIS A 20 2.27 13.33 -6.79
CA HIS A 20 3.64 13.51 -6.33
C HIS A 20 4.11 12.30 -5.53
N THR A 21 3.46 11.17 -5.74
CA THR A 21 3.81 9.95 -5.03
C THR A 21 4.92 9.19 -5.76
N VAL A 22 5.91 8.72 -5.00
CA VAL A 22 7.03 7.98 -5.59
C VAL A 22 7.33 6.75 -4.74
N VAL A 23 7.74 5.68 -5.40
CA VAL A 23 8.07 4.43 -4.71
C VAL A 23 9.17 4.67 -3.68
N ASP A 24 9.94 5.74 -3.88
CA ASP A 24 11.03 6.07 -2.97
C ASP A 24 10.49 6.45 -1.60
N SER A 25 9.49 7.32 -1.57
CA SER A 25 8.89 7.75 -0.32
C SER A 25 8.11 6.62 0.34
N ILE A 26 7.37 5.87 -0.47
CA ILE A 26 6.59 4.75 0.05
C ILE A 26 7.49 3.73 0.73
N MET A 27 8.76 3.70 0.32
CA MET A 27 9.72 2.76 0.91
C MET A 27 10.13 3.21 2.30
N THR A 28 10.71 4.40 2.39
CA THR A 28 11.16 4.94 3.67
C THR A 28 9.97 5.24 4.58
N ALA A 29 8.81 5.48 3.97
CA ALA A 29 7.60 5.79 4.74
C ALA A 29 7.05 4.54 5.43
N LEU A 30 7.20 3.39 4.79
CA LEU A 30 6.70 2.14 5.35
C LEU A 30 7.84 1.32 5.96
N SER A 31 9.02 1.91 6.03
CA SER A 31 10.18 1.22 6.58
C SER A 31 9.97 0.85 8.05
N PRO A 32 9.61 1.79 8.89
CA PRO A 32 9.39 1.52 10.34
C PRO A 32 8.05 0.83 10.59
N TYR A 33 7.25 0.69 9.54
CA TYR A 33 5.95 0.06 9.67
C TYR A 33 6.00 -1.39 9.21
N ALA A 34 6.93 -1.69 8.30
CA ALA A 34 7.08 -3.05 7.79
C ALA A 34 8.11 -3.09 6.67
N SER A 35 8.30 -4.29 6.11
CA SER A 35 9.27 -4.46 5.02
C SER A 35 8.55 -4.84 3.73
N LEU A 36 8.88 -4.15 2.64
CA LEU A 36 8.27 -4.40 1.35
C LEU A 36 9.30 -4.99 0.38
N ALA A 37 8.86 -5.25 -0.85
CA ALA A 37 9.76 -5.80 -1.86
C ALA A 37 9.41 -5.24 -3.24
N VAL A 38 10.42 -4.73 -3.94
CA VAL A 38 10.21 -4.16 -5.27
C VAL A 38 9.41 -5.11 -6.16
N ASN A 39 9.70 -6.41 -6.05
CA ASN A 39 9.01 -7.40 -6.86
C ASN A 39 7.65 -7.77 -6.29
N ASN A 40 7.26 -7.09 -5.21
CA ASN A 40 5.97 -7.36 -4.57
C ASN A 40 5.07 -6.12 -4.61
N ILE A 41 5.55 -5.06 -5.23
CA ILE A 41 4.78 -3.82 -5.34
C ILE A 41 4.82 -3.29 -6.76
N ARG A 42 3.66 -2.93 -7.29
CA ARG A 42 3.57 -2.40 -8.65
C ARG A 42 2.73 -1.13 -8.67
N LEU A 43 3.38 0.02 -8.78
CA LEU A 43 2.66 1.29 -8.82
C LEU A 43 2.22 1.59 -10.25
N ILE A 44 0.91 1.43 -10.49
CA ILE A 44 0.37 1.68 -11.82
C ILE A 44 0.61 3.12 -12.23
N LYS A 45 1.03 3.32 -13.48
CA LYS A 45 1.29 4.66 -14.00
C LYS A 45 0.31 5.01 -15.10
N ASP A 46 0.04 6.29 -15.29
CA ASP A 46 -0.90 6.74 -16.31
C ASP A 46 -0.16 7.44 -17.45
N LYS A 47 -0.75 7.38 -18.64
CA LYS A 47 -0.15 8.01 -19.81
C LYS A 47 -0.64 9.45 -19.96
N GLN A 48 -1.63 9.83 -19.16
CA GLN A 48 -2.18 11.18 -19.22
C GLN A 48 -1.41 12.11 -18.30
N THR A 49 -1.36 11.78 -17.01
CA THR A 49 -0.63 12.61 -16.05
C THR A 49 0.77 12.07 -15.83
N GLN A 50 1.20 11.18 -16.72
CA GLN A 50 2.53 10.58 -16.62
C GLN A 50 2.86 10.28 -15.17
N GLN A 51 1.83 9.94 -14.39
CA GLN A 51 2.02 9.63 -12.98
C GLN A 51 0.87 8.77 -12.46
N ASN A 52 1.05 8.19 -11.28
CA ASN A 52 0.04 7.35 -10.66
C ASN A 52 -1.38 7.81 -10.99
N ARG A 53 -2.27 6.85 -11.26
CA ARG A 53 -3.65 7.18 -11.58
C ARG A 53 -4.48 7.34 -10.30
N GLY A 54 -3.82 7.75 -9.22
CA GLY A 54 -4.50 7.94 -7.96
C GLY A 54 -4.70 6.61 -7.23
N PHE A 55 -3.88 5.61 -7.57
CA PHE A 55 -3.98 4.31 -6.94
C PHE A 55 -2.65 3.55 -7.03
N ALA A 56 -2.37 2.74 -6.00
CA ALA A 56 -1.14 1.97 -5.97
C ALA A 56 -1.38 0.59 -5.35
N PHE A 57 -0.69 -0.41 -5.87
CA PHE A 57 -0.85 -1.78 -5.36
C PHE A 57 0.40 -2.20 -4.57
N VAL A 58 0.17 -2.75 -3.37
CA VAL A 58 1.28 -3.18 -2.53
C VAL A 58 0.96 -4.53 -1.89
N GLN A 59 1.86 -5.50 -2.07
CA GLN A 59 1.67 -6.83 -1.50
C GLN A 59 2.66 -7.08 -0.37
N LEU A 60 2.29 -7.93 0.57
CA LEU A 60 3.17 -8.24 1.70
C LEU A 60 3.66 -9.68 1.59
N SER A 61 4.68 -10.01 2.38
CA SER A 61 5.24 -11.36 2.37
C SER A 61 4.20 -12.40 2.76
N SER A 62 3.35 -12.04 3.71
CA SER A 62 2.31 -12.95 4.18
C SER A 62 0.97 -12.23 4.28
N ALA A 63 -0.05 -12.96 4.74
CA ALA A 63 -1.38 -12.38 4.88
C ALA A 63 -1.47 -11.53 6.13
N MET A 64 -1.01 -12.07 7.25
CA MET A 64 -1.05 -11.35 8.52
C MET A 64 -0.37 -9.99 8.38
N ASP A 65 0.78 -9.97 7.72
CA ASP A 65 1.51 -8.72 7.52
C ASP A 65 0.59 -7.64 6.98
N ALA A 66 -0.25 -8.00 6.02
CA ALA A 66 -1.17 -7.04 5.42
C ALA A 66 -2.14 -6.52 6.47
N SER A 67 -2.68 -7.42 7.29
CA SER A 67 -3.62 -7.03 8.33
C SER A 67 -2.89 -6.28 9.45
N GLN A 68 -1.64 -6.65 9.68
CA GLN A 68 -0.85 -6.02 10.71
C GLN A 68 -0.54 -4.57 10.35
N LEU A 69 0.03 -4.37 9.17
CA LEU A 69 0.37 -3.03 8.71
C LEU A 69 -0.88 -2.15 8.66
N LEU A 70 -2.04 -2.79 8.56
CA LEU A 70 -3.29 -2.06 8.50
C LEU A 70 -3.74 -1.65 9.91
N GLN A 71 -3.52 -2.54 10.87
CA GLN A 71 -3.90 -2.25 12.25
C GLN A 71 -2.83 -1.40 12.93
N ILE A 72 -1.58 -1.59 12.50
CA ILE A 72 -0.47 -0.84 13.06
C ILE A 72 -0.49 0.60 12.58
N LEU A 73 -0.89 0.79 11.33
CA LEU A 73 -0.96 2.12 10.75
C LEU A 73 -2.25 2.83 11.14
N GLN A 74 -3.33 2.06 11.25
CA GLN A 74 -4.62 2.63 11.63
C GLN A 74 -4.70 2.84 13.14
N SER A 75 -3.74 2.27 13.85
CA SER A 75 -3.70 2.40 15.30
C SER A 75 -3.41 3.86 15.68
N LEU A 76 -2.66 4.54 14.82
CA LEU A 76 -2.32 5.93 15.06
C LEU A 76 -3.55 6.82 14.87
N HIS A 77 -3.73 7.79 15.77
CA HIS A 77 -4.87 8.69 15.68
C HIS A 77 -4.92 9.40 14.33
N PRO A 78 -3.87 10.09 13.95
CA PRO A 78 -3.82 10.81 12.64
C PRO A 78 -3.59 9.85 11.46
N PRO A 79 -4.55 9.69 10.56
CA PRO A 79 -4.38 8.77 9.40
C PRO A 79 -3.05 8.98 8.69
N LEU A 80 -2.84 8.25 7.59
CA LEU A 80 -1.60 8.39 6.83
C LEU A 80 -1.62 9.68 6.02
N LYS A 81 -0.61 10.52 6.24
CA LYS A 81 -0.53 11.80 5.54
C LYS A 81 0.79 11.93 4.79
N ILE A 82 0.70 12.00 3.47
CA ILE A 82 1.89 12.14 2.62
C ILE A 82 1.83 13.47 1.89
N ASP A 83 2.97 14.17 1.86
CA ASP A 83 3.04 15.48 1.20
C ASP A 83 2.11 15.54 -0.01
N GLY A 84 0.98 16.22 0.15
CA GLY A 84 0.00 16.34 -0.92
C GLY A 84 -1.42 16.34 -0.36
N LYS A 85 -1.76 15.30 0.38
CA LYS A 85 -3.10 15.19 0.97
C LYS A 85 -3.19 13.97 1.88
N THR A 86 -4.35 13.79 2.49
CA THR A 86 -4.57 12.66 3.39
C THR A 86 -4.57 11.35 2.62
N ILE A 87 -3.98 10.32 3.21
CA ILE A 87 -3.91 9.00 2.59
C ILE A 87 -4.61 7.95 3.46
N GLY A 88 -5.39 7.08 2.80
CA GLY A 88 -6.11 6.04 3.52
C GLY A 88 -5.62 4.65 3.10
N VAL A 89 -6.08 3.63 3.82
CA VAL A 89 -5.69 2.25 3.52
C VAL A 89 -6.93 1.37 3.40
N ASP A 90 -6.90 0.45 2.44
CA ASP A 90 -8.03 -0.45 2.23
C ASP A 90 -7.54 -1.83 1.78
N PHE A 91 -8.32 -2.86 2.08
CA PHE A 91 -7.96 -4.22 1.70
C PHE A 91 -8.11 -4.41 0.20
N ALA A 92 -7.68 -5.56 -0.30
CA ALA A 92 -7.78 -5.86 -1.73
C ALA A 92 -8.93 -6.82 -1.99
N LYS A 93 -10.15 -6.29 -1.95
CA LYS A 93 -11.33 -7.12 -2.19
C LYS A 93 -11.32 -7.68 -3.61
N SER A 94 -10.92 -6.84 -4.56
CA SER A 94 -10.87 -7.26 -5.96
C SER A 94 -9.99 -8.50 -6.11
N ALA A 95 -10.62 -9.67 -6.11
CA ALA A 95 -9.89 -10.92 -6.24
C ALA A 95 -8.98 -10.88 -7.46
N MET A 1 10.85 -24.26 5.21
CA MET A 1 10.59 -25.46 6.06
C MET A 1 9.21 -25.35 6.68
N GLY A 2 8.43 -24.39 6.22
CA GLY A 2 7.08 -24.19 6.74
C GLY A 2 6.64 -22.74 6.56
N HIS A 3 7.36 -22.00 5.71
CA HIS A 3 7.02 -20.61 5.46
C HIS A 3 6.02 -20.49 4.32
N HIS A 4 5.85 -21.58 3.57
CA HIS A 4 4.92 -21.58 2.45
C HIS A 4 3.48 -21.44 2.96
N HIS A 5 2.67 -20.68 2.21
CA HIS A 5 1.28 -20.47 2.59
C HIS A 5 0.38 -20.56 1.37
N HIS A 6 -0.93 -20.55 1.59
CA HIS A 6 -1.89 -20.64 0.51
C HIS A 6 -3.22 -19.99 0.89
N HIS A 7 -3.16 -18.71 1.23
CA HIS A 7 -4.37 -17.97 1.62
C HIS A 7 -4.86 -17.10 0.47
N HIS A 8 -5.95 -16.38 0.71
CA HIS A 8 -6.52 -15.51 -0.31
C HIS A 8 -6.23 -14.04 0.01
N MET A 9 -6.64 -13.60 1.19
CA MET A 9 -6.42 -12.22 1.60
C MET A 9 -4.99 -12.04 2.11
N ASP A 10 -4.21 -11.27 1.37
CA ASP A 10 -2.82 -11.02 1.74
C ASP A 10 -2.24 -9.89 0.89
N THR A 11 -3.03 -8.84 0.68
CA THR A 11 -2.58 -7.71 -0.11
C THR A 11 -3.31 -6.43 0.32
N ILE A 12 -2.61 -5.31 0.27
CA ILE A 12 -3.20 -4.03 0.65
C ILE A 12 -3.26 -3.09 -0.56
N ILE A 13 -4.04 -2.03 -0.42
CA ILE A 13 -4.16 -1.06 -1.52
C ILE A 13 -4.33 0.35 -0.98
N LEU A 14 -3.66 1.31 -1.61
CA LEU A 14 -3.73 2.70 -1.20
C LEU A 14 -4.78 3.43 -2.03
N ARG A 15 -5.56 4.28 -1.36
CA ARG A 15 -6.61 5.04 -2.04
C ARG A 15 -6.45 6.54 -1.77
N ASN A 16 -6.90 7.34 -2.73
CA ASN A 16 -6.81 8.79 -2.62
C ASN A 16 -5.35 9.24 -2.55
N ILE A 17 -4.57 8.86 -3.55
CA ILE A 17 -3.16 9.23 -3.60
C ILE A 17 -2.96 10.44 -4.51
N ALA A 18 -1.93 11.22 -4.22
CA ALA A 18 -1.64 12.41 -5.02
C ALA A 18 -0.76 12.06 -6.21
N PRO A 19 -0.75 12.88 -7.23
CA PRO A 19 0.09 12.65 -8.45
C PRO A 19 1.56 12.94 -8.20
N HIS A 20 1.91 13.25 -6.96
CA HIS A 20 3.29 13.56 -6.61
C HIS A 20 3.93 12.42 -5.80
N THR A 21 3.34 11.25 -5.90
CA THR A 21 3.84 10.09 -5.16
C THR A 21 4.90 9.37 -5.98
N VAL A 22 5.97 8.94 -5.32
CA VAL A 22 7.05 8.22 -5.99
C VAL A 22 7.48 7.00 -5.18
N VAL A 23 7.80 5.93 -5.88
CA VAL A 23 8.22 4.69 -5.22
C VAL A 23 9.24 4.99 -4.12
N ASP A 24 9.90 6.14 -4.24
CA ASP A 24 10.90 6.54 -3.26
C ASP A 24 10.25 6.87 -1.92
N SER A 25 9.13 7.59 -1.97
CA SER A 25 8.42 7.97 -0.76
C SER A 25 7.72 6.77 -0.15
N ILE A 26 6.87 6.12 -0.93
CA ILE A 26 6.14 4.95 -0.46
C ILE A 26 7.07 3.92 0.16
N MET A 27 8.34 3.94 -0.28
CA MET A 27 9.32 2.99 0.23
C MET A 27 9.79 3.42 1.63
N THR A 28 10.38 4.61 1.71
CA THR A 28 10.89 5.12 2.97
C THR A 28 9.73 5.42 3.94
N ALA A 29 8.55 5.68 3.38
CA ALA A 29 7.39 5.99 4.20
C ALA A 29 6.87 4.75 4.93
N LEU A 30 6.96 3.59 4.27
CA LEU A 30 6.48 2.35 4.88
C LEU A 30 7.64 1.54 5.43
N SER A 31 8.84 2.12 5.44
CA SER A 31 10.02 1.43 5.94
C SER A 31 9.86 1.07 7.43
N PRO A 32 9.57 2.02 8.28
CA PRO A 32 9.41 1.75 9.74
C PRO A 32 8.08 1.07 10.05
N TYR A 33 7.23 0.93 9.05
CA TYR A 33 5.94 0.29 9.23
C TYR A 33 6.00 -1.18 8.83
N ALA A 34 6.93 -1.50 7.93
CA ALA A 34 7.08 -2.87 7.45
C ALA A 34 8.08 -2.94 6.32
N SER A 35 8.31 -4.15 5.81
CA SER A 35 9.26 -4.34 4.71
C SER A 35 8.52 -4.74 3.43
N LEU A 36 8.78 -4.00 2.36
CA LEU A 36 8.14 -4.28 1.07
C LEU A 36 9.17 -4.82 0.08
N ALA A 37 8.70 -5.19 -1.11
CA ALA A 37 9.59 -5.73 -2.13
C ALA A 37 9.13 -5.27 -3.52
N VAL A 38 10.05 -4.71 -4.28
CA VAL A 38 9.74 -4.23 -5.63
C VAL A 38 8.98 -5.28 -6.43
N ASN A 39 9.38 -6.54 -6.29
CA ASN A 39 8.75 -7.63 -7.02
C ASN A 39 7.45 -8.08 -6.35
N ASN A 40 7.08 -7.41 -5.27
CA ASN A 40 5.84 -7.74 -4.55
C ASN A 40 4.83 -6.61 -4.62
N ILE A 41 5.19 -5.54 -5.33
CA ILE A 41 4.29 -4.40 -5.47
C ILE A 41 4.22 -3.94 -6.91
N ARG A 42 3.03 -3.54 -7.34
CA ARG A 42 2.81 -3.07 -8.70
C ARG A 42 2.18 -1.68 -8.69
N LEU A 43 3.00 -0.66 -8.86
CA LEU A 43 2.52 0.70 -8.87
C LEU A 43 2.19 1.13 -10.30
N ILE A 44 0.90 1.09 -10.64
CA ILE A 44 0.47 1.47 -11.97
C ILE A 44 0.84 2.92 -12.26
N LYS A 45 1.35 3.17 -13.45
CA LYS A 45 1.75 4.52 -13.84
C LYS A 45 0.85 5.06 -14.94
N ASP A 46 0.65 6.38 -14.96
CA ASP A 46 -0.19 7.01 -15.98
C ASP A 46 0.66 7.81 -16.96
N LYS A 47 0.17 7.95 -18.18
CA LYS A 47 0.89 8.69 -19.20
C LYS A 47 0.50 10.17 -19.19
N GLN A 48 -0.46 10.50 -18.33
CA GLN A 48 -0.92 11.88 -18.22
C GLN A 48 -0.05 12.68 -17.25
N THR A 49 0.05 12.20 -16.02
CA THR A 49 0.85 12.87 -15.01
C THR A 49 2.15 12.11 -14.76
N GLN A 50 2.50 11.23 -15.69
CA GLN A 50 3.72 10.44 -15.57
C GLN A 50 3.89 9.94 -14.14
N GLN A 51 2.77 9.67 -13.48
CA GLN A 51 2.79 9.20 -12.10
C GLN A 51 1.51 8.44 -11.79
N ASN A 52 1.52 7.73 -10.66
CA ASN A 52 0.36 6.95 -10.23
C ASN A 52 -0.95 7.66 -10.58
N ARG A 53 -1.93 6.89 -11.02
CA ARG A 53 -3.24 7.44 -11.38
C ARG A 53 -4.10 7.62 -10.14
N GLY A 54 -3.47 7.82 -8.98
CA GLY A 54 -4.20 7.99 -7.74
C GLY A 54 -4.52 6.65 -7.08
N PHE A 55 -3.73 5.63 -7.41
CA PHE A 55 -3.94 4.30 -6.84
C PHE A 55 -2.66 3.47 -6.91
N ALA A 56 -2.46 2.61 -5.92
CA ALA A 56 -1.27 1.75 -5.87
C ALA A 56 -1.58 0.43 -5.18
N PHE A 57 -0.93 -0.64 -5.62
CA PHE A 57 -1.13 -1.95 -5.04
C PHE A 57 0.14 -2.43 -4.34
N VAL A 58 -0.03 -3.09 -3.19
CA VAL A 58 1.11 -3.58 -2.43
C VAL A 58 0.81 -4.94 -1.80
N GLN A 59 1.78 -5.84 -1.83
CA GLN A 59 1.62 -7.18 -1.26
C GLN A 59 2.63 -7.40 -0.15
N LEU A 60 2.27 -8.25 0.82
CA LEU A 60 3.16 -8.54 1.94
C LEU A 60 3.66 -9.98 1.86
N SER A 61 4.68 -10.30 2.64
CA SER A 61 5.24 -11.65 2.64
C SER A 61 4.19 -12.68 3.02
N SER A 62 3.32 -12.31 3.97
CA SER A 62 2.28 -13.22 4.42
C SER A 62 0.96 -12.47 4.57
N ALA A 63 -0.07 -13.19 5.03
CA ALA A 63 -1.39 -12.59 5.21
C ALA A 63 -1.43 -11.77 6.50
N MET A 64 -0.96 -12.37 7.59
CA MET A 64 -0.96 -11.68 8.87
C MET A 64 -0.25 -10.33 8.77
N ASP A 65 0.83 -10.30 8.00
CA ASP A 65 1.60 -9.07 7.83
C ASP A 65 0.73 -7.98 7.21
N ALA A 66 -0.06 -8.34 6.21
CA ALA A 66 -0.93 -7.37 5.55
C ALA A 66 -1.89 -6.75 6.56
N SER A 67 -2.56 -7.59 7.33
CA SER A 67 -3.51 -7.10 8.33
C SER A 67 -2.78 -6.27 9.39
N GLN A 68 -1.56 -6.67 9.70
CA GLN A 68 -0.77 -5.96 10.70
C GLN A 68 -0.49 -4.53 10.24
N LEU A 69 0.16 -4.39 9.09
CA LEU A 69 0.48 -3.06 8.57
C LEU A 69 -0.77 -2.19 8.52
N LEU A 70 -1.93 -2.82 8.34
CA LEU A 70 -3.18 -2.10 8.28
C LEU A 70 -3.63 -1.68 9.69
N GLN A 71 -3.36 -2.56 10.65
CA GLN A 71 -3.73 -2.27 12.04
C GLN A 71 -2.68 -1.38 12.70
N ILE A 72 -1.44 -1.47 12.21
CA ILE A 72 -0.36 -0.67 12.77
C ILE A 72 -0.48 0.79 12.32
N LEU A 73 -0.85 0.99 11.05
CA LEU A 73 -0.98 2.34 10.52
C LEU A 73 -2.30 2.97 10.97
N GLN A 74 -3.34 2.15 11.11
CA GLN A 74 -4.64 2.65 11.53
C GLN A 74 -4.68 2.81 13.05
N SER A 75 -3.70 2.23 13.73
CA SER A 75 -3.63 2.32 15.18
C SER A 75 -3.24 3.75 15.59
N LEU A 76 -2.54 4.43 14.70
CA LEU A 76 -2.11 5.80 14.97
C LEU A 76 -3.29 6.74 14.87
N HIS A 77 -3.38 7.68 15.81
CA HIS A 77 -4.48 8.64 15.82
C HIS A 77 -4.55 9.41 14.51
N PRO A 78 -3.49 10.06 14.10
CA PRO A 78 -3.47 10.85 12.82
C PRO A 78 -3.32 9.94 11.59
N PRO A 79 -4.32 9.85 10.73
CA PRO A 79 -4.23 8.99 9.51
C PRO A 79 -2.92 9.20 8.75
N LEU A 80 -2.77 8.53 7.62
CA LEU A 80 -1.57 8.67 6.81
C LEU A 80 -1.66 9.92 5.96
N LYS A 81 -0.73 10.86 6.16
CA LYS A 81 -0.73 12.10 5.40
C LYS A 81 0.56 12.25 4.61
N ILE A 82 0.42 12.36 3.29
CA ILE A 82 1.57 12.52 2.41
C ILE A 82 1.40 13.79 1.59
N ASP A 83 2.49 14.56 1.46
CA ASP A 83 2.46 15.82 0.70
C ASP A 83 1.45 15.74 -0.43
N GLY A 84 0.31 16.39 -0.24
CA GLY A 84 -0.74 16.39 -1.25
C GLY A 84 -2.12 16.37 -0.59
N LYS A 85 -2.39 15.32 0.17
CA LYS A 85 -3.68 15.19 0.85
C LYS A 85 -3.69 13.98 1.77
N THR A 86 -4.79 13.79 2.49
CA THR A 86 -4.91 12.66 3.40
C THR A 86 -4.88 11.34 2.64
N ILE A 87 -4.19 10.35 3.22
CA ILE A 87 -4.07 9.04 2.60
C ILE A 87 -4.70 7.96 3.48
N GLY A 88 -5.49 7.09 2.86
CA GLY A 88 -6.15 6.01 3.59
C GLY A 88 -5.62 4.65 3.18
N VAL A 89 -6.06 3.61 3.88
CA VAL A 89 -5.63 2.24 3.58
C VAL A 89 -6.84 1.32 3.52
N ASP A 90 -6.82 0.40 2.56
CA ASP A 90 -7.92 -0.55 2.40
C ASP A 90 -7.41 -1.92 1.99
N PHE A 91 -8.19 -2.96 2.24
CA PHE A 91 -7.80 -4.31 1.88
C PHE A 91 -7.93 -4.53 0.38
N ALA A 92 -7.46 -5.69 -0.09
CA ALA A 92 -7.53 -6.01 -1.51
C ALA A 92 -8.98 -6.10 -1.96
N LYS A 93 -9.44 -5.09 -2.70
CA LYS A 93 -10.81 -5.07 -3.19
C LYS A 93 -10.94 -5.92 -4.44
N SER A 94 -12.09 -6.57 -4.59
CA SER A 94 -12.33 -7.42 -5.76
C SER A 94 -12.66 -6.58 -6.98
N ALA A 95 -11.95 -5.46 -7.13
CA ALA A 95 -12.17 -4.57 -8.26
C ALA A 95 -11.55 -5.15 -9.53
N MET A 1 -10.82 -25.91 4.47
CA MET A 1 -10.50 -27.25 5.05
C MET A 1 -9.76 -28.08 4.00
N GLY A 2 -9.55 -27.50 2.83
CA GLY A 2 -8.84 -28.21 1.76
C GLY A 2 -7.36 -28.36 2.09
N HIS A 3 -6.51 -28.01 1.13
CA HIS A 3 -5.07 -28.11 1.33
C HIS A 3 -4.36 -26.93 0.70
N HIS A 4 -4.68 -26.64 -0.56
CA HIS A 4 -4.05 -25.52 -1.26
C HIS A 4 -4.90 -24.26 -1.10
N HIS A 5 -4.46 -23.37 -0.22
CA HIS A 5 -5.18 -22.12 0.02
C HIS A 5 -4.56 -20.99 -0.78
N HIS A 6 -5.36 -20.38 -1.66
CA HIS A 6 -4.88 -19.29 -2.49
C HIS A 6 -4.94 -17.97 -1.72
N HIS A 7 -5.60 -17.99 -0.56
CA HIS A 7 -5.71 -16.79 0.27
C HIS A 7 -6.31 -15.64 -0.54
N HIS A 8 -7.60 -15.40 -0.34
CA HIS A 8 -8.28 -14.33 -1.07
C HIS A 8 -7.95 -12.97 -0.45
N MET A 9 -6.96 -12.95 0.44
CA MET A 9 -6.56 -11.71 1.09
C MET A 9 -5.10 -11.81 1.55
N ASP A 10 -4.25 -11.01 0.92
CA ASP A 10 -2.83 -11.00 1.26
C ASP A 10 -2.13 -9.81 0.62
N THR A 11 -2.90 -8.77 0.31
CA THR A 11 -2.34 -7.58 -0.31
C THR A 11 -3.20 -6.36 0.02
N ILE A 12 -2.53 -5.26 0.36
CA ILE A 12 -3.24 -4.02 0.70
C ILE A 12 -3.11 -3.00 -0.43
N ILE A 13 -4.02 -2.04 -0.46
CA ILE A 13 -4.00 -1.01 -1.49
C ILE A 13 -4.17 0.37 -0.87
N LEU A 14 -3.49 1.37 -1.43
CA LEU A 14 -3.58 2.73 -0.93
C LEU A 14 -4.53 3.55 -1.79
N ARG A 15 -5.27 4.44 -1.14
CA ARG A 15 -6.24 5.29 -1.83
C ARG A 15 -5.95 6.77 -1.55
N ASN A 16 -6.25 7.61 -2.53
CA ASN A 16 -6.04 9.06 -2.41
C ASN A 16 -4.55 9.39 -2.47
N ILE A 17 -3.93 9.06 -3.59
CA ILE A 17 -2.50 9.32 -3.78
C ILE A 17 -2.31 10.54 -4.66
N ALA A 18 -1.29 11.35 -4.34
CA ALA A 18 -1.00 12.55 -5.12
C ALA A 18 -0.27 12.18 -6.41
N PRO A 19 -0.29 13.03 -7.40
CA PRO A 19 0.39 12.77 -8.70
C PRO A 19 1.91 12.88 -8.59
N HIS A 20 2.41 13.00 -7.36
CA HIS A 20 3.84 13.13 -7.13
C HIS A 20 4.35 11.98 -6.26
N THR A 21 3.64 10.85 -6.31
CA THR A 21 4.02 9.69 -5.53
C THR A 21 5.03 8.83 -6.29
N VAL A 22 6.05 8.35 -5.57
CA VAL A 22 7.07 7.51 -6.18
C VAL A 22 7.38 6.31 -5.28
N VAL A 23 7.95 5.27 -5.88
CA VAL A 23 8.29 4.07 -5.13
C VAL A 23 9.15 4.41 -3.92
N ASP A 24 9.85 5.54 -4.00
CA ASP A 24 10.71 5.99 -2.91
C ASP A 24 9.89 6.62 -1.80
N SER A 25 8.75 7.19 -2.16
CA SER A 25 7.88 7.84 -1.18
C SER A 25 7.14 6.80 -0.35
N ILE A 26 6.86 5.64 -0.96
CA ILE A 26 6.16 4.58 -0.26
C ILE A 26 7.14 3.73 0.55
N MET A 27 8.40 3.73 0.12
CA MET A 27 9.43 2.96 0.81
C MET A 27 9.76 3.57 2.16
N THR A 28 10.15 4.84 2.14
CA THR A 28 10.51 5.54 3.37
C THR A 28 9.29 5.75 4.26
N ALA A 29 8.10 5.76 3.66
CA ALA A 29 6.88 5.95 4.42
C ALA A 29 6.49 4.69 5.18
N LEU A 30 6.72 3.53 4.58
CA LEU A 30 6.38 2.26 5.22
C LEU A 30 7.61 1.59 5.82
N SER A 31 8.74 2.29 5.81
CA SER A 31 9.98 1.74 6.35
C SER A 31 9.85 1.37 7.83
N PRO A 32 9.45 2.31 8.66
CA PRO A 32 9.30 2.06 10.13
C PRO A 32 8.04 1.26 10.45
N TYR A 33 7.23 1.01 9.44
CA TYR A 33 6.00 0.26 9.63
C TYR A 33 6.18 -1.20 9.23
N ALA A 34 7.08 -1.45 8.29
CA ALA A 34 7.35 -2.81 7.84
C ALA A 34 8.38 -2.81 6.71
N SER A 35 8.66 -3.99 6.17
CA SER A 35 9.62 -4.13 5.08
C SER A 35 8.91 -4.61 3.82
N LEU A 36 9.12 -3.89 2.72
CA LEU A 36 8.49 -4.24 1.45
C LEU A 36 9.52 -4.81 0.48
N ALA A 37 9.07 -5.06 -0.74
CA ALA A 37 9.97 -5.61 -1.77
C ALA A 37 9.60 -5.05 -3.14
N VAL A 38 10.61 -4.53 -3.84
CA VAL A 38 10.39 -3.95 -5.16
C VAL A 38 9.58 -4.88 -6.06
N ASN A 39 9.84 -6.18 -5.96
CA ASN A 39 9.14 -7.15 -6.78
C ASN A 39 7.78 -7.53 -6.18
N ASN A 40 7.40 -6.85 -5.10
CA ASN A 40 6.13 -7.13 -4.43
C ASN A 40 5.23 -5.88 -4.45
N ILE A 41 5.73 -4.80 -5.04
CA ILE A 41 4.97 -3.57 -5.12
C ILE A 41 5.05 -2.98 -6.53
N ARG A 42 3.89 -2.69 -7.11
CA ARG A 42 3.85 -2.13 -8.45
C ARG A 42 2.92 -0.93 -8.51
N LEU A 43 3.41 0.18 -9.04
CA LEU A 43 2.59 1.39 -9.15
C LEU A 43 1.85 1.38 -10.48
N ILE A 44 0.60 1.83 -10.47
CA ILE A 44 -0.20 1.87 -11.68
C ILE A 44 -0.25 3.28 -12.25
N LYS A 45 0.52 3.52 -13.32
CA LYS A 45 0.55 4.83 -13.95
C LYS A 45 0.26 4.71 -15.45
N ASP A 46 -0.56 5.63 -15.94
CA ASP A 46 -0.92 5.63 -17.36
C ASP A 46 -0.29 6.83 -18.07
N LYS A 47 -0.26 6.77 -19.40
CA LYS A 47 0.32 7.86 -20.18
C LYS A 47 -0.54 9.11 -20.08
N GLN A 48 -1.54 9.08 -19.19
CA GLN A 48 -2.43 10.21 -19.02
C GLN A 48 -1.76 11.31 -18.20
N THR A 49 -1.33 10.95 -16.99
CA THR A 49 -0.66 11.91 -16.10
C THR A 49 0.80 11.52 -15.90
N GLN A 50 1.25 10.54 -16.68
CA GLN A 50 2.63 10.08 -16.61
C GLN A 50 3.03 9.73 -15.17
N GLN A 51 2.07 9.20 -14.41
CA GLN A 51 2.34 8.82 -13.02
C GLN A 51 1.10 8.18 -12.40
N ASN A 52 1.26 7.68 -11.18
CA ASN A 52 0.16 7.03 -10.47
C ASN A 52 -1.17 7.73 -10.75
N ARG A 53 -2.21 6.93 -10.99
CA ARG A 53 -3.53 7.49 -11.28
C ARG A 53 -4.29 7.74 -9.97
N GLY A 54 -3.56 7.95 -8.89
CA GLY A 54 -4.18 8.22 -7.59
C GLY A 54 -4.27 6.96 -6.72
N PHE A 55 -3.70 5.85 -7.21
CA PHE A 55 -3.73 4.60 -6.45
C PHE A 55 -2.41 3.84 -6.58
N ALA A 56 -2.21 2.85 -5.72
CA ALA A 56 -0.99 2.06 -5.74
C ALA A 56 -1.23 0.68 -5.13
N PHE A 57 -0.53 -0.33 -5.65
CA PHE A 57 -0.68 -1.69 -5.14
C PHE A 57 0.55 -2.08 -4.31
N VAL A 58 0.31 -2.65 -3.14
CA VAL A 58 1.40 -3.07 -2.27
C VAL A 58 1.10 -4.44 -1.65
N GLN A 59 2.01 -5.40 -1.87
CA GLN A 59 1.83 -6.74 -1.33
C GLN A 59 2.86 -7.00 -0.23
N LEU A 60 2.51 -7.86 0.71
CA LEU A 60 3.41 -8.19 1.81
C LEU A 60 3.95 -9.60 1.65
N SER A 61 5.00 -9.92 2.40
CA SER A 61 5.63 -11.24 2.32
C SER A 61 4.63 -12.34 2.73
N SER A 62 3.81 -12.03 3.71
CA SER A 62 2.82 -12.99 4.20
C SER A 62 1.40 -12.48 3.93
N ALA A 63 0.41 -13.31 4.25
CA ALA A 63 -0.98 -12.94 4.03
C ALA A 63 -1.53 -12.16 5.22
N MET A 64 -1.02 -12.47 6.41
CA MET A 64 -1.47 -11.78 7.62
C MET A 64 -0.84 -10.40 7.71
N ASP A 65 0.44 -10.31 7.38
CA ASP A 65 1.14 -9.03 7.42
C ASP A 65 0.30 -7.93 6.80
N ALA A 66 -0.63 -8.32 5.93
CA ALA A 66 -1.49 -7.36 5.26
C ALA A 66 -2.48 -6.75 6.26
N SER A 67 -3.29 -7.60 6.87
CA SER A 67 -4.27 -7.13 7.85
C SER A 67 -3.57 -6.47 9.03
N GLN A 68 -2.39 -6.98 9.37
CA GLN A 68 -1.62 -6.43 10.47
C GLN A 68 -1.19 -5.00 10.18
N LEU A 69 -0.51 -4.81 9.05
CA LEU A 69 -0.05 -3.48 8.67
C LEU A 69 -1.22 -2.50 8.58
N LEU A 70 -2.42 -3.04 8.42
CA LEU A 70 -3.61 -2.20 8.32
C LEU A 70 -4.06 -1.76 9.70
N GLN A 71 -3.92 -2.64 10.68
CA GLN A 71 -4.31 -2.34 12.05
C GLN A 71 -3.21 -1.54 12.75
N ILE A 72 -1.96 -1.77 12.33
CA ILE A 72 -0.83 -1.08 12.94
C ILE A 72 -0.83 0.40 12.54
N LEU A 73 -1.25 0.68 11.30
CA LEU A 73 -1.29 2.05 10.82
C LEU A 73 -2.59 2.73 11.25
N GLN A 74 -3.66 1.96 11.33
CA GLN A 74 -4.96 2.51 11.74
C GLN A 74 -5.01 2.68 13.26
N SER A 75 -4.03 2.09 13.94
CA SER A 75 -3.99 2.18 15.40
C SER A 75 -3.62 3.59 15.82
N LEU A 76 -2.88 4.29 14.96
CA LEU A 76 -2.47 5.65 15.24
C LEU A 76 -3.66 6.60 15.08
N HIS A 77 -3.79 7.55 16.01
CA HIS A 77 -4.90 8.50 15.95
C HIS A 77 -4.88 9.31 14.64
N PRO A 78 -3.79 9.94 14.31
CA PRO A 78 -3.69 10.73 13.05
C PRO A 78 -3.44 9.84 11.82
N PRO A 79 -4.36 9.74 10.89
CA PRO A 79 -4.18 8.89 9.69
C PRO A 79 -2.83 9.12 9.02
N LEU A 80 -2.59 8.43 7.90
CA LEU A 80 -1.32 8.58 7.19
C LEU A 80 -1.35 9.86 6.36
N LYS A 81 -0.39 10.75 6.61
CA LYS A 81 -0.32 12.01 5.88
C LYS A 81 1.00 12.13 5.13
N ILE A 82 0.92 12.18 3.81
CA ILE A 82 2.10 12.31 2.97
C ILE A 82 2.05 13.64 2.22
N ASP A 83 3.18 14.34 2.17
CA ASP A 83 3.27 15.64 1.50
C ASP A 83 2.33 15.68 0.29
N GLY A 84 1.21 16.38 0.46
CA GLY A 84 0.23 16.49 -0.62
C GLY A 84 -1.19 16.49 -0.06
N LYS A 85 -1.54 15.44 0.68
CA LYS A 85 -2.86 15.32 1.26
C LYS A 85 -2.95 14.11 2.18
N THR A 86 -4.11 13.93 2.80
CA THR A 86 -4.32 12.79 3.71
C THR A 86 -4.33 11.48 2.93
N ILE A 87 -3.75 10.44 3.53
CA ILE A 87 -3.69 9.13 2.90
C ILE A 87 -4.43 8.09 3.75
N GLY A 88 -5.24 7.27 3.09
CA GLY A 88 -6.01 6.23 3.78
C GLY A 88 -5.56 4.84 3.34
N VAL A 89 -5.90 3.84 4.15
CA VAL A 89 -5.54 2.46 3.85
C VAL A 89 -6.78 1.62 3.59
N ASP A 90 -6.70 0.70 2.63
CA ASP A 90 -7.84 -0.15 2.30
C ASP A 90 -7.36 -1.57 2.01
N PHE A 91 -8.27 -2.53 2.09
CA PHE A 91 -7.94 -3.93 1.82
C PHE A 91 -7.80 -4.17 0.32
N ALA A 92 -7.35 -5.36 -0.04
CA ALA A 92 -7.19 -5.72 -1.45
C ALA A 92 -8.37 -5.21 -2.26
N LYS A 93 -8.07 -4.65 -3.43
CA LYS A 93 -9.11 -4.12 -4.31
C LYS A 93 -10.05 -3.21 -3.52
N SER A 94 -9.77 -1.92 -3.54
CA SER A 94 -10.60 -0.95 -2.84
C SER A 94 -12.03 -1.00 -3.35
N ALA A 95 -12.80 -1.99 -2.88
CA ALA A 95 -14.18 -2.13 -3.30
C ALA A 95 -14.95 -0.83 -3.09
N MET A 1 1.91 -14.83 19.65
CA MET A 1 3.27 -14.26 19.39
C MET A 1 3.50 -14.21 17.88
N GLY A 2 3.45 -15.37 17.24
CA GLY A 2 3.66 -15.44 15.80
C GLY A 2 3.14 -16.75 15.23
N HIS A 3 1.83 -16.96 15.36
CA HIS A 3 1.21 -18.18 14.86
C HIS A 3 1.24 -18.21 13.33
N HIS A 4 0.47 -19.12 12.75
CA HIS A 4 0.42 -19.25 11.30
C HIS A 4 -1.02 -19.10 10.81
N HIS A 5 -1.66 -20.22 10.51
CA HIS A 5 -3.03 -20.20 10.03
C HIS A 5 -3.20 -19.18 8.91
N HIS A 6 -4.44 -18.96 8.49
CA HIS A 6 -4.72 -17.99 7.43
C HIS A 6 -6.11 -17.39 7.61
N HIS A 7 -6.44 -16.43 6.76
CA HIS A 7 -7.74 -15.78 6.82
C HIS A 7 -8.02 -14.99 5.54
N HIS A 8 -7.72 -15.60 4.40
CA HIS A 8 -7.93 -14.96 3.12
C HIS A 8 -7.25 -13.59 3.07
N MET A 9 -7.31 -12.94 1.91
CA MET A 9 -6.69 -11.63 1.75
C MET A 9 -5.20 -11.70 2.03
N ASP A 10 -4.42 -10.88 1.33
CA ASP A 10 -2.98 -10.86 1.51
C ASP A 10 -2.35 -9.73 0.70
N THR A 11 -3.13 -8.68 0.46
CA THR A 11 -2.65 -7.54 -0.31
C THR A 11 -3.38 -6.27 0.09
N ILE A 12 -2.66 -5.15 0.09
CA ILE A 12 -3.25 -3.87 0.47
C ILE A 12 -3.23 -2.91 -0.73
N ILE A 13 -3.98 -1.83 -0.62
CA ILE A 13 -4.04 -0.84 -1.69
C ILE A 13 -4.28 0.56 -1.12
N LEU A 14 -3.42 1.49 -1.48
CA LEU A 14 -3.54 2.86 -0.99
C LEU A 14 -4.48 3.67 -1.88
N ARG A 15 -5.15 4.66 -1.27
CA ARG A 15 -6.08 5.51 -2.00
C ARG A 15 -5.81 6.97 -1.70
N ASN A 16 -6.11 7.84 -2.69
CA ASN A 16 -5.90 9.27 -2.55
C ASN A 16 -4.42 9.61 -2.54
N ILE A 17 -3.71 9.21 -3.60
CA ILE A 17 -2.29 9.49 -3.71
C ILE A 17 -2.05 10.71 -4.60
N ALA A 18 -1.31 11.69 -4.07
CA ALA A 18 -1.00 12.90 -4.83
C ALA A 18 -0.21 12.53 -6.10
N PRO A 19 -0.68 12.89 -7.28
CA PRO A 19 0.06 12.58 -8.55
C PRO A 19 1.55 12.87 -8.45
N HIS A 20 1.95 13.56 -7.39
CA HIS A 20 3.37 13.92 -7.20
C HIS A 20 4.08 12.91 -6.30
N THR A 21 3.47 11.74 -6.12
CA THR A 21 4.05 10.71 -5.27
C THR A 21 5.01 9.83 -6.08
N VAL A 22 6.00 9.27 -5.39
CA VAL A 22 6.97 8.41 -6.05
C VAL A 22 7.21 7.15 -5.20
N VAL A 23 7.38 6.02 -5.88
CA VAL A 23 7.62 4.75 -5.19
C VAL A 23 8.74 4.91 -4.17
N ASP A 24 9.61 5.88 -4.40
CA ASP A 24 10.73 6.13 -3.49
C ASP A 24 10.22 6.55 -2.11
N SER A 25 9.29 7.49 -2.09
CA SER A 25 8.73 7.98 -0.84
C SER A 25 7.82 6.93 -0.20
N ILE A 26 6.78 6.54 -0.93
CA ILE A 26 5.84 5.54 -0.42
C ILE A 26 6.59 4.37 0.22
N MET A 27 7.82 4.13 -0.25
CA MET A 27 8.62 3.05 0.28
C MET A 27 9.23 3.42 1.63
N THR A 28 10.00 4.50 1.64
CA THR A 28 10.63 4.95 2.87
C THR A 28 9.60 5.27 3.95
N ALA A 29 8.37 5.57 3.51
CA ALA A 29 7.30 5.89 4.44
C ALA A 29 6.81 4.64 5.17
N LEU A 30 6.87 3.50 4.48
CA LEU A 30 6.41 2.24 5.07
C LEU A 30 7.61 1.41 5.54
N SER A 31 8.80 1.99 5.49
CA SER A 31 10.01 1.29 5.90
C SER A 31 9.97 0.92 7.40
N PRO A 32 9.71 1.87 8.27
CA PRO A 32 9.66 1.60 9.73
C PRO A 32 8.36 0.93 10.16
N TYR A 33 7.45 0.76 9.20
CA TYR A 33 6.16 0.13 9.49
C TYR A 33 6.19 -1.35 9.15
N ALA A 34 7.02 -1.73 8.19
CA ALA A 34 7.13 -3.12 7.78
C ALA A 34 8.26 -3.30 6.77
N SER A 35 8.32 -4.48 6.18
CA SER A 35 9.36 -4.78 5.19
C SER A 35 8.74 -4.86 3.80
N LEU A 36 9.20 -3.99 2.90
CA LEU A 36 8.68 -3.97 1.54
C LEU A 36 9.72 -4.53 0.56
N ALA A 37 9.26 -4.86 -0.64
CA ALA A 37 10.17 -5.42 -1.66
C ALA A 37 9.76 -4.94 -3.04
N VAL A 38 10.72 -4.45 -3.81
CA VAL A 38 10.45 -3.96 -5.16
C VAL A 38 9.62 -4.96 -5.96
N ASN A 39 9.93 -6.25 -5.81
CA ASN A 39 9.22 -7.29 -6.55
C ASN A 39 7.90 -7.64 -5.88
N ASN A 40 7.57 -6.95 -4.80
CA ASN A 40 6.32 -7.21 -4.07
C ASN A 40 5.40 -6.00 -4.13
N ILE A 41 5.82 -4.95 -4.83
CA ILE A 41 5.02 -3.74 -4.97
C ILE A 41 4.93 -3.31 -6.42
N ARG A 42 3.73 -2.92 -6.85
CA ARG A 42 3.52 -2.50 -8.23
C ARG A 42 2.76 -1.18 -8.28
N LEU A 43 3.39 -0.15 -8.82
CA LEU A 43 2.77 1.16 -8.94
C LEU A 43 2.13 1.31 -10.31
N ILE A 44 0.80 1.26 -10.35
CA ILE A 44 0.08 1.38 -11.62
C ILE A 44 0.38 2.72 -12.27
N LYS A 45 1.29 2.70 -13.25
CA LYS A 45 1.67 3.92 -13.96
C LYS A 45 1.05 3.94 -15.36
N ASP A 46 0.25 4.98 -15.63
CA ASP A 46 -0.38 5.12 -16.94
C ASP A 46 0.23 6.28 -17.70
N LYS A 47 -0.02 6.33 -19.01
CA LYS A 47 0.50 7.39 -19.85
C LYS A 47 -0.43 8.60 -19.82
N GLN A 48 -1.42 8.56 -18.94
CA GLN A 48 -2.38 9.65 -18.83
C GLN A 48 -1.83 10.76 -17.93
N THR A 49 -1.50 10.41 -16.69
CA THR A 49 -0.96 11.40 -15.76
C THR A 49 0.56 11.24 -15.62
N GLN A 50 1.11 10.31 -16.40
CA GLN A 50 2.56 10.07 -16.37
C GLN A 50 3.02 9.62 -14.98
N GLN A 51 2.07 9.15 -14.18
CA GLN A 51 2.40 8.68 -12.83
C GLN A 51 1.17 8.02 -12.20
N ASN A 52 1.33 7.55 -10.96
CA ASN A 52 0.23 6.91 -10.25
C ASN A 52 -1.08 7.61 -10.53
N ARG A 53 -2.11 6.83 -10.86
CA ARG A 53 -3.43 7.39 -11.15
C ARG A 53 -4.20 7.65 -9.86
N GLY A 54 -3.47 7.88 -8.77
CA GLY A 54 -4.10 8.14 -7.48
C GLY A 54 -4.21 6.87 -6.63
N PHE A 55 -3.64 5.78 -7.12
CA PHE A 55 -3.67 4.51 -6.38
C PHE A 55 -2.30 3.82 -6.43
N ALA A 56 -2.14 2.81 -5.58
CA ALA A 56 -0.88 2.07 -5.51
C ALA A 56 -1.13 0.66 -4.99
N PHE A 57 -0.53 -0.33 -5.66
CA PHE A 57 -0.69 -1.72 -5.24
C PHE A 57 0.52 -2.19 -4.46
N VAL A 58 0.28 -2.89 -3.36
CA VAL A 58 1.37 -3.39 -2.52
C VAL A 58 1.03 -4.78 -1.96
N GLN A 59 2.00 -5.69 -2.03
CA GLN A 59 1.80 -7.04 -1.52
C GLN A 59 2.79 -7.31 -0.39
N LEU A 60 2.37 -8.14 0.57
CA LEU A 60 3.22 -8.48 1.70
C LEU A 60 3.74 -9.90 1.57
N SER A 61 4.76 -10.23 2.37
CA SER A 61 5.35 -11.57 2.31
C SER A 61 4.34 -12.64 2.72
N SER A 62 3.50 -12.30 3.69
CA SER A 62 2.49 -13.24 4.18
C SER A 62 1.09 -12.64 4.05
N ALA A 63 0.09 -13.39 4.51
CA ALA A 63 -1.29 -12.92 4.43
C ALA A 63 -1.63 -12.02 5.61
N MET A 64 -1.29 -12.48 6.82
CA MET A 64 -1.58 -11.71 8.02
C MET A 64 -0.87 -10.36 7.97
N ASP A 65 0.37 -10.35 7.48
CA ASP A 65 1.15 -9.12 7.39
C ASP A 65 0.30 -7.99 6.81
N ALA A 66 -0.50 -8.31 5.80
CA ALA A 66 -1.34 -7.30 5.17
C ALA A 66 -2.26 -6.65 6.20
N SER A 67 -3.04 -7.45 6.90
CA SER A 67 -3.95 -6.94 7.91
C SER A 67 -3.18 -6.22 9.01
N GLN A 68 -2.04 -6.80 9.38
CA GLN A 68 -1.21 -6.21 10.42
C GLN A 68 -0.80 -4.79 10.05
N LEU A 69 -0.19 -4.65 8.87
CA LEU A 69 0.25 -3.33 8.41
C LEU A 69 -0.94 -2.40 8.29
N LEU A 70 -2.13 -2.98 8.09
CA LEU A 70 -3.35 -2.19 7.97
C LEU A 70 -3.85 -1.76 9.35
N GLN A 71 -3.70 -2.66 10.32
CA GLN A 71 -4.14 -2.37 11.68
C GLN A 71 -3.07 -1.56 12.43
N ILE A 72 -1.82 -1.74 12.02
CA ILE A 72 -0.71 -1.03 12.66
C ILE A 72 -0.70 0.43 12.25
N LEU A 73 -0.94 0.70 10.97
CA LEU A 73 -0.94 2.07 10.48
C LEU A 73 -2.24 2.78 10.85
N GLN A 74 -3.33 2.03 10.93
CA GLN A 74 -4.62 2.62 11.29
C GLN A 74 -4.77 2.69 12.81
N SER A 75 -3.86 2.04 13.53
CA SER A 75 -3.90 2.05 14.98
C SER A 75 -3.55 3.43 15.51
N LEU A 76 -2.73 4.15 14.74
CA LEU A 76 -2.32 5.49 15.12
C LEU A 76 -3.52 6.44 15.05
N HIS A 77 -3.65 7.31 16.05
CA HIS A 77 -4.75 8.26 16.08
C HIS A 77 -4.80 9.10 14.80
N PRO A 78 -3.73 9.79 14.47
CA PRO A 78 -3.67 10.63 13.24
C PRO A 78 -3.48 9.78 11.97
N PRO A 79 -4.45 9.75 11.08
CA PRO A 79 -4.33 8.94 9.82
C PRO A 79 -3.00 9.17 9.12
N LEU A 80 -2.81 8.54 7.98
CA LEU A 80 -1.56 8.71 7.22
C LEU A 80 -1.60 10.01 6.44
N LYS A 81 -0.64 10.89 6.72
CA LYS A 81 -0.57 12.18 6.04
C LYS A 81 0.76 12.35 5.32
N ILE A 82 0.69 12.48 4.00
CA ILE A 82 1.88 12.67 3.19
C ILE A 82 1.80 14.01 2.46
N ASP A 83 2.89 14.75 2.46
CA ASP A 83 2.94 16.07 1.81
C ASP A 83 2.00 16.11 0.60
N GLY A 84 0.87 16.76 0.77
CA GLY A 84 -0.12 16.86 -0.31
C GLY A 84 -1.54 16.83 0.23
N LYS A 85 -1.86 15.75 0.95
CA LYS A 85 -3.20 15.60 1.52
C LYS A 85 -3.27 14.37 2.41
N THR A 86 -4.46 14.10 2.94
CA THR A 86 -4.65 12.94 3.81
C THR A 86 -4.60 11.65 3.01
N ILE A 87 -3.95 10.63 3.57
CA ILE A 87 -3.83 9.33 2.92
C ILE A 87 -4.54 8.25 3.73
N GLY A 88 -5.32 7.43 3.04
CA GLY A 88 -6.07 6.35 3.69
C GLY A 88 -5.57 4.98 3.27
N VAL A 89 -6.10 3.94 3.90
CA VAL A 89 -5.71 2.57 3.59
C VAL A 89 -6.94 1.69 3.41
N ASP A 90 -6.90 0.80 2.43
CA ASP A 90 -8.01 -0.10 2.17
C ASP A 90 -7.51 -1.49 1.78
N PHE A 91 -8.36 -2.49 1.95
CA PHE A 91 -7.99 -3.86 1.61
C PHE A 91 -8.05 -4.07 0.10
N ALA A 92 -7.60 -5.23 -0.36
CA ALA A 92 -7.61 -5.54 -1.78
C ALA A 92 -9.04 -5.62 -2.31
N LYS A 93 -9.40 -4.69 -3.19
CA LYS A 93 -10.74 -4.66 -3.75
C LYS A 93 -11.77 -4.48 -2.65
N SER A 94 -12.65 -3.49 -2.82
CA SER A 94 -13.69 -3.22 -1.84
C SER A 94 -15.01 -2.91 -2.53
N ALA A 95 -15.73 -3.94 -2.95
CA ALA A 95 -17.00 -3.75 -3.62
C ALA A 95 -17.96 -2.95 -2.75
N MET A 1 8.45 -18.35 -3.55
CA MET A 1 7.43 -17.27 -3.52
C MET A 1 6.70 -17.22 -4.86
N GLY A 2 5.46 -17.72 -4.88
CA GLY A 2 4.68 -17.73 -6.11
C GLY A 2 3.62 -18.82 -6.08
N HIS A 3 4.07 -20.07 -6.12
CA HIS A 3 3.15 -21.20 -6.09
C HIS A 3 1.98 -20.96 -7.04
N HIS A 4 0.91 -20.38 -6.51
CA HIS A 4 -0.28 -20.10 -7.31
C HIS A 4 -0.87 -18.75 -6.94
N HIS A 5 -1.39 -18.04 -7.94
CA HIS A 5 -2.00 -16.74 -7.69
C HIS A 5 -3.15 -16.85 -6.70
N HIS A 6 -2.82 -16.88 -5.42
CA HIS A 6 -3.83 -16.98 -4.38
C HIS A 6 -4.95 -15.98 -4.62
N HIS A 7 -6.04 -16.12 -3.87
CA HIS A 7 -7.18 -15.22 -4.01
C HIS A 7 -7.74 -14.84 -2.65
N HIS A 8 -6.92 -15.00 -1.61
CA HIS A 8 -7.35 -14.67 -0.25
C HIS A 8 -6.87 -13.29 0.15
N MET A 9 -7.01 -12.96 1.43
CA MET A 9 -6.58 -11.66 1.93
C MET A 9 -5.10 -11.68 2.27
N ASP A 10 -4.31 -10.93 1.51
CA ASP A 10 -2.87 -10.86 1.73
C ASP A 10 -2.26 -9.73 0.91
N THR A 11 -3.04 -8.69 0.67
CA THR A 11 -2.57 -7.55 -0.10
C THR A 11 -3.32 -6.29 0.30
N ILE A 12 -2.59 -5.18 0.40
CA ILE A 12 -3.19 -3.91 0.78
C ILE A 12 -3.29 -2.98 -0.42
N ILE A 13 -4.19 -2.01 -0.35
CA ILE A 13 -4.37 -1.07 -1.46
C ILE A 13 -4.48 0.36 -0.93
N LEU A 14 -3.83 1.29 -1.62
CA LEU A 14 -3.86 2.69 -1.21
C LEU A 14 -4.88 3.46 -2.05
N ARG A 15 -5.71 4.26 -1.36
CA ARG A 15 -6.74 5.04 -2.03
C ARG A 15 -6.55 6.53 -1.77
N ASN A 16 -7.04 7.36 -2.70
CA ASN A 16 -6.93 8.80 -2.57
C ASN A 16 -5.47 9.24 -2.47
N ILE A 17 -4.69 8.86 -3.48
CA ILE A 17 -3.28 9.20 -3.51
C ILE A 17 -3.04 10.41 -4.42
N ALA A 18 -1.98 11.16 -4.13
CA ALA A 18 -1.64 12.33 -4.92
C ALA A 18 -0.81 11.94 -6.14
N PRO A 19 -0.76 12.78 -7.15
CA PRO A 19 0.02 12.51 -8.39
C PRO A 19 1.52 12.69 -8.18
N HIS A 20 1.91 13.06 -6.96
CA HIS A 20 3.32 13.27 -6.65
C HIS A 20 3.88 12.11 -5.82
N THR A 21 3.22 10.97 -5.88
CA THR A 21 3.66 9.80 -5.14
C THR A 21 4.67 8.99 -5.95
N VAL A 22 5.71 8.51 -5.28
CA VAL A 22 6.74 7.71 -5.94
C VAL A 22 7.09 6.50 -5.10
N VAL A 23 7.34 5.38 -5.77
CA VAL A 23 7.69 4.14 -5.06
C VAL A 23 8.87 4.39 -4.12
N ASP A 24 9.65 5.42 -4.40
CA ASP A 24 10.80 5.76 -3.56
C ASP A 24 10.34 6.15 -2.16
N SER A 25 9.33 7.01 -2.09
CA SER A 25 8.81 7.46 -0.80
C SER A 25 8.07 6.33 -0.10
N ILE A 26 7.20 5.65 -0.83
CA ILE A 26 6.43 4.55 -0.27
C ILE A 26 7.36 3.55 0.43
N MET A 27 8.60 3.48 -0.03
CA MET A 27 9.57 2.57 0.56
C MET A 27 10.06 3.10 1.91
N THR A 28 10.61 4.30 1.90
CA THR A 28 11.12 4.91 3.12
C THR A 28 9.98 5.23 4.09
N ALA A 29 8.78 5.39 3.54
CA ALA A 29 7.61 5.71 4.35
C ALA A 29 7.12 4.49 5.14
N LEU A 30 7.29 3.31 4.55
CA LEU A 30 6.86 2.08 5.20
C LEU A 30 8.06 1.31 5.77
N SER A 31 9.23 1.94 5.75
CA SER A 31 10.44 1.31 6.26
C SER A 31 10.32 0.99 7.75
N PRO A 32 9.98 1.95 8.57
CA PRO A 32 9.86 1.73 10.04
C PRO A 32 8.54 1.06 10.42
N TYR A 33 7.69 0.84 9.43
CA TYR A 33 6.41 0.19 9.67
C TYR A 33 6.42 -1.26 9.22
N ALA A 34 7.26 -1.57 8.23
CA ALA A 34 7.36 -2.94 7.73
C ALA A 34 8.38 -3.01 6.59
N SER A 35 8.52 -4.21 6.02
CA SER A 35 9.45 -4.41 4.92
C SER A 35 8.72 -4.88 3.67
N LEU A 36 8.94 -4.18 2.56
CA LEU A 36 8.29 -4.53 1.31
C LEU A 36 9.30 -5.13 0.34
N ALA A 37 8.85 -5.40 -0.89
CA ALA A 37 9.72 -5.99 -1.90
C ALA A 37 9.38 -5.43 -3.28
N VAL A 38 10.41 -4.97 -3.99
CA VAL A 38 10.22 -4.40 -5.32
C VAL A 38 9.35 -5.31 -6.20
N ASN A 39 9.56 -6.61 -6.09
CA ASN A 39 8.80 -7.57 -6.90
C ASN A 39 7.42 -7.86 -6.29
N ASN A 40 7.13 -7.23 -5.15
CA ASN A 40 5.85 -7.44 -4.48
C ASN A 40 4.99 -6.18 -4.52
N ILE A 41 5.51 -5.12 -5.15
CA ILE A 41 4.77 -3.86 -5.24
C ILE A 41 4.60 -3.44 -6.69
N ARG A 42 3.41 -2.96 -7.03
CA ARG A 42 3.12 -2.52 -8.39
C ARG A 42 2.46 -1.14 -8.38
N LEU A 43 3.15 -0.15 -8.92
CA LEU A 43 2.63 1.21 -8.98
C LEU A 43 2.08 1.51 -10.37
N ILE A 44 0.77 1.43 -10.52
CA ILE A 44 0.13 1.68 -11.80
C ILE A 44 0.40 3.12 -12.24
N LYS A 45 1.33 3.29 -13.18
CA LYS A 45 1.66 4.63 -13.66
C LYS A 45 0.80 5.00 -14.86
N ASP A 46 0.49 6.29 -14.98
CA ASP A 46 -0.34 6.77 -16.08
C ASP A 46 0.49 7.59 -17.06
N LYS A 47 0.01 7.69 -18.29
CA LYS A 47 0.71 8.45 -19.32
C LYS A 47 0.23 9.91 -19.33
N GLN A 48 -0.86 10.17 -18.62
CA GLN A 48 -1.42 11.52 -18.56
C GLN A 48 -0.54 12.42 -17.70
N THR A 49 -0.33 12.04 -16.45
CA THR A 49 0.49 12.83 -15.53
C THR A 49 1.82 12.13 -15.29
N GLN A 50 2.16 11.19 -16.16
CA GLN A 50 3.41 10.44 -16.02
C GLN A 50 3.59 9.98 -14.58
N GLN A 51 2.48 9.78 -13.89
CA GLN A 51 2.51 9.34 -12.49
C GLN A 51 1.22 8.63 -12.13
N ASN A 52 1.23 7.94 -10.99
CA ASN A 52 0.06 7.20 -10.52
C ASN A 52 -1.21 8.03 -10.71
N ARG A 53 -2.30 7.35 -11.10
CA ARG A 53 -3.57 8.02 -11.32
C ARG A 53 -4.35 8.10 -10.01
N GLY A 54 -3.63 8.29 -8.91
CA GLY A 54 -4.28 8.38 -7.60
C GLY A 54 -4.56 6.99 -7.02
N PHE A 55 -3.64 6.06 -7.26
CA PHE A 55 -3.82 4.69 -6.76
C PHE A 55 -2.48 3.97 -6.69
N ALA A 56 -2.43 2.92 -5.88
CA ALA A 56 -1.20 2.13 -5.73
C ALA A 56 -1.52 0.72 -5.21
N PHE A 57 -0.67 -0.23 -5.54
CA PHE A 57 -0.86 -1.62 -5.12
C PHE A 57 0.38 -2.12 -4.38
N VAL A 58 0.16 -2.69 -3.20
CA VAL A 58 1.27 -3.21 -2.40
C VAL A 58 0.90 -4.55 -1.78
N GLN A 59 1.85 -5.48 -1.76
CA GLN A 59 1.63 -6.80 -1.19
C GLN A 59 2.69 -7.09 -0.12
N LEU A 60 2.32 -7.92 0.85
CA LEU A 60 3.23 -8.27 1.93
C LEU A 60 3.75 -9.70 1.74
N SER A 61 4.82 -10.04 2.47
CA SER A 61 5.40 -11.37 2.36
C SER A 61 4.41 -12.44 2.84
N SER A 62 3.66 -12.11 3.88
CA SER A 62 2.69 -13.03 4.45
C SER A 62 1.27 -12.46 4.34
N ALA A 63 0.28 -13.25 4.75
CA ALA A 63 -1.10 -12.81 4.69
C ALA A 63 -1.48 -12.02 5.95
N MET A 64 -0.83 -12.34 7.06
CA MET A 64 -1.10 -11.66 8.31
C MET A 64 -0.48 -10.27 8.32
N ASP A 65 0.78 -10.20 7.89
CA ASP A 65 1.48 -8.92 7.85
C ASP A 65 0.62 -7.84 7.20
N ALA A 66 -0.18 -8.26 6.22
CA ALA A 66 -1.06 -7.31 5.52
C ALA A 66 -2.01 -6.65 6.50
N SER A 67 -2.81 -7.46 7.20
CA SER A 67 -3.76 -6.92 8.17
C SER A 67 -3.03 -6.14 9.25
N GLN A 68 -1.87 -6.66 9.67
CA GLN A 68 -1.08 -6.02 10.70
C GLN A 68 -0.65 -4.61 10.25
N LEU A 69 0.02 -4.54 9.12
CA LEU A 69 0.48 -3.26 8.60
C LEU A 69 -0.71 -2.31 8.41
N LEU A 70 -1.88 -2.88 8.15
CA LEU A 70 -3.08 -2.08 7.94
C LEU A 70 -3.59 -1.54 9.28
N GLN A 71 -3.50 -2.35 10.33
CA GLN A 71 -3.95 -1.93 11.64
C GLN A 71 -2.89 -1.10 12.35
N ILE A 72 -1.62 -1.38 12.05
CA ILE A 72 -0.52 -0.66 12.66
C ILE A 72 -0.49 0.79 12.17
N LEU A 73 -0.70 0.98 10.87
CA LEU A 73 -0.70 2.32 10.30
C LEU A 73 -2.00 3.05 10.62
N GLN A 74 -3.10 2.30 10.63
CA GLN A 74 -4.40 2.89 10.93
C GLN A 74 -4.60 3.05 12.44
N SER A 75 -3.66 2.49 13.20
CA SER A 75 -3.72 2.57 14.66
C SER A 75 -3.39 3.98 15.13
N LEU A 76 -2.60 4.69 14.33
CA LEU A 76 -2.23 6.06 14.68
C LEU A 76 -3.46 6.95 14.68
N HIS A 77 -3.58 7.81 15.68
CA HIS A 77 -4.74 8.69 15.78
C HIS A 77 -4.99 9.38 14.45
N PRO A 78 -4.03 10.11 13.92
CA PRO A 78 -4.20 10.81 12.62
C PRO A 78 -4.03 9.83 11.44
N PRO A 79 -4.71 10.05 10.34
CA PRO A 79 -4.60 9.16 9.15
C PRO A 79 -3.26 9.36 8.42
N LEU A 80 -2.92 8.42 7.53
CA LEU A 80 -1.68 8.54 6.79
C LEU A 80 -1.70 9.81 5.95
N LYS A 81 -0.80 10.73 6.26
CA LYS A 81 -0.73 12.00 5.53
C LYS A 81 0.56 12.12 4.75
N ILE A 82 0.44 12.17 3.43
CA ILE A 82 1.59 12.30 2.54
C ILE A 82 1.49 13.61 1.78
N ASP A 83 2.61 14.34 1.68
CA ASP A 83 2.63 15.63 0.99
C ASP A 83 1.65 15.63 -0.18
N GLY A 84 0.51 16.29 0.02
CA GLY A 84 -0.50 16.36 -1.02
C GLY A 84 -1.90 16.34 -0.40
N LYS A 85 -2.18 15.33 0.42
CA LYS A 85 -3.49 15.21 1.06
C LYS A 85 -3.53 13.99 1.97
N THR A 86 -4.68 13.75 2.58
CA THR A 86 -4.85 12.61 3.48
C THR A 86 -4.85 11.30 2.69
N ILE A 87 -4.24 10.27 3.27
CA ILE A 87 -4.16 8.96 2.62
C ILE A 87 -4.77 7.88 3.51
N GLY A 88 -5.55 7.00 2.91
CA GLY A 88 -6.20 5.91 3.64
C GLY A 88 -5.74 4.55 3.14
N VAL A 89 -5.95 3.52 3.97
CA VAL A 89 -5.55 2.16 3.62
C VAL A 89 -6.76 1.23 3.66
N ASP A 90 -6.85 0.35 2.67
CA ASP A 90 -7.96 -0.60 2.61
C ASP A 90 -7.47 -1.97 2.15
N PHE A 91 -8.29 -3.00 2.39
CA PHE A 91 -7.92 -4.35 2.00
C PHE A 91 -8.06 -4.52 0.49
N ALA A 92 -7.62 -5.68 -0.01
CA ALA A 92 -7.70 -5.96 -1.44
C ALA A 92 -8.98 -6.72 -1.77
N LYS A 93 -9.85 -6.10 -2.57
CA LYS A 93 -11.10 -6.73 -2.95
C LYS A 93 -11.01 -7.31 -4.35
N SER A 94 -10.69 -6.46 -5.32
CA SER A 94 -10.57 -6.90 -6.71
C SER A 94 -11.84 -7.63 -7.15
N ALA A 95 -12.84 -6.86 -7.55
CA ALA A 95 -14.10 -7.44 -8.00
C ALA A 95 -14.76 -6.55 -9.05
N MET A 1 -5.26 -30.80 4.73
CA MET A 1 -6.62 -30.81 5.35
C MET A 1 -7.10 -29.37 5.52
N GLY A 2 -7.28 -28.67 4.40
CA GLY A 2 -7.75 -27.29 4.44
C GLY A 2 -6.57 -26.32 4.42
N HIS A 3 -6.30 -25.76 3.25
CA HIS A 3 -5.19 -24.81 3.12
C HIS A 3 -5.57 -23.45 3.73
N HIS A 4 -5.47 -23.35 5.04
CA HIS A 4 -5.80 -22.11 5.73
C HIS A 4 -7.19 -21.63 5.33
N HIS A 5 -7.27 -20.38 4.88
CA HIS A 5 -8.55 -19.80 4.46
C HIS A 5 -8.35 -18.38 3.96
N HIS A 6 -7.53 -17.62 4.66
CA HIS A 6 -7.27 -16.23 4.27
C HIS A 6 -6.26 -16.18 3.13
N HIS A 7 -6.47 -17.02 2.12
CA HIS A 7 -5.58 -17.06 0.98
C HIS A 7 -5.98 -16.02 -0.07
N HIS A 8 -7.27 -15.67 -0.07
CA HIS A 8 -7.77 -14.69 -1.02
C HIS A 8 -7.34 -13.29 -0.64
N MET A 9 -7.26 -13.04 0.66
CA MET A 9 -6.84 -11.72 1.16
C MET A 9 -5.40 -11.76 1.64
N ASP A 10 -4.53 -11.05 0.93
CA ASP A 10 -3.11 -11.01 1.29
C ASP A 10 -2.41 -9.87 0.55
N THR A 11 -3.16 -8.81 0.27
CA THR A 11 -2.60 -7.67 -0.43
C THR A 11 -3.36 -6.40 -0.06
N ILE A 12 -2.61 -5.31 0.15
CA ILE A 12 -3.22 -4.04 0.51
C ILE A 12 -3.16 -3.07 -0.67
N ILE A 13 -4.01 -2.05 -0.63
CA ILE A 13 -4.04 -1.06 -1.70
C ILE A 13 -4.29 0.33 -1.14
N LEU A 14 -3.36 1.25 -1.42
CA LEU A 14 -3.49 2.62 -0.92
C LEU A 14 -4.48 3.40 -1.77
N ARG A 15 -5.20 4.32 -1.12
CA ARG A 15 -6.19 5.13 -1.81
C ARG A 15 -5.92 6.61 -1.57
N ASN A 16 -6.25 7.44 -2.56
CA ASN A 16 -6.06 8.88 -2.46
C ASN A 16 -4.58 9.24 -2.52
N ILE A 17 -3.92 8.87 -3.62
CA ILE A 17 -2.50 9.18 -3.79
C ILE A 17 -2.33 10.42 -4.64
N ALA A 18 -1.42 11.30 -4.24
CA ALA A 18 -1.17 12.53 -4.98
C ALA A 18 -0.44 12.22 -6.29
N PRO A 19 -0.49 13.11 -7.25
CA PRO A 19 0.18 12.92 -8.57
C PRO A 19 1.70 13.05 -8.46
N HIS A 20 2.19 13.30 -7.25
CA HIS A 20 3.62 13.45 -7.02
C HIS A 20 4.14 12.34 -6.11
N THR A 21 3.50 11.18 -6.19
CA THR A 21 3.91 10.05 -5.36
C THR A 21 4.99 9.24 -6.07
N VAL A 22 5.98 8.78 -5.30
CA VAL A 22 7.07 7.99 -5.85
C VAL A 22 7.36 6.79 -4.96
N VAL A 23 7.68 5.66 -5.59
CA VAL A 23 7.98 4.45 -4.84
C VAL A 23 9.04 4.71 -3.78
N ASP A 24 9.81 5.77 -3.98
CA ASP A 24 10.86 6.12 -3.04
C ASP A 24 10.28 6.43 -1.66
N SER A 25 9.43 7.45 -1.60
CA SER A 25 8.81 7.84 -0.34
C SER A 25 7.92 6.72 0.20
N ILE A 26 6.94 6.31 -0.60
CA ILE A 26 6.03 5.25 -0.19
C ILE A 26 6.80 4.09 0.45
N MET A 27 8.02 3.88 0.00
CA MET A 27 8.85 2.80 0.54
C MET A 27 9.44 3.19 1.88
N THR A 28 10.20 4.29 1.90
CA THR A 28 10.82 4.76 3.12
C THR A 28 9.76 5.11 4.17
N ALA A 29 8.56 5.41 3.72
CA ALA A 29 7.47 5.76 4.64
C ALA A 29 6.96 4.54 5.38
N LEU A 30 7.01 3.39 4.72
CA LEU A 30 6.54 2.14 5.33
C LEU A 30 7.72 1.30 5.83
N SER A 31 8.92 1.87 5.78
CA SER A 31 10.12 1.16 6.22
C SER A 31 10.05 0.81 7.71
N PRO A 32 9.80 1.78 8.56
CA PRO A 32 9.73 1.54 10.04
C PRO A 32 8.40 0.91 10.45
N TYR A 33 7.52 0.72 9.50
CA TYR A 33 6.22 0.13 9.78
C TYR A 33 6.22 -1.37 9.45
N ALA A 34 7.07 -1.77 8.52
CA ALA A 34 7.16 -3.17 8.13
C ALA A 34 8.25 -3.37 7.09
N SER A 35 8.30 -4.57 6.52
CA SER A 35 9.29 -4.90 5.51
C SER A 35 8.63 -5.00 4.12
N LEU A 36 9.14 -4.21 3.18
CA LEU A 36 8.59 -4.21 1.83
C LEU A 36 9.60 -4.78 0.84
N ALA A 37 9.16 -5.01 -0.40
CA ALA A 37 10.04 -5.54 -1.43
C ALA A 37 9.69 -4.94 -2.78
N VAL A 38 10.71 -4.41 -3.47
CA VAL A 38 10.49 -3.80 -4.78
C VAL A 38 9.69 -4.71 -5.70
N ASN A 39 9.97 -6.01 -5.63
CA ASN A 39 9.28 -6.97 -6.49
C ASN A 39 7.91 -7.33 -5.93
N ASN A 40 7.53 -6.70 -4.81
CA ASN A 40 6.24 -6.97 -4.19
C ASN A 40 5.34 -5.72 -4.24
N ILE A 41 5.84 -4.66 -4.84
CA ILE A 41 5.09 -3.42 -4.96
C ILE A 41 5.19 -2.85 -6.37
N ARG A 42 4.04 -2.58 -6.98
CA ARG A 42 4.01 -2.03 -8.32
C ARG A 42 3.06 -0.84 -8.41
N LEU A 43 3.54 0.26 -8.97
CA LEU A 43 2.73 1.46 -9.11
C LEU A 43 2.04 1.46 -10.47
N ILE A 44 0.77 1.84 -10.49
CA ILE A 44 0.02 1.89 -11.74
C ILE A 44 0.25 3.21 -12.46
N LYS A 45 1.19 3.20 -13.41
CA LYS A 45 1.50 4.40 -14.17
C LYS A 45 0.84 4.36 -15.55
N ASP A 46 -0.01 5.35 -15.81
CA ASP A 46 -0.71 5.43 -17.09
C ASP A 46 -0.18 6.58 -17.92
N LYS A 47 -0.49 6.59 -19.21
CA LYS A 47 -0.04 7.66 -20.10
C LYS A 47 -1.04 8.82 -20.06
N GLN A 48 -1.99 8.76 -19.14
CA GLN A 48 -2.99 9.80 -19.01
C GLN A 48 -2.41 11.02 -18.30
N THR A 49 -1.91 10.80 -17.08
CA THR A 49 -1.33 11.88 -16.29
C THR A 49 0.18 11.68 -16.15
N GLN A 50 0.72 10.76 -16.93
CA GLN A 50 2.16 10.47 -16.90
C GLN A 50 2.62 10.16 -15.47
N GLN A 51 1.73 9.55 -14.68
CA GLN A 51 2.05 9.18 -13.31
C GLN A 51 0.87 8.49 -12.65
N ASN A 52 1.08 7.98 -11.44
CA ASN A 52 0.03 7.28 -10.71
C ASN A 52 -1.32 7.97 -10.91
N ARG A 53 -2.35 7.19 -11.19
CA ARG A 53 -3.69 7.75 -11.39
C ARG A 53 -4.42 7.89 -10.06
N GLY A 54 -3.66 8.02 -8.98
CA GLY A 54 -4.26 8.17 -7.65
C GLY A 54 -4.45 6.82 -6.96
N PHE A 55 -3.60 5.85 -7.28
CA PHE A 55 -3.70 4.52 -6.69
C PHE A 55 -2.36 3.80 -6.73
N ALA A 56 -2.11 2.97 -5.71
CA ALA A 56 -0.86 2.22 -5.64
C ALA A 56 -1.11 0.83 -5.04
N PHE A 57 -0.45 -0.18 -5.61
CA PHE A 57 -0.62 -1.55 -5.13
C PHE A 57 0.57 -1.97 -4.27
N VAL A 58 0.27 -2.62 -3.16
CA VAL A 58 1.32 -3.08 -2.24
C VAL A 58 0.98 -4.47 -1.70
N GLN A 59 1.97 -5.35 -1.70
CA GLN A 59 1.77 -6.72 -1.19
C GLN A 59 2.72 -7.00 -0.04
N LEU A 60 2.33 -7.91 0.85
CA LEU A 60 3.16 -8.25 1.99
C LEU A 60 3.72 -9.66 1.82
N SER A 61 4.72 -10.00 2.63
CA SER A 61 5.34 -11.31 2.56
C SER A 61 4.34 -12.43 2.83
N SER A 62 3.42 -12.16 3.77
CA SER A 62 2.40 -13.14 4.13
C SER A 62 1.02 -12.51 4.08
N ALA A 63 0.00 -13.29 4.42
CA ALA A 63 -1.37 -12.79 4.40
C ALA A 63 -1.68 -11.98 5.66
N MET A 64 -1.34 -12.53 6.82
CA MET A 64 -1.58 -11.85 8.08
C MET A 64 -0.86 -10.50 8.11
N ASP A 65 0.36 -10.48 7.57
CA ASP A 65 1.14 -9.24 7.55
C ASP A 65 0.33 -8.11 6.92
N ALA A 66 -0.57 -8.46 6.01
CA ALA A 66 -1.40 -7.46 5.35
C ALA A 66 -2.40 -6.86 6.33
N SER A 67 -3.08 -7.72 7.08
CA SER A 67 -4.06 -7.25 8.05
C SER A 67 -3.37 -6.49 9.19
N GLN A 68 -2.15 -6.90 9.50
CA GLN A 68 -1.40 -6.26 10.56
C GLN A 68 -0.98 -4.84 10.15
N LEU A 69 -0.24 -4.75 9.05
CA LEU A 69 0.22 -3.45 8.56
C LEU A 69 -0.95 -2.50 8.40
N LEU A 70 -2.14 -3.06 8.17
CA LEU A 70 -3.34 -2.24 8.01
C LEU A 70 -3.82 -1.73 9.35
N GLN A 71 -3.71 -2.57 10.38
CA GLN A 71 -4.15 -2.20 11.72
C GLN A 71 -3.06 -1.40 12.42
N ILE A 72 -1.81 -1.63 12.05
CA ILE A 72 -0.70 -0.93 12.66
C ILE A 72 -0.66 0.53 12.22
N LEU A 73 -0.93 0.77 10.94
CA LEU A 73 -0.93 2.14 10.42
C LEU A 73 -2.22 2.86 10.79
N GLN A 74 -3.33 2.11 10.80
CA GLN A 74 -4.62 2.69 11.15
C GLN A 74 -4.78 2.77 12.67
N SER A 75 -3.84 2.16 13.38
CA SER A 75 -3.87 2.17 14.84
C SER A 75 -3.47 3.54 15.37
N LEU A 76 -2.71 4.28 14.58
CA LEU A 76 -2.27 5.61 14.98
C LEU A 76 -3.45 6.58 14.92
N HIS A 77 -3.58 7.40 15.96
CA HIS A 77 -4.69 8.36 16.02
C HIS A 77 -4.78 9.15 14.71
N PRO A 78 -3.73 9.83 14.31
CA PRO A 78 -3.73 10.61 13.04
C PRO A 78 -3.60 9.70 11.81
N PRO A 79 -4.31 9.99 10.73
CA PRO A 79 -4.22 9.17 9.50
C PRO A 79 -2.91 9.39 8.75
N LEU A 80 -2.60 8.52 7.80
CA LEU A 80 -1.36 8.66 7.04
C LEU A 80 -1.41 9.95 6.24
N LYS A 81 -0.37 10.79 6.38
CA LYS A 81 -0.32 12.06 5.68
C LYS A 81 1.07 12.32 5.13
N ILE A 82 1.15 12.53 3.83
CA ILE A 82 2.42 12.83 3.17
C ILE A 82 2.23 14.09 2.34
N ASP A 83 3.29 14.88 2.19
CA ASP A 83 3.21 16.12 1.43
C ASP A 83 2.26 15.97 0.25
N GLY A 84 1.05 16.51 0.39
CA GLY A 84 0.06 16.42 -0.67
C GLY A 84 -1.37 16.41 -0.12
N LYS A 85 -1.67 15.45 0.75
CA LYS A 85 -3.01 15.35 1.31
C LYS A 85 -3.12 14.15 2.26
N THR A 86 -4.34 13.90 2.75
CA THR A 86 -4.57 12.78 3.66
C THR A 86 -4.53 11.46 2.91
N ILE A 87 -3.98 10.43 3.54
CA ILE A 87 -3.88 9.12 2.92
C ILE A 87 -4.54 8.04 3.79
N GLY A 88 -5.32 7.17 3.15
CA GLY A 88 -6.01 6.10 3.87
C GLY A 88 -5.53 4.73 3.40
N VAL A 89 -5.90 3.69 4.16
CA VAL A 89 -5.52 2.33 3.83
C VAL A 89 -6.75 1.46 3.65
N ASP A 90 -6.74 0.60 2.64
CA ASP A 90 -7.87 -0.29 2.38
C ASP A 90 -7.40 -1.59 1.75
N PHE A 91 -8.22 -2.64 1.86
CA PHE A 91 -7.88 -3.94 1.29
C PHE A 91 -8.05 -3.92 -0.22
N ALA A 92 -7.56 -4.96 -0.88
CA ALA A 92 -7.67 -5.05 -2.33
C ALA A 92 -8.75 -6.05 -2.73
N LYS A 93 -9.28 -5.90 -3.94
CA LYS A 93 -10.33 -6.77 -4.43
C LYS A 93 -9.80 -8.20 -4.60
N SER A 94 -8.90 -8.36 -5.56
CA SER A 94 -8.31 -9.68 -5.82
C SER A 94 -7.31 -9.60 -6.96
N ALA A 95 -6.04 -9.44 -6.62
CA ALA A 95 -4.98 -9.35 -7.63
C ALA A 95 -4.95 -10.61 -8.48
N MET A 1 7.63 -19.74 -5.82
CA MET A 1 8.07 -19.29 -4.46
C MET A 1 7.75 -17.81 -4.29
N GLY A 2 7.45 -17.41 -3.06
CA GLY A 2 7.13 -16.02 -2.78
C GLY A 2 5.83 -15.60 -3.45
N HIS A 3 4.98 -16.59 -3.74
CA HIS A 3 3.71 -16.32 -4.40
C HIS A 3 2.71 -17.44 -4.11
N HIS A 4 1.89 -17.25 -3.08
CA HIS A 4 0.91 -18.25 -2.72
C HIS A 4 0.01 -18.58 -3.91
N HIS A 5 -0.65 -19.73 -3.85
CA HIS A 5 -1.54 -20.15 -4.93
C HIS A 5 -2.81 -19.31 -4.94
N HIS A 6 -3.48 -19.28 -6.08
CA HIS A 6 -4.71 -18.50 -6.21
C HIS A 6 -4.57 -17.15 -5.51
N HIS A 7 -5.70 -16.49 -5.27
CA HIS A 7 -5.69 -15.20 -4.60
C HIS A 7 -6.86 -15.07 -3.64
N HIS A 8 -6.58 -14.55 -2.45
CA HIS A 8 -7.62 -14.39 -1.44
C HIS A 8 -7.48 -13.03 -0.75
N MET A 9 -6.52 -12.92 0.16
CA MET A 9 -6.30 -11.67 0.87
C MET A 9 -4.86 -11.59 1.38
N ASP A 10 -4.10 -10.66 0.80
CA ASP A 10 -2.70 -10.48 1.19
C ASP A 10 -2.10 -9.30 0.45
N THR A 11 -2.90 -8.26 0.26
CA THR A 11 -2.44 -7.06 -0.44
C THR A 11 -3.21 -5.83 0.02
N ILE A 12 -2.52 -4.71 0.13
CA ILE A 12 -3.16 -3.46 0.55
C ILE A 12 -3.26 -2.50 -0.62
N ILE A 13 -4.39 -1.80 -0.71
CA ILE A 13 -4.60 -0.85 -1.80
C ILE A 13 -4.72 0.57 -1.25
N LEU A 14 -3.73 1.40 -1.56
CA LEU A 14 -3.74 2.79 -1.08
C LEU A 14 -4.69 3.62 -1.93
N ARG A 15 -5.46 4.49 -1.27
CA ARG A 15 -6.41 5.35 -1.96
C ARG A 15 -6.12 6.81 -1.66
N ASN A 16 -6.37 7.67 -2.64
CA ASN A 16 -6.16 9.11 -2.48
C ASN A 16 -4.68 9.46 -2.60
N ILE A 17 -4.04 9.00 -3.67
CA ILE A 17 -2.62 9.29 -3.88
C ILE A 17 -2.45 10.51 -4.78
N ALA A 18 -1.55 11.40 -4.39
CA ALA A 18 -1.30 12.60 -5.17
C ALA A 18 -0.60 12.24 -6.48
N PRO A 19 -0.68 13.09 -7.48
CA PRO A 19 -0.03 12.84 -8.80
C PRO A 19 1.48 13.00 -8.74
N HIS A 20 2.01 13.18 -7.53
CA HIS A 20 3.45 13.34 -7.35
C HIS A 20 3.99 12.30 -6.38
N THR A 21 3.35 11.13 -6.35
CA THR A 21 3.78 10.06 -5.46
C THR A 21 4.85 9.21 -6.12
N VAL A 22 5.79 8.72 -5.32
CA VAL A 22 6.86 7.88 -5.83
C VAL A 22 7.07 6.67 -4.92
N VAL A 23 7.36 5.52 -5.52
CA VAL A 23 7.57 4.29 -4.76
C VAL A 23 8.59 4.53 -3.65
N ASP A 24 9.45 5.53 -3.84
CA ASP A 24 10.48 5.84 -2.85
C ASP A 24 9.86 6.51 -1.63
N SER A 25 8.85 7.33 -1.85
CA SER A 25 8.19 8.03 -0.75
C SER A 25 7.31 7.07 0.06
N ILE A 26 6.72 6.09 -0.61
CA ILE A 26 5.86 5.13 0.06
C ILE A 26 6.69 3.99 0.65
N MET A 27 7.88 3.78 0.08
CA MET A 27 8.77 2.73 0.56
C MET A 27 9.40 3.13 1.89
N THR A 28 10.09 4.26 1.89
CA THR A 28 10.76 4.75 3.10
C THR A 28 9.74 5.09 4.17
N ALA A 29 8.51 5.39 3.75
CA ALA A 29 7.45 5.74 4.69
C ALA A 29 6.96 4.51 5.44
N LEU A 30 6.99 3.36 4.77
CA LEU A 30 6.53 2.11 5.37
C LEU A 30 7.71 1.28 5.86
N SER A 31 8.91 1.86 5.80
CA SER A 31 10.11 1.15 6.22
C SER A 31 10.07 0.80 7.71
N PRO A 32 9.82 1.77 8.57
CA PRO A 32 9.77 1.54 10.04
C PRO A 32 8.45 0.89 10.47
N TYR A 33 7.55 0.70 9.52
CA TYR A 33 6.26 0.08 9.82
C TYR A 33 6.30 -1.41 9.55
N ALA A 34 7.14 -1.82 8.60
CA ALA A 34 7.26 -3.23 8.25
C ALA A 34 8.33 -3.44 7.19
N SER A 35 8.38 -4.64 6.64
CA SER A 35 9.36 -4.97 5.61
C SER A 35 8.67 -5.09 4.25
N LEU A 36 9.15 -4.29 3.28
CA LEU A 36 8.58 -4.31 1.95
C LEU A 36 9.57 -4.88 0.95
N ALA A 37 9.12 -5.10 -0.29
CA ALA A 37 9.98 -5.64 -1.32
C ALA A 37 9.64 -5.03 -2.68
N VAL A 38 10.65 -4.51 -3.36
CA VAL A 38 10.45 -3.88 -4.67
C VAL A 38 9.64 -4.79 -5.59
N ASN A 39 9.90 -6.08 -5.54
CA ASN A 39 9.18 -7.04 -6.39
C ASN A 39 7.81 -7.38 -5.82
N ASN A 40 7.45 -6.75 -4.70
CA ASN A 40 6.16 -7.02 -4.07
C ASN A 40 5.27 -5.76 -4.11
N ILE A 41 5.78 -4.69 -4.72
CA ILE A 41 5.02 -3.46 -4.83
C ILE A 41 5.11 -2.90 -6.24
N ARG A 42 3.95 -2.59 -6.83
CA ARG A 42 3.92 -2.06 -8.18
C ARG A 42 2.99 -0.84 -8.25
N LEU A 43 3.43 0.19 -8.96
CA LEU A 43 2.63 1.40 -9.10
C LEU A 43 1.95 1.40 -10.47
N ILE A 44 0.69 1.82 -10.49
CA ILE A 44 -0.06 1.87 -11.74
C ILE A 44 0.13 3.21 -12.43
N LYS A 45 1.07 3.25 -13.38
CA LYS A 45 1.34 4.49 -14.10
C LYS A 45 0.51 4.56 -15.38
N ASP A 46 0.02 5.75 -15.70
CA ASP A 46 -0.80 5.96 -16.89
C ASP A 46 -0.04 6.77 -17.93
N LYS A 47 -0.52 6.73 -19.17
CA LYS A 47 0.12 7.47 -20.25
C LYS A 47 -0.48 8.88 -20.37
N GLN A 48 -1.36 9.21 -19.43
CA GLN A 48 -2.00 10.53 -19.45
C GLN A 48 -1.19 11.54 -18.64
N THR A 49 -0.96 11.23 -17.37
CA THR A 49 -0.20 12.12 -16.50
C THR A 49 1.17 11.49 -16.19
N GLN A 50 1.54 10.50 -16.97
CA GLN A 50 2.81 9.82 -16.78
C GLN A 50 3.09 9.62 -15.30
N GLN A 51 2.03 9.39 -14.52
CA GLN A 51 2.18 9.19 -13.08
C GLN A 51 0.98 8.44 -12.52
N ASN A 52 1.15 7.92 -11.31
CA ASN A 52 0.08 7.17 -10.64
C ASN A 52 -1.29 7.81 -10.90
N ARG A 53 -2.29 6.97 -11.11
CA ARG A 53 -3.65 7.45 -11.37
C ARG A 53 -4.44 7.60 -10.07
N GLY A 54 -3.75 7.97 -9.00
CA GLY A 54 -4.40 8.14 -7.71
C GLY A 54 -4.57 6.81 -7.00
N PHE A 55 -3.72 5.83 -7.33
CA PHE A 55 -3.81 4.51 -6.71
C PHE A 55 -2.47 3.79 -6.75
N ALA A 56 -2.20 2.99 -5.72
CA ALA A 56 -0.94 2.24 -5.64
C ALA A 56 -1.18 0.86 -5.04
N PHE A 57 -0.67 -0.17 -5.70
CA PHE A 57 -0.83 -1.53 -5.23
C PHE A 57 0.41 -1.98 -4.44
N VAL A 58 0.19 -2.64 -3.31
CA VAL A 58 1.30 -3.11 -2.49
C VAL A 58 1.00 -4.48 -1.88
N GLN A 59 1.93 -5.42 -2.07
CA GLN A 59 1.75 -6.77 -1.54
C GLN A 59 2.80 -7.05 -0.46
N LEU A 60 2.45 -7.91 0.49
CA LEU A 60 3.36 -8.25 1.57
C LEU A 60 3.85 -9.69 1.43
N SER A 61 4.88 -10.05 2.18
CA SER A 61 5.44 -11.39 2.11
C SER A 61 4.39 -12.44 2.47
N SER A 62 3.52 -12.11 3.42
CA SER A 62 2.47 -13.03 3.85
C SER A 62 1.12 -12.33 3.87
N ALA A 63 0.09 -13.05 4.28
CA ALA A 63 -1.25 -12.48 4.35
C ALA A 63 -1.45 -11.70 5.64
N MET A 64 -1.10 -12.33 6.76
CA MET A 64 -1.24 -11.68 8.06
C MET A 64 -0.53 -10.32 8.06
N ASP A 65 0.64 -10.28 7.43
CA ASP A 65 1.42 -9.04 7.37
C ASP A 65 0.57 -7.91 6.80
N ALA A 66 -0.38 -8.25 5.94
CA ALA A 66 -1.25 -7.24 5.34
C ALA A 66 -2.23 -6.70 6.38
N SER A 67 -2.94 -7.60 7.04
CA SER A 67 -3.91 -7.20 8.05
C SER A 67 -3.21 -6.47 9.20
N GLN A 68 -1.99 -6.90 9.51
CA GLN A 68 -1.23 -6.29 10.58
C GLN A 68 -0.86 -4.85 10.21
N LEU A 69 -0.14 -4.69 9.11
CA LEU A 69 0.26 -3.36 8.67
C LEU A 69 -0.94 -2.43 8.60
N LEU A 70 -2.10 -3.01 8.33
CA LEU A 70 -3.33 -2.22 8.24
C LEU A 70 -3.80 -1.81 9.63
N GLN A 71 -3.63 -2.70 10.60
CA GLN A 71 -4.05 -2.42 11.97
C GLN A 71 -2.98 -1.61 12.69
N ILE A 72 -1.73 -1.79 12.29
CA ILE A 72 -0.63 -1.07 12.91
C ILE A 72 -0.61 0.39 12.46
N LEU A 73 -0.94 0.62 11.20
CA LEU A 73 -0.95 1.97 10.66
C LEU A 73 -2.23 2.70 11.06
N GLN A 74 -3.32 1.95 11.19
CA GLN A 74 -4.60 2.54 11.57
C GLN A 74 -4.68 2.70 13.09
N SER A 75 -3.76 2.07 13.80
CA SER A 75 -3.74 2.16 15.26
C SER A 75 -3.34 3.56 15.70
N LEU A 76 -2.58 4.24 14.85
CA LEU A 76 -2.13 5.60 15.16
C LEU A 76 -3.29 6.57 15.03
N HIS A 77 -3.41 7.49 15.98
CA HIS A 77 -4.48 8.47 15.95
C HIS A 77 -4.51 9.24 14.63
N PRO A 78 -3.42 9.88 14.25
CA PRO A 78 -3.36 10.65 12.98
C PRO A 78 -3.23 9.74 11.76
N PRO A 79 -4.22 9.68 10.88
CA PRO A 79 -4.15 8.82 9.67
C PRO A 79 -2.83 8.99 8.91
N LEU A 80 -2.72 8.31 7.77
CA LEU A 80 -1.50 8.41 6.98
C LEU A 80 -1.47 9.74 6.23
N LYS A 81 -0.42 10.52 6.46
CA LYS A 81 -0.27 11.83 5.83
C LYS A 81 0.98 11.88 4.97
N ILE A 82 0.80 12.16 3.68
CA ILE A 82 1.91 12.28 2.75
C ILE A 82 1.85 13.63 2.06
N ASP A 83 2.97 14.33 2.02
CA ASP A 83 3.02 15.65 1.39
C ASP A 83 2.08 15.72 0.20
N GLY A 84 0.94 16.38 0.39
CA GLY A 84 -0.04 16.51 -0.67
C GLY A 84 -1.47 16.49 -0.14
N LYS A 85 -1.75 15.55 0.77
CA LYS A 85 -3.09 15.43 1.34
C LYS A 85 -3.19 14.22 2.26
N THR A 86 -4.39 13.96 2.78
CA THR A 86 -4.60 12.83 3.68
C THR A 86 -4.62 11.53 2.89
N ILE A 87 -4.03 10.48 3.47
CA ILE A 87 -3.97 9.17 2.82
C ILE A 87 -4.66 8.11 3.67
N GLY A 88 -5.45 7.25 3.01
CA GLY A 88 -6.16 6.18 3.70
C GLY A 88 -5.64 4.81 3.28
N VAL A 89 -6.11 3.77 3.96
CA VAL A 89 -5.72 2.40 3.66
C VAL A 89 -6.94 1.52 3.46
N ASP A 90 -6.86 0.60 2.49
CA ASP A 90 -7.97 -0.30 2.21
C ASP A 90 -7.46 -1.69 1.86
N PHE A 91 -8.31 -2.69 2.04
CA PHE A 91 -7.94 -4.07 1.74
C PHE A 91 -7.97 -4.32 0.24
N ALA A 92 -7.51 -5.49 -0.17
CA ALA A 92 -7.50 -5.83 -1.59
C ALA A 92 -8.90 -5.76 -2.18
N LYS A 93 -9.02 -6.06 -3.46
CA LYS A 93 -10.32 -6.01 -4.14
C LYS A 93 -10.93 -4.62 -4.02
N SER A 94 -10.31 -3.65 -4.70
CA SER A 94 -10.80 -2.28 -4.68
C SER A 94 -11.45 -1.91 -6.01
N ALA A 95 -12.49 -2.66 -6.38
CA ALA A 95 -13.19 -2.41 -7.63
C ALA A 95 -12.21 -2.39 -8.80
N MET A 1 4.10 -20.84 3.62
CA MET A 1 5.37 -21.51 3.21
C MET A 1 6.36 -20.46 2.71
N GLY A 2 6.22 -20.09 1.44
CA GLY A 2 7.11 -19.10 0.84
C GLY A 2 6.50 -18.53 -0.43
N HIS A 3 6.00 -19.42 -1.29
CA HIS A 3 5.40 -18.99 -2.54
C HIS A 3 4.35 -20.00 -3.01
N HIS A 4 3.09 -19.59 -2.97
CA HIS A 4 2.00 -20.47 -3.39
C HIS A 4 0.68 -19.70 -3.47
N HIS A 5 -0.31 -20.30 -4.08
CA HIS A 5 -1.62 -19.66 -4.21
C HIS A 5 -2.18 -19.29 -2.84
N HIS A 6 -3.00 -18.24 -2.81
CA HIS A 6 -3.59 -17.79 -1.56
C HIS A 6 -4.98 -17.23 -1.80
N HIS A 7 -5.99 -17.90 -1.26
CA HIS A 7 -7.37 -17.45 -1.42
C HIS A 7 -7.73 -16.40 -0.38
N HIS A 8 -6.95 -16.35 0.70
CA HIS A 8 -7.18 -15.38 1.76
C HIS A 8 -6.50 -14.06 1.46
N MET A 9 -6.93 -13.01 2.13
CA MET A 9 -6.34 -11.68 1.92
C MET A 9 -4.85 -11.71 2.21
N ASP A 10 -4.09 -10.92 1.46
CA ASP A 10 -2.64 -10.87 1.63
C ASP A 10 -2.04 -9.70 0.86
N THR A 11 -2.86 -8.68 0.59
CA THR A 11 -2.41 -7.51 -0.14
C THR A 11 -3.22 -6.29 0.24
N ILE A 12 -2.54 -5.17 0.49
CA ILE A 12 -3.20 -3.94 0.87
C ILE A 12 -3.17 -2.95 -0.28
N ILE A 13 -4.26 -2.19 -0.44
CA ILE A 13 -4.35 -1.19 -1.51
C ILE A 13 -4.47 0.22 -0.92
N LEU A 14 -3.85 1.18 -1.60
CA LEU A 14 -3.88 2.56 -1.15
C LEU A 14 -4.91 3.36 -1.94
N ARG A 15 -5.47 4.39 -1.31
CA ARG A 15 -6.46 5.23 -1.98
C ARG A 15 -6.16 6.71 -1.75
N ASN A 16 -6.53 7.54 -2.72
CA ASN A 16 -6.30 8.97 -2.64
C ASN A 16 -4.81 9.29 -2.68
N ILE A 17 -4.14 8.89 -3.76
CA ILE A 17 -2.71 9.14 -3.91
C ILE A 17 -2.47 10.31 -4.86
N ALA A 18 -1.81 11.34 -4.36
CA ALA A 18 -1.52 12.51 -5.17
C ALA A 18 -0.60 12.13 -6.34
N PRO A 19 -0.56 12.94 -7.37
CA PRO A 19 0.29 12.67 -8.57
C PRO A 19 1.77 12.90 -8.29
N HIS A 20 2.09 13.24 -7.05
CA HIS A 20 3.48 13.50 -6.66
C HIS A 20 4.02 12.37 -5.79
N THR A 21 3.32 11.25 -5.78
CA THR A 21 3.74 10.10 -4.99
C THR A 21 4.69 9.22 -5.79
N VAL A 22 5.74 8.73 -5.12
CA VAL A 22 6.73 7.88 -5.78
C VAL A 22 7.06 6.67 -4.90
N VAL A 23 7.44 5.57 -5.54
CA VAL A 23 7.79 4.35 -4.82
C VAL A 23 8.93 4.62 -3.85
N ASP A 24 9.73 5.64 -4.15
CA ASP A 24 10.86 5.99 -3.30
C ASP A 24 10.38 6.44 -1.92
N SER A 25 9.36 7.28 -1.89
CA SER A 25 8.81 7.78 -0.64
C SER A 25 8.04 6.67 0.08
N ILE A 26 7.25 5.91 -0.68
CA ILE A 26 6.48 4.82 -0.10
C ILE A 26 7.39 3.79 0.56
N MET A 27 8.64 3.75 0.11
CA MET A 27 9.61 2.81 0.67
C MET A 27 10.08 3.27 2.03
N THR A 28 10.63 4.47 2.10
CA THR A 28 11.12 5.01 3.36
C THR A 28 9.96 5.33 4.30
N ALA A 29 8.78 5.56 3.73
CA ALA A 29 7.60 5.88 4.54
C ALA A 29 7.07 4.64 5.26
N LEU A 30 7.19 3.49 4.61
CA LEU A 30 6.71 2.24 5.20
C LEU A 30 7.86 1.43 5.79
N SER A 31 9.06 2.03 5.81
CA SER A 31 10.23 1.34 6.34
C SER A 31 10.06 0.97 7.82
N PRO A 32 9.74 1.93 8.67
CA PRO A 32 9.56 1.66 10.11
C PRO A 32 8.23 0.98 10.43
N TYR A 33 7.41 0.81 9.39
CA TYR A 33 6.11 0.18 9.55
C TYR A 33 6.16 -1.28 9.11
N ALA A 34 7.08 -1.59 8.20
CA ALA A 34 7.21 -2.95 7.71
C ALA A 34 8.22 -3.02 6.57
N SER A 35 8.43 -4.22 6.04
CA SER A 35 9.37 -4.41 4.94
C SER A 35 8.62 -4.81 3.66
N LEU A 36 8.90 -4.10 2.58
CA LEU A 36 8.26 -4.38 1.30
C LEU A 36 9.27 -4.94 0.31
N ALA A 37 8.83 -5.18 -0.92
CA ALA A 37 9.71 -5.71 -1.95
C ALA A 37 9.37 -5.11 -3.31
N VAL A 38 10.38 -4.61 -4.01
CA VAL A 38 10.19 -4.00 -5.32
C VAL A 38 9.34 -4.90 -6.23
N ASN A 39 9.57 -6.19 -6.17
CA ASN A 39 8.84 -7.14 -7.00
C ASN A 39 7.47 -7.49 -6.41
N ASN A 40 7.15 -6.87 -5.27
CA ASN A 40 5.87 -7.14 -4.61
C ASN A 40 5.00 -5.89 -4.58
N ILE A 41 5.49 -4.79 -5.17
CA ILE A 41 4.74 -3.55 -5.21
C ILE A 41 4.64 -3.02 -6.63
N ARG A 42 3.44 -2.59 -7.01
CA ARG A 42 3.22 -2.06 -8.36
C ARG A 42 2.45 -0.74 -8.30
N LEU A 43 2.89 0.22 -9.10
CA LEU A 43 2.24 1.53 -9.15
C LEU A 43 1.48 1.69 -10.45
N ILE A 44 0.15 1.71 -10.35
CA ILE A 44 -0.69 1.87 -11.54
C ILE A 44 -0.63 3.30 -12.06
N LYS A 45 0.22 3.51 -13.07
CA LYS A 45 0.36 4.85 -13.66
C LYS A 45 0.16 4.79 -15.17
N ASP A 46 -0.47 5.81 -15.71
CA ASP A 46 -0.73 5.88 -17.14
C ASP A 46 0.15 6.94 -17.79
N LYS A 47 0.26 6.89 -19.12
CA LYS A 47 1.09 7.84 -19.85
C LYS A 47 0.55 9.26 -19.68
N GLN A 48 -0.50 9.40 -18.88
CA GLN A 48 -1.10 10.71 -18.65
C GLN A 48 -0.16 11.60 -17.84
N THR A 49 0.22 11.12 -16.65
CA THR A 49 1.11 11.86 -15.78
C THR A 49 2.29 10.99 -15.36
N GLN A 50 2.52 9.92 -16.12
CA GLN A 50 3.61 9.00 -15.82
C GLN A 50 3.71 8.77 -14.32
N GLN A 51 2.58 8.78 -13.65
CA GLN A 51 2.54 8.56 -12.21
C GLN A 51 1.20 7.95 -11.77
N ASN A 52 1.16 7.46 -10.54
CA ASN A 52 -0.04 6.86 -9.98
C ASN A 52 -1.30 7.57 -10.48
N ARG A 53 -2.35 6.80 -10.77
CA ARG A 53 -3.59 7.37 -11.23
C ARG A 53 -4.58 7.48 -10.06
N GLY A 54 -4.09 7.98 -8.94
CA GLY A 54 -4.91 8.13 -7.75
C GLY A 54 -5.07 6.81 -7.01
N PHE A 55 -4.24 5.83 -7.37
CA PHE A 55 -4.30 4.51 -6.72
C PHE A 55 -2.96 3.81 -6.77
N ALA A 56 -2.75 2.88 -5.84
CA ALA A 56 -1.50 2.13 -5.78
C ALA A 56 -1.75 0.71 -5.27
N PHE A 57 -0.83 -0.19 -5.57
CA PHE A 57 -0.96 -1.58 -5.14
C PHE A 57 0.30 -2.02 -4.38
N VAL A 58 0.11 -2.60 -3.20
CA VAL A 58 1.23 -3.05 -2.39
C VAL A 58 0.92 -4.41 -1.76
N GLN A 59 1.84 -5.37 -1.93
CA GLN A 59 1.65 -6.71 -1.37
C GLN A 59 2.74 -7.00 -0.35
N LEU A 60 2.43 -7.87 0.62
CA LEU A 60 3.39 -8.22 1.67
C LEU A 60 3.89 -9.64 1.44
N SER A 61 4.97 -10.00 2.13
CA SER A 61 5.55 -11.33 1.99
C SER A 61 4.61 -12.41 2.53
N SER A 62 3.90 -12.07 3.60
CA SER A 62 2.96 -13.01 4.23
C SER A 62 1.53 -12.51 4.09
N ALA A 63 0.58 -13.35 4.51
CA ALA A 63 -0.83 -12.99 4.43
C ALA A 63 -1.26 -12.19 5.66
N MET A 64 -0.64 -12.50 6.80
CA MET A 64 -0.96 -11.82 8.04
C MET A 64 -0.29 -10.45 8.10
N ASP A 65 0.80 -10.30 7.34
CA ASP A 65 1.52 -9.03 7.32
C ASP A 65 0.68 -7.93 6.68
N ALA A 66 -0.40 -8.33 6.02
CA ALA A 66 -1.29 -7.36 5.37
C ALA A 66 -2.15 -6.66 6.41
N SER A 67 -2.95 -7.43 7.13
CA SER A 67 -3.83 -6.85 8.16
C SER A 67 -2.99 -6.12 9.20
N GLN A 68 -1.83 -6.67 9.50
CA GLN A 68 -0.94 -6.07 10.49
C GLN A 68 -0.58 -4.64 10.10
N LEU A 69 -0.01 -4.49 8.90
CA LEU A 69 0.37 -3.17 8.40
C LEU A 69 -0.84 -2.27 8.28
N LEU A 70 -2.01 -2.88 8.10
CA LEU A 70 -3.26 -2.13 7.96
C LEU A 70 -3.76 -1.69 9.33
N GLN A 71 -3.63 -2.58 10.32
CA GLN A 71 -4.07 -2.27 11.67
C GLN A 71 -3.02 -1.47 12.42
N ILE A 72 -1.76 -1.64 12.02
CA ILE A 72 -0.66 -0.94 12.66
C ILE A 72 -0.64 0.53 12.25
N LEU A 73 -0.87 0.79 10.96
CA LEU A 73 -0.88 2.15 10.45
C LEU A 73 -2.18 2.87 10.81
N GLN A 74 -3.28 2.11 10.86
CA GLN A 74 -4.56 2.70 11.20
C GLN A 74 -4.73 2.79 12.72
N SER A 75 -3.83 2.14 13.44
CA SER A 75 -3.88 2.16 14.89
C SER A 75 -3.54 3.55 15.41
N LEU A 76 -2.71 4.27 14.65
CA LEU A 76 -2.31 5.61 15.03
C LEU A 76 -3.50 6.55 14.94
N HIS A 77 -3.62 7.47 15.91
CA HIS A 77 -4.72 8.41 15.92
C HIS A 77 -4.76 9.23 14.62
N PRO A 78 -3.71 9.92 14.28
CA PRO A 78 -3.66 10.74 13.03
C PRO A 78 -3.47 9.86 11.78
N PRO A 79 -4.45 9.79 10.89
CA PRO A 79 -4.33 8.97 9.65
C PRO A 79 -3.01 9.21 8.93
N LEU A 80 -2.83 8.55 7.78
CA LEU A 80 -1.61 8.71 7.01
C LEU A 80 -1.66 10.00 6.18
N LYS A 81 -0.66 10.86 6.36
CA LYS A 81 -0.62 12.12 5.63
C LYS A 81 0.69 12.25 4.85
N ILE A 82 0.58 12.40 3.54
CA ILE A 82 1.74 12.54 2.68
C ILE A 82 1.64 13.87 1.93
N ASP A 83 2.75 14.61 1.89
CA ASP A 83 2.79 15.91 1.22
C ASP A 83 1.84 15.94 0.02
N GLY A 84 0.69 16.59 0.19
CA GLY A 84 -0.30 16.68 -0.86
C GLY A 84 -1.71 16.66 -0.29
N LYS A 85 -2.03 15.60 0.45
CA LYS A 85 -3.35 15.46 1.05
C LYS A 85 -3.40 14.25 1.98
N THR A 86 -4.56 14.04 2.61
CA THR A 86 -4.72 12.92 3.52
C THR A 86 -4.70 11.59 2.77
N ILE A 87 -4.07 10.59 3.37
CA ILE A 87 -3.97 9.27 2.75
C ILE A 87 -4.67 8.22 3.62
N GLY A 88 -5.41 7.32 2.97
CA GLY A 88 -6.14 6.28 3.68
C GLY A 88 -5.66 4.89 3.25
N VAL A 89 -6.12 3.86 3.97
CA VAL A 89 -5.74 2.49 3.65
C VAL A 89 -6.98 1.60 3.58
N ASP A 90 -6.99 0.68 2.62
CA ASP A 90 -8.11 -0.22 2.44
C ASP A 90 -7.63 -1.62 2.04
N PHE A 91 -8.46 -2.62 2.27
CA PHE A 91 -8.10 -3.99 1.92
C PHE A 91 -8.24 -4.21 0.42
N ALA A 92 -7.63 -5.28 -0.08
CA ALA A 92 -7.70 -5.61 -1.50
C ALA A 92 -8.52 -6.86 -1.72
N LYS A 93 -9.72 -6.69 -2.29
CA LYS A 93 -10.59 -7.83 -2.55
C LYS A 93 -10.52 -8.23 -4.03
N SER A 94 -11.39 -9.16 -4.41
CA SER A 94 -11.41 -9.63 -5.80
C SER A 94 -10.05 -10.17 -6.20
N ALA A 95 -9.33 -10.74 -5.24
CA ALA A 95 -8.01 -11.30 -5.51
C ALA A 95 -7.14 -10.28 -6.24
N MET A 1 4.69 -29.88 11.87
CA MET A 1 3.91 -31.04 11.37
C MET A 1 2.95 -30.58 10.28
N GLY A 2 3.35 -29.57 9.52
CA GLY A 2 2.53 -29.04 8.45
C GLY A 2 1.70 -27.86 8.93
N HIS A 3 1.91 -26.71 8.31
CA HIS A 3 1.18 -25.49 8.69
C HIS A 3 0.89 -24.64 7.47
N HIS A 4 1.25 -23.36 7.55
CA HIS A 4 1.04 -22.44 6.44
C HIS A 4 -0.42 -22.44 6.03
N HIS A 5 -1.13 -21.36 6.35
CA HIS A 5 -2.55 -21.25 6.00
C HIS A 5 -2.71 -20.82 4.54
N HIS A 6 -3.92 -20.96 4.03
CA HIS A 6 -4.20 -20.58 2.65
C HIS A 6 -3.99 -19.08 2.45
N HIS A 7 -4.18 -18.63 1.21
CA HIS A 7 -4.00 -17.22 0.89
C HIS A 7 -5.10 -16.38 1.56
N HIS A 8 -6.19 -16.15 0.83
CA HIS A 8 -7.30 -15.38 1.36
C HIS A 8 -6.80 -14.03 1.88
N MET A 9 -6.91 -13.01 1.04
CA MET A 9 -6.47 -11.67 1.43
C MET A 9 -5.02 -11.68 1.86
N ASP A 10 -4.16 -11.06 1.05
CA ASP A 10 -2.73 -11.01 1.36
C ASP A 10 -2.08 -9.84 0.63
N THR A 11 -2.87 -8.81 0.35
CA THR A 11 -2.36 -7.64 -0.34
C THR A 11 -3.17 -6.40 0.04
N ILE A 12 -2.51 -5.25 0.12
CA ILE A 12 -3.19 -4.01 0.48
C ILE A 12 -3.18 -3.04 -0.71
N ILE A 13 -3.98 -1.98 -0.58
CA ILE A 13 -4.05 -0.98 -1.64
C ILE A 13 -4.26 0.41 -1.04
N LEU A 14 -3.53 1.38 -1.58
CA LEU A 14 -3.64 2.75 -1.09
C LEU A 14 -4.59 3.57 -1.95
N ARG A 15 -5.29 4.51 -1.31
CA ARG A 15 -6.24 5.36 -2.02
C ARG A 15 -5.95 6.83 -1.73
N ASN A 16 -6.23 7.67 -2.72
CA ASN A 16 -6.01 9.11 -2.58
C ASN A 16 -4.52 9.45 -2.61
N ILE A 17 -3.84 9.00 -3.67
CA ILE A 17 -2.41 9.27 -3.82
C ILE A 17 -2.19 10.50 -4.69
N ALA A 18 -1.22 11.33 -4.32
CA ALA A 18 -0.92 12.54 -5.08
C ALA A 18 -0.16 12.21 -6.35
N PRO A 19 -0.13 13.13 -7.29
CA PRO A 19 0.59 12.94 -8.60
C PRO A 19 2.11 13.00 -8.43
N HIS A 20 2.56 13.19 -7.19
CA HIS A 20 4.00 13.28 -6.92
C HIS A 20 4.46 12.14 -6.03
N THR A 21 3.78 11.00 -6.15
CA THR A 21 4.14 9.82 -5.35
C THR A 21 5.21 9.00 -6.04
N VAL A 22 6.17 8.51 -5.25
CA VAL A 22 7.25 7.70 -5.80
C VAL A 22 7.49 6.48 -4.92
N VAL A 23 8.12 5.46 -5.50
CA VAL A 23 8.42 4.24 -4.76
C VAL A 23 9.37 4.52 -3.60
N ASP A 24 10.12 5.62 -3.72
CA ASP A 24 11.07 5.99 -2.68
C ASP A 24 10.34 6.43 -1.42
N SER A 25 9.32 7.26 -1.58
CA SER A 25 8.55 7.74 -0.44
C SER A 25 7.80 6.59 0.23
N ILE A 26 7.03 5.84 -0.57
CA ILE A 26 6.27 4.72 -0.04
C ILE A 26 7.19 3.73 0.68
N MET A 27 8.46 3.73 0.31
CA MET A 27 9.43 2.83 0.92
C MET A 27 9.85 3.33 2.30
N THR A 28 10.38 4.55 2.35
CA THR A 28 10.82 5.14 3.60
C THR A 28 9.63 5.42 4.53
N ALA A 29 8.45 5.57 3.93
CA ALA A 29 7.25 5.86 4.72
C ALA A 29 6.76 4.61 5.46
N LEU A 30 6.93 3.45 4.84
CA LEU A 30 6.50 2.19 5.44
C LEU A 30 7.68 1.43 6.03
N SER A 31 8.84 2.06 6.05
CA SER A 31 10.05 1.43 6.59
C SER A 31 9.89 1.07 8.07
N PRO A 32 9.53 2.02 8.90
CA PRO A 32 9.35 1.77 10.35
C PRO A 32 8.04 1.05 10.67
N TYR A 33 7.22 0.86 9.65
CA TYR A 33 5.95 0.19 9.82
C TYR A 33 6.01 -1.26 9.35
N ALA A 34 6.92 -1.54 8.42
CA ALA A 34 7.07 -2.90 7.90
C ALA A 34 8.11 -2.93 6.78
N SER A 35 8.32 -4.11 6.23
CA SER A 35 9.29 -4.28 5.14
C SER A 35 8.57 -4.71 3.86
N LEU A 36 8.86 -4.01 2.77
CA LEU A 36 8.24 -4.33 1.48
C LEU A 36 9.29 -4.89 0.52
N ALA A 37 8.86 -5.13 -0.72
CA ALA A 37 9.77 -5.65 -1.73
C ALA A 37 9.43 -5.07 -3.10
N VAL A 38 10.45 -4.54 -3.78
CA VAL A 38 10.25 -3.94 -5.10
C VAL A 38 9.46 -4.87 -6.02
N ASN A 39 9.75 -6.17 -5.94
CA ASN A 39 9.07 -7.14 -6.80
C ASN A 39 7.71 -7.52 -6.23
N ASN A 40 7.31 -6.86 -5.14
CA ASN A 40 6.02 -7.15 -4.51
C ASN A 40 5.12 -5.92 -4.55
N ILE A 41 5.60 -4.83 -5.14
CA ILE A 41 4.82 -3.61 -5.23
C ILE A 41 4.93 -3.01 -6.62
N ARG A 42 3.78 -2.69 -7.21
CA ARG A 42 3.76 -2.11 -8.55
C ARG A 42 2.84 -0.90 -8.60
N LEU A 43 3.35 0.21 -9.13
CA LEU A 43 2.56 1.43 -9.24
C LEU A 43 1.85 1.48 -10.58
N ILE A 44 0.58 1.88 -10.55
CA ILE A 44 -0.21 1.96 -11.78
C ILE A 44 0.07 3.28 -12.49
N LYS A 45 0.98 3.25 -13.46
CA LYS A 45 1.33 4.46 -14.22
C LYS A 45 0.71 4.42 -15.61
N ASP A 46 -0.14 5.41 -15.90
CA ASP A 46 -0.78 5.49 -17.21
C ASP A 46 -0.22 6.67 -18.00
N LYS A 47 -0.35 6.59 -19.33
CA LYS A 47 0.15 7.66 -20.19
C LYS A 47 -0.83 8.83 -20.21
N GLN A 48 -1.84 8.77 -19.34
CA GLN A 48 -2.84 9.83 -19.27
C GLN A 48 -2.33 10.99 -18.42
N THR A 49 -1.98 10.70 -17.18
CA THR A 49 -1.47 11.72 -16.28
C THR A 49 0.05 11.62 -16.15
N GLN A 50 0.63 10.69 -16.91
CA GLN A 50 2.08 10.49 -16.90
C GLN A 50 2.57 10.13 -15.50
N GLN A 51 1.66 9.66 -14.67
CA GLN A 51 2.02 9.26 -13.31
C GLN A 51 0.84 8.58 -12.63
N ASN A 52 1.08 8.02 -11.44
CA ASN A 52 0.02 7.33 -10.70
C ASN A 52 -1.31 8.06 -10.86
N ARG A 53 -2.37 7.31 -11.20
CA ARG A 53 -3.68 7.89 -11.37
C ARG A 53 -4.40 8.04 -10.03
N GLY A 54 -3.62 8.17 -8.95
CA GLY A 54 -4.20 8.30 -7.62
C GLY A 54 -4.47 6.94 -6.99
N PHE A 55 -3.63 5.96 -7.32
CA PHE A 55 -3.79 4.62 -6.76
C PHE A 55 -2.48 3.84 -6.85
N ALA A 56 -2.26 2.96 -5.88
CA ALA A 56 -1.03 2.14 -5.84
C ALA A 56 -1.32 0.79 -5.21
N PHE A 57 -0.62 -0.24 -5.69
CA PHE A 57 -0.80 -1.59 -5.16
C PHE A 57 0.42 -2.00 -4.34
N VAL A 58 0.17 -2.68 -3.21
CA VAL A 58 1.26 -3.12 -2.34
C VAL A 58 0.95 -4.48 -1.75
N GLN A 59 1.90 -5.41 -1.88
CA GLN A 59 1.72 -6.76 -1.33
C GLN A 59 2.78 -7.03 -0.26
N LEU A 60 2.44 -7.90 0.69
CA LEU A 60 3.37 -8.23 1.77
C LEU A 60 3.88 -9.66 1.59
N SER A 61 4.94 -10.00 2.31
CA SER A 61 5.54 -11.33 2.21
C SER A 61 4.56 -12.40 2.71
N SER A 62 3.79 -12.06 3.73
CA SER A 62 2.83 -13.00 4.30
C SER A 62 1.41 -12.46 4.15
N ALA A 63 0.43 -13.30 4.50
CA ALA A 63 -0.97 -12.91 4.39
C ALA A 63 -1.41 -12.17 5.66
N MET A 64 -0.82 -12.54 6.80
CA MET A 64 -1.18 -11.92 8.07
C MET A 64 -0.51 -10.56 8.20
N ASP A 65 0.58 -10.36 7.45
CA ASP A 65 1.31 -9.09 7.50
C ASP A 65 0.44 -7.96 6.94
N ALA A 66 -0.46 -8.31 6.04
CA ALA A 66 -1.34 -7.31 5.43
C ALA A 66 -2.26 -6.69 6.47
N SER A 67 -3.05 -7.53 7.13
CA SER A 67 -3.97 -7.05 8.15
C SER A 67 -3.20 -6.33 9.26
N GLN A 68 -2.03 -6.85 9.59
CA GLN A 68 -1.21 -6.26 10.63
C GLN A 68 -0.83 -4.83 10.28
N LEU A 69 -0.18 -4.67 9.12
CA LEU A 69 0.23 -3.34 8.67
C LEU A 69 -0.97 -2.41 8.57
N LEU A 70 -2.13 -3.00 8.30
CA LEU A 70 -3.36 -2.21 8.19
C LEU A 70 -3.86 -1.82 9.57
N GLN A 71 -3.68 -2.71 10.54
CA GLN A 71 -4.13 -2.45 11.89
C GLN A 71 -3.08 -1.63 12.65
N ILE A 72 -1.83 -1.78 12.25
CA ILE A 72 -0.74 -1.05 12.90
C ILE A 72 -0.73 0.42 12.47
N LEU A 73 -1.03 0.66 11.19
CA LEU A 73 -1.06 2.02 10.67
C LEU A 73 -2.37 2.71 11.03
N GLN A 74 -3.45 1.94 11.11
CA GLN A 74 -4.76 2.50 11.46
C GLN A 74 -4.89 2.65 12.97
N SER A 75 -3.99 2.01 13.72
CA SER A 75 -4.04 2.08 15.17
C SER A 75 -3.67 3.48 15.65
N LEU A 76 -2.89 4.19 14.83
CA LEU A 76 -2.48 5.54 15.17
C LEU A 76 -3.67 6.50 15.01
N HIS A 77 -3.80 7.45 15.94
CA HIS A 77 -4.91 8.40 15.89
C HIS A 77 -4.86 9.23 14.60
N PRO A 78 -3.75 9.87 14.28
CA PRO A 78 -3.63 10.68 13.04
C PRO A 78 -3.43 9.80 11.80
N PRO A 79 -4.38 9.75 10.87
CA PRO A 79 -4.24 8.91 9.65
C PRO A 79 -2.90 9.11 8.96
N LEU A 80 -2.72 8.47 7.82
CA LEU A 80 -1.48 8.60 7.07
C LEU A 80 -1.50 9.89 6.26
N LYS A 81 -0.52 10.76 6.52
CA LYS A 81 -0.43 12.03 5.82
C LYS A 81 0.90 12.16 5.09
N ILE A 82 0.83 12.25 3.77
CA ILE A 82 2.02 12.38 2.93
C ILE A 82 1.97 13.72 2.20
N ASP A 83 3.11 14.41 2.18
CA ASP A 83 3.19 15.72 1.52
C ASP A 83 2.27 15.78 0.31
N GLY A 84 1.15 16.47 0.46
CA GLY A 84 0.18 16.59 -0.62
C GLY A 84 -1.24 16.59 -0.09
N LYS A 85 -1.60 15.54 0.64
CA LYS A 85 -2.95 15.44 1.21
C LYS A 85 -3.04 14.22 2.13
N THR A 86 -4.23 14.00 2.68
CA THR A 86 -4.46 12.87 3.58
C THR A 86 -4.45 11.56 2.80
N ILE A 87 -3.86 10.53 3.40
CA ILE A 87 -3.79 9.21 2.76
C ILE A 87 -4.50 8.16 3.61
N GLY A 88 -5.29 7.32 2.94
CA GLY A 88 -6.05 6.27 3.64
C GLY A 88 -5.56 4.88 3.22
N VAL A 89 -6.07 3.86 3.91
CA VAL A 89 -5.69 2.48 3.61
C VAL A 89 -6.93 1.62 3.42
N ASP A 90 -6.87 0.71 2.44
CA ASP A 90 -7.99 -0.17 2.15
C ASP A 90 -7.50 -1.56 1.78
N PHE A 91 -8.32 -2.57 2.06
CA PHE A 91 -7.95 -3.96 1.75
C PHE A 91 -8.00 -4.19 0.25
N ALA A 92 -7.54 -5.36 -0.18
CA ALA A 92 -7.53 -5.70 -1.60
C ALA A 92 -8.84 -5.28 -2.25
N LYS A 93 -8.76 -4.33 -3.19
CA LYS A 93 -9.96 -3.86 -3.88
C LYS A 93 -9.62 -3.47 -5.32
N SER A 94 -10.65 -3.32 -6.14
CA SER A 94 -10.45 -2.96 -7.53
C SER A 94 -11.55 -2.02 -8.01
N ALA A 95 -12.11 -1.25 -7.08
CA ALA A 95 -13.18 -0.32 -7.42
C ALA A 95 -14.40 -1.07 -7.93
N MET A 1 -17.17 -20.38 0.06
CA MET A 1 -17.70 -19.60 1.22
C MET A 1 -16.66 -19.60 2.34
N GLY A 2 -15.96 -20.72 2.50
CA GLY A 2 -14.94 -20.83 3.52
C GLY A 2 -14.69 -22.29 3.88
N HIS A 3 -13.72 -22.51 4.78
CA HIS A 3 -13.39 -23.87 5.21
C HIS A 3 -12.68 -24.62 4.08
N HIS A 4 -12.11 -23.86 3.15
CA HIS A 4 -11.40 -24.47 2.02
C HIS A 4 -10.68 -23.40 1.20
N HIS A 5 -10.00 -22.50 1.89
CA HIS A 5 -9.27 -21.43 1.22
C HIS A 5 -7.78 -21.76 1.14
N HIS A 6 -7.01 -20.85 0.57
CA HIS A 6 -5.57 -21.05 0.44
C HIS A 6 -4.84 -19.70 0.44
N HIS A 7 -5.38 -18.74 -0.30
CA HIS A 7 -4.77 -17.42 -0.38
C HIS A 7 -5.68 -16.45 -1.14
N HIS A 8 -6.76 -16.03 -0.48
CA HIS A 8 -7.71 -15.12 -1.09
C HIS A 8 -7.41 -13.68 -0.66
N MET A 9 -6.65 -13.54 0.42
CA MET A 9 -6.30 -12.21 0.93
C MET A 9 -4.88 -12.20 1.47
N ASP A 10 -4.01 -11.42 0.83
CA ASP A 10 -2.62 -11.33 1.25
C ASP A 10 -1.96 -10.12 0.62
N THR A 11 -2.75 -9.10 0.31
CA THR A 11 -2.21 -7.88 -0.30
C THR A 11 -3.10 -6.68 0.05
N ILE A 12 -2.47 -5.56 0.36
CA ILE A 12 -3.19 -4.35 0.71
C ILE A 12 -3.09 -3.33 -0.42
N ILE A 13 -4.01 -2.38 -0.45
CA ILE A 13 -4.00 -1.35 -1.47
C ILE A 13 -4.30 0.02 -0.88
N LEU A 14 -3.61 1.04 -1.37
CA LEU A 14 -3.81 2.39 -0.88
C LEU A 14 -4.77 3.15 -1.79
N ARG A 15 -5.46 4.14 -1.23
CA ARG A 15 -6.42 4.92 -1.98
C ARG A 15 -6.12 6.40 -1.84
N ASN A 16 -6.39 7.15 -2.91
CA ASN A 16 -6.16 8.60 -2.90
C ASN A 16 -4.69 8.90 -2.67
N ILE A 17 -3.85 8.58 -3.65
CA ILE A 17 -2.41 8.83 -3.55
C ILE A 17 -2.05 10.12 -4.27
N ALA A 18 -1.06 10.84 -3.74
CA ALA A 18 -0.63 12.09 -4.35
C ALA A 18 0.03 11.85 -5.71
N PRO A 19 0.13 12.86 -6.53
CA PRO A 19 0.76 12.75 -7.89
C PRO A 19 2.28 12.67 -7.82
N HIS A 20 2.82 12.92 -6.63
CA HIS A 20 4.28 12.89 -6.44
C HIS A 20 4.69 11.62 -5.71
N THR A 21 3.87 10.59 -5.80
CA THR A 21 4.16 9.32 -5.14
C THR A 21 5.02 8.42 -6.02
N VAL A 22 6.09 7.89 -5.45
CA VAL A 22 6.98 7.00 -6.19
C VAL A 22 7.33 5.78 -5.35
N VAL A 23 8.19 4.92 -5.90
CA VAL A 23 8.60 3.72 -5.18
C VAL A 23 9.57 4.06 -4.07
N ASP A 24 10.27 5.18 -4.22
CA ASP A 24 11.25 5.61 -3.22
C ASP A 24 10.54 6.01 -1.93
N SER A 25 9.62 6.96 -2.03
CA SER A 25 8.88 7.42 -0.87
C SER A 25 8.15 6.27 -0.18
N ILE A 26 7.45 5.47 -0.97
CA ILE A 26 6.71 4.33 -0.44
C ILE A 26 7.60 3.47 0.46
N MET A 27 8.86 3.32 0.06
CA MET A 27 9.81 2.52 0.83
C MET A 27 10.17 3.22 2.14
N THR A 28 10.69 4.45 2.02
CA THR A 28 11.08 5.21 3.20
C THR A 28 9.89 5.50 4.11
N ALA A 29 8.69 5.48 3.52
CA ALA A 29 7.48 5.76 4.30
C ALA A 29 7.01 4.52 5.08
N LEU A 30 7.22 3.35 4.51
CA LEU A 30 6.80 2.11 5.15
C LEU A 30 7.98 1.36 5.78
N SER A 31 9.14 2.02 5.80
CA SER A 31 10.34 1.40 6.37
C SER A 31 10.15 1.06 7.85
N PRO A 32 9.76 2.01 8.67
CA PRO A 32 9.57 1.78 10.13
C PRO A 32 8.26 1.06 10.43
N TYR A 33 7.46 0.85 9.40
CA TYR A 33 6.17 0.18 9.57
C TYR A 33 6.25 -1.29 9.19
N ALA A 34 7.18 -1.63 8.29
CA ALA A 34 7.34 -3.01 7.85
C ALA A 34 8.35 -3.10 6.72
N SER A 35 8.57 -4.32 6.23
CA SER A 35 9.52 -4.54 5.15
C SER A 35 8.78 -4.99 3.89
N LEU A 36 9.08 -4.35 2.77
CA LEU A 36 8.45 -4.68 1.50
C LEU A 36 9.47 -5.27 0.53
N ALA A 37 9.04 -5.53 -0.70
CA ALA A 37 9.91 -6.10 -1.71
C ALA A 37 9.60 -5.50 -3.08
N VAL A 38 10.63 -5.02 -3.76
CA VAL A 38 10.46 -4.41 -5.07
C VAL A 38 9.62 -5.30 -5.99
N ASN A 39 9.85 -6.61 -5.91
CA ASN A 39 9.12 -7.56 -6.76
C ASN A 39 7.74 -7.88 -6.18
N ASN A 40 7.38 -7.21 -5.08
CA ASN A 40 6.08 -7.45 -4.44
C ASN A 40 5.24 -6.17 -4.44
N ILE A 41 5.76 -5.10 -5.03
CA ILE A 41 5.04 -3.84 -5.07
C ILE A 41 5.08 -3.24 -6.48
N ARG A 42 3.92 -2.85 -6.98
CA ARG A 42 3.81 -2.27 -8.32
C ARG A 42 2.97 -1.00 -8.28
N LEU A 43 3.59 0.14 -8.58
CA LEU A 43 2.88 1.40 -8.57
C LEU A 43 2.32 1.70 -9.96
N ILE A 44 1.00 1.66 -10.08
CA ILE A 44 0.35 1.93 -11.35
C ILE A 44 0.65 3.35 -11.82
N LYS A 45 0.80 3.51 -13.13
CA LYS A 45 1.08 4.83 -13.70
C LYS A 45 -0.02 5.23 -14.69
N ASP A 46 -0.24 6.53 -14.81
CA ASP A 46 -1.27 7.04 -15.72
C ASP A 46 -0.64 7.72 -16.93
N LYS A 47 -1.36 7.71 -18.04
CA LYS A 47 -0.87 8.32 -19.27
C LYS A 47 -1.32 9.79 -19.35
N GLN A 48 -2.19 10.18 -18.42
CA GLN A 48 -2.70 11.55 -18.41
C GLN A 48 -1.75 12.46 -17.63
N THR A 49 -1.51 12.11 -16.37
CA THR A 49 -0.63 12.91 -15.53
C THR A 49 0.76 12.26 -15.46
N GLN A 50 1.03 11.38 -16.41
CA GLN A 50 2.32 10.68 -16.45
C GLN A 50 2.74 10.28 -15.04
N GLN A 51 1.75 10.02 -14.20
CA GLN A 51 2.01 9.63 -12.82
C GLN A 51 0.81 8.87 -12.25
N ASN A 52 1.04 8.19 -11.14
CA ASN A 52 -0.02 7.42 -10.48
C ASN A 52 -1.36 8.13 -10.58
N ARG A 53 -2.43 7.36 -10.78
CA ARG A 53 -3.77 7.92 -10.86
C ARG A 53 -4.47 7.91 -9.51
N GLY A 54 -3.69 8.08 -8.44
CA GLY A 54 -4.25 8.08 -7.10
C GLY A 54 -4.50 6.66 -6.61
N PHE A 55 -3.53 5.77 -6.82
CA PHE A 55 -3.67 4.37 -6.40
C PHE A 55 -2.31 3.68 -6.36
N ALA A 56 -2.14 2.75 -5.42
CA ALA A 56 -0.89 2.03 -5.28
C ALA A 56 -1.12 0.64 -4.71
N PHE A 57 -0.42 -0.35 -5.27
CA PHE A 57 -0.57 -1.74 -4.81
C PHE A 57 0.67 -2.18 -4.03
N VAL A 58 0.43 -2.79 -2.88
CA VAL A 58 1.54 -3.27 -2.04
C VAL A 58 1.22 -4.63 -1.45
N GLN A 59 2.09 -5.60 -1.69
CA GLN A 59 1.90 -6.95 -1.17
C GLN A 59 2.93 -7.25 -0.09
N LEU A 60 2.58 -8.13 0.85
CA LEU A 60 3.48 -8.49 1.94
C LEU A 60 3.96 -9.93 1.76
N SER A 61 5.01 -10.28 2.49
CA SER A 61 5.57 -11.64 2.40
C SER A 61 4.59 -12.68 2.90
N SER A 62 3.82 -12.33 3.92
CA SER A 62 2.84 -13.24 4.49
C SER A 62 1.42 -12.78 4.20
N ALA A 63 0.45 -13.66 4.41
CA ALA A 63 -0.95 -13.33 4.17
C ALA A 63 -1.56 -12.66 5.39
N MET A 64 -0.96 -12.90 6.56
CA MET A 64 -1.46 -12.32 7.80
C MET A 64 -0.75 -11.01 8.12
N ASP A 65 0.19 -10.62 7.26
CA ASP A 65 0.93 -9.38 7.46
C ASP A 65 0.19 -8.22 6.81
N ALA A 66 -0.86 -8.54 6.07
CA ALA A 66 -1.64 -7.51 5.39
C ALA A 66 -2.53 -6.77 6.39
N SER A 67 -3.36 -7.52 7.10
CA SER A 67 -4.25 -6.92 8.09
C SER A 67 -3.46 -6.22 9.18
N GLN A 68 -2.29 -6.77 9.50
CA GLN A 68 -1.44 -6.19 10.52
C GLN A 68 -0.98 -4.80 10.12
N LEU A 69 -0.33 -4.70 8.97
CA LEU A 69 0.15 -3.41 8.48
C LEU A 69 -1.01 -2.44 8.32
N LEU A 70 -2.21 -2.99 8.08
CA LEU A 70 -3.39 -2.15 7.90
C LEU A 70 -3.87 -1.63 9.25
N GLN A 71 -3.77 -2.46 10.28
CA GLN A 71 -4.20 -2.07 11.61
C GLN A 71 -3.12 -1.26 12.31
N ILE A 72 -1.86 -1.58 12.02
CA ILE A 72 -0.74 -0.87 12.62
C ILE A 72 -0.72 0.58 12.16
N LEU A 73 -1.00 0.79 10.87
CA LEU A 73 -1.00 2.14 10.32
C LEU A 73 -2.28 2.87 10.70
N GLN A 74 -3.38 2.13 10.77
CA GLN A 74 -4.67 2.74 11.12
C GLN A 74 -4.76 2.96 12.62
N SER A 75 -3.79 2.43 13.36
CA SER A 75 -3.77 2.59 14.81
C SER A 75 -3.51 4.04 15.17
N LEU A 76 -2.77 4.72 14.30
CA LEU A 76 -2.46 6.13 14.54
C LEU A 76 -3.74 6.97 14.43
N HIS A 77 -3.92 7.89 15.37
CA HIS A 77 -5.11 8.73 15.36
C HIS A 77 -5.15 9.60 14.10
N PRO A 78 -4.10 10.33 13.80
CA PRO A 78 -4.05 11.18 12.58
C PRO A 78 -3.62 10.38 11.34
N PRO A 79 -4.49 10.19 10.37
CA PRO A 79 -4.13 9.41 9.14
C PRO A 79 -2.80 9.86 8.55
N LEU A 80 -2.41 9.26 7.43
CA LEU A 80 -1.15 9.63 6.80
C LEU A 80 -1.36 10.79 5.84
N LYS A 81 -0.72 11.91 6.13
CA LYS A 81 -0.85 13.10 5.28
C LYS A 81 0.43 13.36 4.51
N ILE A 82 0.41 13.05 3.23
CA ILE A 82 1.55 13.25 2.37
C ILE A 82 1.33 14.47 1.48
N ASP A 83 2.37 15.31 1.34
CA ASP A 83 2.26 16.52 0.53
C ASP A 83 1.28 16.36 -0.61
N GLY A 84 0.10 16.94 -0.46
CA GLY A 84 -0.93 16.85 -1.48
C GLY A 84 -2.32 16.69 -0.86
N LYS A 85 -2.51 15.59 -0.11
CA LYS A 85 -3.79 15.33 0.54
C LYS A 85 -3.67 14.19 1.55
N THR A 86 -4.77 13.89 2.21
CA THR A 86 -4.80 12.82 3.21
C THR A 86 -4.75 11.45 2.54
N ILE A 87 -4.02 10.51 3.16
CA ILE A 87 -3.89 9.17 2.61
C ILE A 87 -4.65 8.17 3.49
N GLY A 88 -5.41 7.29 2.84
CA GLY A 88 -6.19 6.27 3.56
C GLY A 88 -5.73 4.86 3.22
N VAL A 89 -6.13 3.90 4.04
CA VAL A 89 -5.76 2.51 3.84
C VAL A 89 -7.00 1.65 3.59
N ASP A 90 -6.91 0.74 2.63
CA ASP A 90 -8.04 -0.13 2.31
C ASP A 90 -7.55 -1.54 1.95
N PHE A 91 -8.45 -2.51 2.04
CA PHE A 91 -8.10 -3.89 1.70
C PHE A 91 -8.13 -4.10 0.20
N ALA A 92 -7.67 -5.28 -0.24
CA ALA A 92 -7.66 -5.60 -1.66
C ALA A 92 -8.93 -6.33 -2.06
N LYS A 93 -9.03 -6.69 -3.34
CA LYS A 93 -10.21 -7.39 -3.84
C LYS A 93 -11.46 -6.55 -3.64
N SER A 94 -11.47 -5.36 -4.23
CA SER A 94 -12.62 -4.46 -4.12
C SER A 94 -12.83 -3.69 -5.42
N ALA A 95 -12.52 -4.35 -6.54
CA ALA A 95 -12.69 -3.72 -7.85
C ALA A 95 -14.16 -3.72 -8.26
N MET A 1 14.26 -18.47 -0.76
CA MET A 1 13.51 -18.16 -2.01
C MET A 1 12.20 -17.45 -1.65
N GLY A 2 11.32 -18.18 -0.97
CA GLY A 2 10.03 -17.61 -0.57
C GLY A 2 8.93 -18.65 -0.68
N HIS A 3 7.99 -18.62 0.28
CA HIS A 3 6.88 -19.57 0.28
C HIS A 3 5.68 -18.98 -0.45
N HIS A 4 4.52 -19.60 -0.27
CA HIS A 4 3.30 -19.13 -0.92
C HIS A 4 2.12 -19.21 0.04
N HIS A 5 1.65 -18.04 0.48
CA HIS A 5 0.53 -17.98 1.41
C HIS A 5 -0.79 -18.11 0.66
N HIS A 6 -1.50 -19.22 0.88
CA HIS A 6 -2.78 -19.45 0.22
C HIS A 6 -3.93 -19.09 1.15
N HIS A 7 -3.70 -18.11 2.02
CA HIS A 7 -4.73 -17.67 2.96
C HIS A 7 -5.73 -16.74 2.26
N HIS A 8 -6.52 -16.03 3.06
CA HIS A 8 -7.51 -15.11 2.51
C HIS A 8 -6.95 -13.68 2.50
N MET A 9 -6.95 -13.08 1.31
CA MET A 9 -6.45 -11.72 1.16
C MET A 9 -4.99 -11.63 1.62
N ASP A 10 -4.22 -10.77 0.96
CA ASP A 10 -2.81 -10.60 1.31
C ASP A 10 -2.21 -9.44 0.53
N THR A 11 -3.02 -8.42 0.25
CA THR A 11 -2.55 -7.25 -0.49
C THR A 11 -3.37 -6.03 -0.11
N ILE A 12 -2.68 -4.96 0.27
CA ILE A 12 -3.36 -3.72 0.64
C ILE A 12 -3.18 -2.66 -0.44
N ILE A 13 -4.29 -1.99 -0.78
CA ILE A 13 -4.25 -0.95 -1.81
C ILE A 13 -4.47 0.42 -1.19
N LEU A 14 -3.62 1.37 -1.56
CA LEU A 14 -3.73 2.72 -1.03
C LEU A 14 -4.68 3.57 -1.89
N ARG A 15 -5.45 4.43 -1.24
CA ARG A 15 -6.40 5.29 -1.95
C ARG A 15 -6.13 6.76 -1.64
N ASN A 16 -6.37 7.61 -2.62
CA ASN A 16 -6.17 9.05 -2.46
C ASN A 16 -4.69 9.41 -2.59
N ILE A 17 -4.08 8.98 -3.70
CA ILE A 17 -2.67 9.26 -3.94
C ILE A 17 -2.51 10.45 -4.87
N ALA A 18 -1.66 11.40 -4.47
CA ALA A 18 -1.42 12.58 -5.30
C ALA A 18 -0.62 12.20 -6.54
N PRO A 19 -0.65 13.02 -7.57
CA PRO A 19 0.09 12.75 -8.83
C PRO A 19 1.60 12.94 -8.66
N HIS A 20 2.02 13.28 -7.44
CA HIS A 20 3.43 13.50 -7.15
C HIS A 20 3.98 12.40 -6.26
N THR A 21 3.33 11.24 -6.28
CA THR A 21 3.75 10.11 -5.47
C THR A 21 4.79 9.27 -6.21
N VAL A 22 5.79 8.79 -5.46
CA VAL A 22 6.84 7.97 -6.05
C VAL A 22 7.12 6.75 -5.16
N VAL A 23 7.39 5.62 -5.79
CA VAL A 23 7.67 4.40 -5.05
C VAL A 23 8.80 4.63 -4.05
N ASP A 24 9.61 5.65 -4.30
CA ASP A 24 10.73 5.97 -3.42
C ASP A 24 10.22 6.34 -2.03
N SER A 25 9.30 7.30 -1.98
CA SER A 25 8.74 7.75 -0.71
C SER A 25 7.88 6.66 -0.08
N ILE A 26 6.86 6.23 -0.80
CA ILE A 26 5.97 5.18 -0.30
C ILE A 26 6.76 4.05 0.33
N MET A 27 7.99 3.86 -0.14
CA MET A 27 8.85 2.80 0.39
C MET A 27 9.43 3.20 1.74
N THR A 28 10.15 4.32 1.76
CA THR A 28 10.76 4.80 3.00
C THR A 28 9.69 5.13 4.05
N ALA A 29 8.49 5.42 3.58
CA ALA A 29 7.39 5.76 4.48
C ALA A 29 6.90 4.53 5.23
N LEU A 30 6.97 3.38 4.58
CA LEU A 30 6.52 2.13 5.19
C LEU A 30 7.70 1.30 5.70
N SER A 31 8.89 1.90 5.66
CA SER A 31 10.10 1.20 6.11
C SER A 31 10.03 0.86 7.60
N PRO A 32 9.77 1.82 8.45
CA PRO A 32 9.69 1.59 9.93
C PRO A 32 8.37 0.94 10.33
N TYR A 33 7.48 0.75 9.37
CA TYR A 33 6.19 0.14 9.64
C TYR A 33 6.21 -1.35 9.33
N ALA A 34 7.08 -1.75 8.40
CA ALA A 34 7.19 -3.15 8.02
C ALA A 34 8.28 -3.34 6.98
N SER A 35 8.35 -4.55 6.42
CA SER A 35 9.34 -4.87 5.41
C SER A 35 8.68 -5.00 4.04
N LEU A 36 9.17 -4.21 3.08
CA LEU A 36 8.62 -4.24 1.73
C LEU A 36 9.63 -4.83 0.75
N ALA A 37 9.19 -5.08 -0.47
CA ALA A 37 10.05 -5.65 -1.49
C ALA A 37 9.73 -5.08 -2.87
N VAL A 38 10.75 -4.59 -3.56
CA VAL A 38 10.56 -4.00 -4.89
C VAL A 38 9.72 -4.91 -5.79
N ASN A 39 9.95 -6.22 -5.69
CA ASN A 39 9.23 -7.17 -6.52
C ASN A 39 7.86 -7.49 -5.93
N ASN A 40 7.50 -6.81 -4.85
CA ASN A 40 6.21 -7.04 -4.20
C ASN A 40 5.35 -5.77 -4.23
N ILE A 41 5.87 -4.71 -4.83
CA ILE A 41 5.15 -3.45 -4.91
C ILE A 41 5.21 -2.88 -6.32
N ARG A 42 4.05 -2.50 -6.85
CA ARG A 42 3.97 -1.93 -8.20
C ARG A 42 3.12 -0.67 -8.20
N LEU A 43 3.63 0.37 -8.85
CA LEU A 43 2.92 1.64 -8.94
C LEU A 43 2.23 1.76 -10.30
N ILE A 44 0.93 1.52 -10.33
CA ILE A 44 0.19 1.61 -11.59
C ILE A 44 0.28 3.02 -12.15
N LYS A 45 1.22 3.21 -13.08
CA LYS A 45 1.41 4.52 -13.70
C LYS A 45 0.47 4.71 -14.89
N ASP A 46 0.13 5.96 -15.16
CA ASP A 46 -0.77 6.28 -16.27
C ASP A 46 0.00 6.97 -17.40
N LYS A 47 -0.56 6.89 -18.61
CA LYS A 47 0.08 7.52 -19.76
C LYS A 47 -0.44 8.95 -19.95
N GLN A 48 -1.39 9.34 -19.11
CA GLN A 48 -1.96 10.68 -19.19
C GLN A 48 -1.25 11.63 -18.22
N THR A 49 -1.25 11.27 -16.94
CA THR A 49 -0.60 12.11 -15.93
C THR A 49 0.84 11.65 -15.72
N GLN A 50 1.31 10.77 -16.58
CA GLN A 50 2.68 10.26 -16.49
C GLN A 50 3.01 9.92 -15.03
N GLN A 51 1.98 9.63 -14.26
CA GLN A 51 2.16 9.29 -12.85
C GLN A 51 0.99 8.45 -12.36
N ASN A 52 1.15 7.85 -11.18
CA ASN A 52 0.10 7.02 -10.59
C ASN A 52 -1.28 7.56 -10.91
N ARG A 53 -2.23 6.66 -11.17
CA ARG A 53 -3.60 7.06 -11.48
C ARG A 53 -4.38 7.32 -10.20
N GLY A 54 -3.66 7.72 -9.14
CA GLY A 54 -4.31 7.99 -7.86
C GLY A 54 -4.47 6.71 -7.06
N PHE A 55 -3.63 5.72 -7.34
CA PHE A 55 -3.70 4.44 -6.64
C PHE A 55 -2.34 3.74 -6.66
N ALA A 56 -2.05 3.01 -5.60
CA ALA A 56 -0.79 2.29 -5.50
C ALA A 56 -1.03 0.87 -4.98
N PHE A 57 -0.45 -0.12 -5.67
CA PHE A 57 -0.62 -1.51 -5.26
C PHE A 57 0.59 -1.99 -4.47
N VAL A 58 0.34 -2.55 -3.30
CA VAL A 58 1.42 -3.05 -2.44
C VAL A 58 1.04 -4.41 -1.87
N GLN A 59 2.01 -5.33 -1.86
CA GLN A 59 1.77 -6.67 -1.33
C GLN A 59 2.70 -6.95 -0.15
N LEU A 60 2.26 -7.82 0.76
CA LEU A 60 3.07 -8.16 1.93
C LEU A 60 3.61 -9.58 1.79
N SER A 61 4.58 -9.92 2.63
CA SER A 61 5.19 -11.26 2.59
C SER A 61 4.15 -12.35 2.85
N SER A 62 3.22 -12.06 3.75
CA SER A 62 2.18 -13.02 4.09
C SER A 62 0.83 -12.32 4.26
N ALA A 63 -0.21 -13.11 4.51
CA ALA A 63 -1.55 -12.56 4.68
C ALA A 63 -1.66 -11.81 6.00
N MET A 64 -1.25 -12.46 7.08
CA MET A 64 -1.30 -11.85 8.40
C MET A 64 -0.63 -10.48 8.39
N ASP A 65 0.50 -10.38 7.69
CA ASP A 65 1.23 -9.12 7.61
C ASP A 65 0.33 -8.02 7.06
N ALA A 66 -0.41 -8.32 6.00
CA ALA A 66 -1.30 -7.33 5.39
C ALA A 66 -2.27 -6.79 6.42
N SER A 67 -2.97 -7.68 7.11
CA SER A 67 -3.93 -7.27 8.12
C SER A 67 -3.24 -6.47 9.22
N GLN A 68 -2.04 -6.91 9.59
CA GLN A 68 -1.27 -6.24 10.63
C GLN A 68 -0.91 -4.82 10.19
N LEU A 69 -0.18 -4.70 9.08
CA LEU A 69 0.23 -3.40 8.58
C LEU A 69 -0.97 -2.47 8.49
N LEU A 70 -2.14 -3.04 8.26
CA LEU A 70 -3.37 -2.26 8.17
C LEU A 70 -3.82 -1.81 9.55
N GLN A 71 -3.64 -2.67 10.53
CA GLN A 71 -4.03 -2.37 11.90
C GLN A 71 -2.96 -1.54 12.61
N ILE A 72 -1.71 -1.68 12.15
CA ILE A 72 -0.60 -0.95 12.75
C ILE A 72 -0.59 0.50 12.29
N LEU A 73 -0.88 0.72 11.02
CA LEU A 73 -0.90 2.08 10.48
C LEU A 73 -2.20 2.80 10.84
N GLN A 74 -3.29 2.04 10.96
CA GLN A 74 -4.58 2.63 11.30
C GLN A 74 -4.74 2.75 12.81
N SER A 75 -3.87 2.06 13.56
CA SER A 75 -3.94 2.11 15.02
C SER A 75 -3.51 3.49 15.52
N LEU A 76 -2.69 4.16 14.71
CA LEU A 76 -2.22 5.49 15.07
C LEU A 76 -3.36 6.50 14.96
N HIS A 77 -3.44 7.40 15.93
CA HIS A 77 -4.50 8.41 15.94
C HIS A 77 -4.50 9.20 14.63
N PRO A 78 -3.40 9.83 14.26
CA PRO A 78 -3.32 10.63 13.01
C PRO A 78 -3.21 9.74 11.77
N PRO A 79 -4.20 9.73 10.89
CA PRO A 79 -4.15 8.87 9.66
C PRO A 79 -2.82 9.02 8.92
N LEU A 80 -2.71 8.35 7.78
CA LEU A 80 -1.49 8.42 6.99
C LEU A 80 -1.45 9.74 6.20
N LYS A 81 -0.40 10.52 6.42
CA LYS A 81 -0.26 11.81 5.75
C LYS A 81 0.98 11.82 4.86
N ILE A 82 0.79 12.28 3.63
CA ILE A 82 1.89 12.37 2.67
C ILE A 82 1.81 13.72 1.96
N ASP A 83 2.94 14.40 1.84
CA ASP A 83 2.98 15.71 1.19
C ASP A 83 1.97 15.77 0.05
N GLY A 84 0.86 16.46 0.30
CA GLY A 84 -0.18 16.59 -0.73
C GLY A 84 -1.58 16.53 -0.12
N LYS A 85 -1.83 15.53 0.73
CA LYS A 85 -3.14 15.39 1.34
C LYS A 85 -3.19 14.17 2.25
N THR A 86 -4.38 13.90 2.80
CA THR A 86 -4.56 12.76 3.69
C THR A 86 -4.59 11.45 2.90
N ILE A 87 -4.00 10.41 3.47
CA ILE A 87 -3.95 9.11 2.81
C ILE A 87 -4.65 8.04 3.65
N GLY A 88 -5.43 7.19 2.99
CA GLY A 88 -6.17 6.13 3.68
C GLY A 88 -5.64 4.75 3.28
N VAL A 89 -6.15 3.72 3.95
CA VAL A 89 -5.74 2.35 3.67
C VAL A 89 -6.96 1.45 3.48
N ASP A 90 -6.87 0.53 2.53
CA ASP A 90 -7.96 -0.38 2.25
C ASP A 90 -7.45 -1.77 1.86
N PHE A 91 -8.32 -2.76 1.91
CA PHE A 91 -7.94 -4.13 1.57
C PHE A 91 -8.00 -4.34 0.06
N ALA A 92 -7.53 -5.50 -0.40
CA ALA A 92 -7.54 -5.81 -1.81
C ALA A 92 -8.93 -5.61 -2.41
N LYS A 93 -9.22 -4.39 -2.86
CA LYS A 93 -10.51 -4.07 -3.45
C LYS A 93 -10.34 -3.23 -4.70
N SER A 94 -11.46 -2.82 -5.28
CA SER A 94 -11.44 -2.00 -6.49
C SER A 94 -12.85 -1.64 -6.93
N ALA A 95 -13.35 -0.52 -6.43
CA ALA A 95 -14.69 -0.08 -6.79
C ALA A 95 -15.74 -1.08 -6.31
N MET A 1 7.85 -17.72 3.63
CA MET A 1 8.49 -19.01 3.28
C MET A 1 7.42 -20.09 3.13
N GLY A 2 6.20 -19.66 2.79
CA GLY A 2 5.10 -20.58 2.61
C GLY A 2 4.19 -20.14 1.47
N HIS A 3 4.43 -20.67 0.28
CA HIS A 3 3.62 -20.31 -0.88
C HIS A 3 2.37 -21.17 -0.95
N HIS A 4 1.26 -20.64 -0.42
CA HIS A 4 0.00 -21.37 -0.43
C HIS A 4 -1.17 -20.40 -0.56
N HIS A 5 -1.56 -19.79 0.55
CA HIS A 5 -2.66 -18.85 0.54
C HIS A 5 -2.29 -17.56 -0.20
N HIS A 6 -2.04 -17.68 -1.49
CA HIS A 6 -1.66 -16.53 -2.30
C HIS A 6 -2.88 -15.98 -3.04
N HIS A 7 -4.05 -16.48 -2.69
CA HIS A 7 -5.28 -16.03 -3.31
C HIS A 7 -6.40 -15.90 -2.27
N HIS A 8 -6.04 -15.49 -1.07
CA HIS A 8 -7.02 -15.33 0.00
C HIS A 8 -6.66 -14.14 0.87
N MET A 9 -6.83 -12.94 0.33
CA MET A 9 -6.53 -11.72 1.07
C MET A 9 -5.09 -11.73 1.57
N ASP A 10 -4.28 -10.85 1.02
CA ASP A 10 -2.87 -10.76 1.41
C ASP A 10 -2.19 -9.58 0.72
N THR A 11 -2.97 -8.53 0.45
CA THR A 11 -2.44 -7.35 -0.20
C THR A 11 -3.26 -6.12 0.19
N ILE A 12 -2.55 -5.05 0.56
CA ILE A 12 -3.21 -3.82 0.95
C ILE A 12 -3.05 -2.76 -0.14
N ILE A 13 -4.17 -2.18 -0.56
CA ILE A 13 -4.13 -1.15 -1.60
C ILE A 13 -4.31 0.23 -1.00
N LEU A 14 -3.62 1.21 -1.57
CA LEU A 14 -3.69 2.58 -1.09
C LEU A 14 -4.63 3.41 -1.97
N ARG A 15 -5.29 4.39 -1.36
CA ARG A 15 -6.22 5.25 -2.10
C ARG A 15 -5.91 6.72 -1.82
N ASN A 16 -6.21 7.57 -2.80
CA ASN A 16 -5.99 9.00 -2.68
C ASN A 16 -4.49 9.32 -2.67
N ILE A 17 -3.78 8.87 -3.71
CA ILE A 17 -2.35 9.12 -3.81
C ILE A 17 -2.09 10.35 -4.68
N ALA A 18 -1.20 11.22 -4.22
CA ALA A 18 -0.87 12.43 -4.95
C ALA A 18 -0.03 12.10 -6.18
N PRO A 19 0.06 13.00 -7.13
CA PRO A 19 0.85 12.80 -8.38
C PRO A 19 2.36 12.85 -8.12
N HIS A 20 2.74 13.15 -6.88
CA HIS A 20 4.15 13.23 -6.53
C HIS A 20 4.58 12.01 -5.71
N THR A 21 3.85 10.92 -5.87
CA THR A 21 4.18 9.68 -5.16
C THR A 21 5.19 8.86 -5.94
N VAL A 22 6.25 8.43 -5.26
CA VAL A 22 7.28 7.63 -5.90
C VAL A 22 7.68 6.46 -5.01
N VAL A 23 7.94 5.31 -5.61
CA VAL A 23 8.33 4.12 -4.86
C VAL A 23 9.37 4.47 -3.81
N ASP A 24 10.10 5.56 -4.04
CA ASP A 24 11.13 5.99 -3.10
C ASP A 24 10.50 6.47 -1.80
N SER A 25 9.44 7.27 -1.91
CA SER A 25 8.76 7.79 -0.73
C SER A 25 8.00 6.68 -0.01
N ILE A 26 7.21 5.94 -0.77
CA ILE A 26 6.41 4.85 -0.20
C ILE A 26 7.32 3.87 0.55
N MET A 27 8.59 3.84 0.16
CA MET A 27 9.56 2.94 0.80
C MET A 27 9.95 3.46 2.17
N THR A 28 10.46 4.68 2.22
CA THR A 28 10.89 5.29 3.48
C THR A 28 9.69 5.56 4.39
N ALA A 29 8.52 5.70 3.78
CA ALA A 29 7.30 5.98 4.54
C ALA A 29 6.82 4.73 5.29
N LEU A 30 6.99 3.57 4.68
CA LEU A 30 6.55 2.32 5.30
C LEU A 30 7.73 1.56 5.90
N SER A 31 8.89 2.21 5.93
CA SER A 31 10.09 1.58 6.48
C SER A 31 9.92 1.25 7.96
N PRO A 32 9.54 2.19 8.78
CA PRO A 32 9.36 1.96 10.25
C PRO A 32 8.05 1.24 10.55
N TYR A 33 7.26 1.01 9.52
CA TYR A 33 5.98 0.33 9.69
C TYR A 33 6.08 -1.12 9.25
N ALA A 34 6.98 -1.41 8.32
CA ALA A 34 7.16 -2.77 7.83
C ALA A 34 8.18 -2.81 6.70
N SER A 35 8.38 -4.00 6.15
CA SER A 35 9.34 -4.17 5.05
C SER A 35 8.61 -4.60 3.78
N LEU A 36 8.92 -3.93 2.67
CA LEU A 36 8.29 -4.24 1.40
C LEU A 36 9.32 -4.84 0.43
N ALA A 37 8.87 -5.12 -0.79
CA ALA A 37 9.76 -5.69 -1.79
C ALA A 37 9.42 -5.17 -3.18
N VAL A 38 10.44 -4.69 -3.90
CA VAL A 38 10.23 -4.15 -5.24
C VAL A 38 9.40 -5.09 -6.11
N ASN A 39 9.66 -6.39 -5.98
CA ASN A 39 8.94 -7.39 -6.77
C ASN A 39 7.57 -7.70 -6.16
N ASN A 40 7.22 -7.01 -5.09
CA ASN A 40 5.94 -7.24 -4.42
C ASN A 40 5.07 -5.98 -4.48
N ILE A 41 5.57 -4.93 -5.13
CA ILE A 41 4.83 -3.69 -5.25
C ILE A 41 4.88 -3.17 -6.69
N ARG A 42 3.71 -2.86 -7.24
CA ARG A 42 3.62 -2.37 -8.61
C ARG A 42 2.73 -1.13 -8.67
N LEU A 43 3.31 -0.02 -9.14
CA LEU A 43 2.54 1.23 -9.24
C LEU A 43 1.90 1.31 -10.62
N ILE A 44 0.66 1.78 -10.67
CA ILE A 44 -0.06 1.90 -11.93
C ILE A 44 0.19 3.27 -12.56
N LYS A 45 1.09 3.31 -13.55
CA LYS A 45 1.42 4.55 -14.22
C LYS A 45 0.75 4.61 -15.59
N ASP A 46 -0.03 5.67 -15.82
CA ASP A 46 -0.71 5.83 -17.09
C ASP A 46 -0.06 6.93 -17.92
N LYS A 47 -0.26 6.88 -19.23
CA LYS A 47 0.32 7.89 -20.11
C LYS A 47 -0.58 9.12 -20.18
N GLN A 48 -1.59 9.15 -19.32
CA GLN A 48 -2.52 10.28 -19.28
C GLN A 48 -2.07 11.32 -18.26
N THR A 49 -1.92 10.89 -17.00
CA THR A 49 -1.50 11.81 -15.95
C THR A 49 0.03 11.76 -15.78
N GLN A 50 0.68 10.92 -16.60
CA GLN A 50 2.13 10.79 -16.54
C GLN A 50 2.61 10.36 -15.16
N GLN A 51 1.72 9.74 -14.40
CA GLN A 51 2.05 9.27 -13.06
C GLN A 51 0.86 8.55 -12.44
N ASN A 52 1.07 7.97 -11.26
CA ASN A 52 0.00 7.26 -10.56
C ASN A 52 -1.34 7.93 -10.76
N ARG A 53 -2.38 7.13 -11.01
CA ARG A 53 -3.72 7.68 -11.21
C ARG A 53 -4.47 7.76 -9.88
N GLY A 54 -3.72 8.00 -8.81
CA GLY A 54 -4.32 8.10 -7.48
C GLY A 54 -4.54 6.70 -6.88
N PHE A 55 -3.74 5.74 -7.32
CA PHE A 55 -3.86 4.37 -6.82
C PHE A 55 -2.50 3.68 -6.82
N ALA A 56 -2.31 2.78 -5.85
CA ALA A 56 -1.04 2.05 -5.73
C ALA A 56 -1.27 0.69 -5.11
N PHE A 57 -0.64 -0.34 -5.67
CA PHE A 57 -0.78 -1.69 -5.15
C PHE A 57 0.45 -2.11 -4.35
N VAL A 58 0.23 -2.62 -3.16
CA VAL A 58 1.34 -3.05 -2.30
C VAL A 58 1.01 -4.39 -1.63
N GLN A 59 1.89 -5.37 -1.84
CA GLN A 59 1.68 -6.70 -1.24
C GLN A 59 2.73 -6.97 -0.17
N LEU A 60 2.39 -7.81 0.80
CA LEU A 60 3.31 -8.13 1.89
C LEU A 60 3.86 -9.55 1.70
N SER A 61 4.91 -9.88 2.45
CA SER A 61 5.52 -11.20 2.36
C SER A 61 4.51 -12.30 2.66
N SER A 62 3.63 -12.04 3.62
CA SER A 62 2.63 -13.02 4.01
C SER A 62 1.23 -12.40 4.00
N ALA A 63 0.23 -13.19 4.37
CA ALA A 63 -1.15 -12.71 4.38
C ALA A 63 -1.47 -12.02 5.71
N MET A 64 -0.86 -12.51 6.78
CA MET A 64 -1.08 -11.93 8.10
C MET A 64 -0.39 -10.58 8.22
N ASP A 65 0.66 -10.39 7.43
CA ASP A 65 1.41 -9.14 7.45
C ASP A 65 0.59 -8.02 6.82
N ALA A 66 -0.48 -8.39 6.12
CA ALA A 66 -1.34 -7.40 5.48
C ALA A 66 -2.21 -6.70 6.51
N SER A 67 -3.01 -7.46 7.23
CA SER A 67 -3.89 -6.90 8.25
C SER A 67 -3.07 -6.16 9.31
N GLN A 68 -1.90 -6.71 9.62
CA GLN A 68 -1.02 -6.10 10.61
C GLN A 68 -0.68 -4.67 10.22
N LEU A 69 -0.10 -4.51 9.02
CA LEU A 69 0.28 -3.20 8.54
C LEU A 69 -0.95 -2.31 8.40
N LEU A 70 -2.12 -2.94 8.20
CA LEU A 70 -3.36 -2.20 8.05
C LEU A 70 -3.89 -1.77 9.42
N GLN A 71 -3.73 -2.64 10.41
CA GLN A 71 -4.19 -2.35 11.77
C GLN A 71 -3.16 -1.52 12.51
N ILE A 72 -1.90 -1.65 12.12
CA ILE A 72 -0.81 -0.92 12.76
C ILE A 72 -0.80 0.54 12.33
N LEU A 73 -1.05 0.77 11.04
CA LEU A 73 -1.06 2.14 10.51
C LEU A 73 -2.37 2.84 10.84
N GLN A 74 -3.46 2.06 10.92
CA GLN A 74 -4.76 2.63 11.23
C GLN A 74 -4.96 2.74 12.74
N SER A 75 -4.08 2.09 13.50
CA SER A 75 -4.17 2.12 14.95
C SER A 75 -3.79 3.50 15.47
N LEU A 76 -2.97 4.20 14.69
CA LEU A 76 -2.54 5.54 15.07
C LEU A 76 -3.69 6.51 14.95
N HIS A 77 -3.82 7.41 15.93
CA HIS A 77 -4.90 8.40 15.91
C HIS A 77 -4.90 9.20 14.61
N PRO A 78 -3.82 9.85 14.27
CA PRO A 78 -3.72 10.65 13.02
C PRO A 78 -3.54 9.77 11.78
N PRO A 79 -4.51 9.73 10.88
CA PRO A 79 -4.40 8.89 9.64
C PRO A 79 -3.06 9.07 8.94
N LEU A 80 -2.88 8.40 7.81
CA LEU A 80 -1.64 8.50 7.05
C LEU A 80 -1.62 9.80 6.26
N LYS A 81 -0.64 10.66 6.52
CA LYS A 81 -0.53 11.93 5.83
C LYS A 81 0.81 12.05 5.11
N ILE A 82 0.75 12.15 3.79
CA ILE A 82 1.95 12.27 2.97
C ILE A 82 1.93 13.62 2.26
N ASP A 83 3.07 14.32 2.29
CA ASP A 83 3.17 15.64 1.65
C ASP A 83 2.29 15.71 0.40
N GLY A 84 1.16 16.39 0.53
CA GLY A 84 0.23 16.52 -0.58
C GLY A 84 -1.21 16.52 -0.09
N LYS A 85 -1.57 15.48 0.65
CA LYS A 85 -2.93 15.37 1.18
C LYS A 85 -3.05 14.15 2.10
N THR A 86 -4.25 13.93 2.62
CA THR A 86 -4.49 12.80 3.52
C THR A 86 -4.48 11.49 2.74
N ILE A 87 -3.93 10.45 3.37
CA ILE A 87 -3.85 9.13 2.74
C ILE A 87 -4.59 8.09 3.59
N GLY A 88 -5.36 7.23 2.90
CA GLY A 88 -6.12 6.19 3.59
C GLY A 88 -5.64 4.80 3.19
N VAL A 89 -6.15 3.78 3.86
CA VAL A 89 -5.78 2.40 3.58
C VAL A 89 -7.01 1.52 3.44
N ASP A 90 -6.98 0.58 2.50
CA ASP A 90 -8.11 -0.32 2.27
C ASP A 90 -7.62 -1.72 1.90
N PHE A 91 -8.42 -2.73 2.23
CA PHE A 91 -8.06 -4.10 1.94
C PHE A 91 -8.16 -4.37 0.43
N ALA A 92 -7.71 -5.55 0.01
CA ALA A 92 -7.75 -5.91 -1.40
C ALA A 92 -9.18 -6.27 -1.82
N LYS A 93 -9.70 -5.54 -2.81
CA LYS A 93 -11.05 -5.78 -3.30
C LYS A 93 -11.00 -6.48 -4.67
N SER A 94 -11.74 -5.95 -5.62
CA SER A 94 -11.79 -6.53 -6.96
C SER A 94 -12.16 -5.46 -7.99
N ALA A 95 -11.27 -5.26 -8.97
CA ALA A 95 -11.52 -4.27 -10.01
C ALA A 95 -10.76 -4.64 -11.28
N MET A 1 1.12 -30.88 5.18
CA MET A 1 0.84 -29.48 4.72
C MET A 1 -0.12 -29.52 3.53
N GLY A 2 -1.32 -28.98 3.73
CA GLY A 2 -2.32 -28.96 2.67
C GLY A 2 -2.34 -27.61 1.96
N HIS A 3 -1.22 -26.89 2.06
CA HIS A 3 -1.12 -25.58 1.43
C HIS A 3 0.25 -24.97 1.67
N HIS A 4 0.75 -24.21 0.70
CA HIS A 4 2.05 -23.57 0.82
C HIS A 4 1.91 -22.15 1.35
N HIS A 5 0.86 -21.46 0.90
CA HIS A 5 0.62 -20.09 1.34
C HIS A 5 -0.86 -19.73 1.20
N HIS A 6 -1.46 -19.30 2.30
CA HIS A 6 -2.87 -18.92 2.29
C HIS A 6 -3.14 -17.90 1.19
N HIS A 7 -4.05 -18.25 0.29
CA HIS A 7 -4.40 -17.35 -0.81
C HIS A 7 -5.30 -16.22 -0.32
N HIS A 8 -5.67 -16.27 0.96
CA HIS A 8 -6.52 -15.26 1.55
C HIS A 8 -5.96 -13.86 1.27
N MET A 9 -6.61 -12.85 1.83
CA MET A 9 -6.15 -11.47 1.64
C MET A 9 -4.66 -11.35 1.92
N ASP A 10 -3.99 -10.49 1.16
CA ASP A 10 -2.56 -10.28 1.33
C ASP A 10 -2.07 -9.11 0.49
N THR A 11 -2.98 -8.19 0.17
CA THR A 11 -2.62 -7.03 -0.63
C THR A 11 -3.55 -5.85 -0.32
N ILE A 12 -2.94 -4.74 0.08
CA ILE A 12 -3.72 -3.55 0.40
C ILE A 12 -3.55 -2.50 -0.70
N ILE A 13 -4.67 -1.88 -1.08
CA ILE A 13 -4.63 -0.86 -2.13
C ILE A 13 -4.71 0.54 -1.52
N LEU A 14 -3.69 1.34 -1.78
CA LEU A 14 -3.64 2.70 -1.25
C LEU A 14 -4.54 3.62 -2.09
N ARG A 15 -5.34 4.42 -1.40
CA ARG A 15 -6.26 5.35 -2.07
C ARG A 15 -5.90 6.79 -1.72
N ASN A 16 -6.11 7.69 -2.67
CA ASN A 16 -5.83 9.11 -2.48
C ASN A 16 -4.34 9.39 -2.66
N ILE A 17 -3.80 8.97 -3.79
CA ILE A 17 -2.38 9.18 -4.08
C ILE A 17 -2.20 10.42 -4.94
N ALA A 18 -1.39 11.36 -4.47
CA ALA A 18 -1.14 12.58 -5.22
C ALA A 18 -0.29 12.30 -6.46
N PRO A 19 -0.29 13.19 -7.41
CA PRO A 19 0.49 13.03 -8.67
C PRO A 19 2.00 13.15 -8.44
N HIS A 20 2.38 13.30 -7.18
CA HIS A 20 3.79 13.45 -6.82
C HIS A 20 4.25 12.27 -5.95
N THR A 21 3.61 11.13 -6.12
CA THR A 21 3.97 9.95 -5.35
C THR A 21 5.09 9.16 -6.03
N VAL A 22 6.04 8.70 -5.23
CA VAL A 22 7.16 7.93 -5.76
C VAL A 22 7.42 6.71 -4.89
N VAL A 23 7.78 5.60 -5.53
CA VAL A 23 8.06 4.36 -4.81
C VAL A 23 9.13 4.60 -3.74
N ASP A 24 9.91 5.65 -3.91
CA ASP A 24 10.97 5.99 -2.97
C ASP A 24 10.37 6.52 -1.67
N SER A 25 9.34 7.35 -1.80
CA SER A 25 8.69 7.93 -0.63
C SER A 25 7.98 6.86 0.20
N ILE A 26 7.09 6.12 -0.44
CA ILE A 26 6.36 5.06 0.24
C ILE A 26 7.31 4.13 0.99
N MET A 27 8.38 3.73 0.31
CA MET A 27 9.37 2.85 0.92
C MET A 27 9.81 3.37 2.28
N THR A 28 10.35 4.58 2.31
CA THR A 28 10.82 5.18 3.56
C THR A 28 9.64 5.45 4.50
N ALA A 29 8.47 5.68 3.93
CA ALA A 29 7.28 5.95 4.72
C ALA A 29 6.78 4.70 5.44
N LEU A 30 6.94 3.55 4.78
CA LEU A 30 6.49 2.29 5.37
C LEU A 30 7.67 1.50 5.95
N SER A 31 8.84 2.14 5.97
CA SER A 31 10.04 1.49 6.48
C SER A 31 9.87 1.08 7.96
N PRO A 32 9.51 2.00 8.82
CA PRO A 32 9.33 1.69 10.27
C PRO A 32 8.02 0.97 10.54
N TYR A 33 7.21 0.81 9.51
CA TYR A 33 5.93 0.13 9.65
C TYR A 33 6.00 -1.29 9.10
N ALA A 34 6.90 -1.51 8.15
CA ALA A 34 7.06 -2.83 7.55
C ALA A 34 8.08 -2.79 6.42
N SER A 35 8.88 -3.85 6.32
CA SER A 35 9.91 -3.92 5.27
C SER A 35 9.32 -4.47 3.98
N LEU A 36 8.69 -3.60 3.20
CA LEU A 36 8.09 -4.01 1.94
C LEU A 36 9.17 -4.51 0.98
N ALA A 37 8.76 -4.81 -0.25
CA ALA A 37 9.69 -5.31 -1.25
C ALA A 37 9.38 -4.71 -2.62
N VAL A 38 10.39 -4.13 -3.25
CA VAL A 38 10.22 -3.52 -4.57
C VAL A 38 9.51 -4.46 -5.53
N ASN A 39 9.84 -5.75 -5.46
CA ASN A 39 9.24 -6.74 -6.35
C ASN A 39 7.85 -7.16 -5.86
N ASN A 40 7.39 -6.55 -4.77
CA ASN A 40 6.08 -6.89 -4.20
C ASN A 40 5.14 -5.68 -4.27
N ILE A 41 5.62 -4.58 -4.84
CA ILE A 41 4.81 -3.38 -4.95
C ILE A 41 5.02 -2.74 -6.33
N ARG A 42 3.92 -2.50 -7.03
CA ARG A 42 3.99 -1.90 -8.36
C ARG A 42 2.99 -0.76 -8.50
N LEU A 43 3.49 0.44 -8.76
CA LEU A 43 2.61 1.60 -8.93
C LEU A 43 2.29 1.79 -10.41
N ILE A 44 1.06 1.49 -10.78
CA ILE A 44 0.63 1.61 -12.18
C ILE A 44 0.79 3.05 -12.67
N LYS A 45 1.68 3.24 -13.62
CA LYS A 45 1.92 4.56 -14.19
C LYS A 45 1.26 4.68 -15.57
N ASP A 46 0.29 5.58 -15.69
CA ASP A 46 -0.41 5.76 -16.94
C ASP A 46 0.17 6.95 -17.72
N LYS A 47 -0.11 6.98 -19.02
CA LYS A 47 0.37 8.05 -19.87
C LYS A 47 -0.62 9.21 -19.87
N GLN A 48 -1.86 8.93 -19.47
CA GLN A 48 -2.89 9.95 -19.42
C GLN A 48 -2.53 11.03 -18.40
N THR A 49 -2.34 10.61 -17.14
CA THR A 49 -1.98 11.55 -16.09
C THR A 49 -0.46 11.60 -15.93
N GLN A 50 0.23 10.73 -16.66
CA GLN A 50 1.69 10.69 -16.61
C GLN A 50 2.18 10.32 -15.20
N GLN A 51 1.32 9.69 -14.43
CA GLN A 51 1.67 9.30 -13.06
C GLN A 51 0.52 8.50 -12.42
N ASN A 52 0.75 8.06 -11.18
CA ASN A 52 -0.26 7.28 -10.45
C ASN A 52 -1.68 7.73 -10.80
N ARG A 53 -2.53 6.76 -11.13
CA ARG A 53 -3.92 7.07 -11.46
C ARG A 53 -4.73 7.31 -10.19
N GLY A 54 -4.05 7.70 -9.12
CA GLY A 54 -4.71 7.96 -7.85
C GLY A 54 -4.71 6.74 -6.94
N PHE A 55 -4.07 5.66 -7.37
CA PHE A 55 -4.00 4.44 -6.57
C PHE A 55 -2.74 3.64 -6.91
N ALA A 56 -2.43 2.66 -6.06
CA ALA A 56 -1.25 1.82 -6.27
C ALA A 56 -1.43 0.49 -5.54
N PHE A 57 -0.96 -0.59 -6.16
CA PHE A 57 -1.08 -1.91 -5.55
C PHE A 57 0.14 -2.22 -4.68
N VAL A 58 -0.10 -2.86 -3.54
CA VAL A 58 0.98 -3.21 -2.63
C VAL A 58 0.71 -4.57 -2.00
N GLN A 59 1.72 -5.45 -2.07
CA GLN A 59 1.60 -6.79 -1.50
C GLN A 59 2.58 -6.97 -0.36
N LEU A 60 2.20 -7.80 0.61
CA LEU A 60 3.06 -8.06 1.77
C LEU A 60 3.66 -9.45 1.69
N SER A 61 4.66 -9.71 2.51
CA SER A 61 5.33 -11.02 2.50
C SER A 61 4.34 -12.15 2.79
N SER A 62 3.39 -11.88 3.68
CA SER A 62 2.39 -12.88 4.04
C SER A 62 1.01 -12.25 4.12
N ALA A 63 -0.01 -13.11 4.29
CA ALA A 63 -1.39 -12.63 4.37
C ALA A 63 -1.65 -11.99 5.74
N MET A 64 -0.94 -12.46 6.75
CA MET A 64 -1.11 -11.94 8.11
C MET A 64 -0.41 -10.59 8.24
N ASP A 65 0.56 -10.33 7.37
CA ASP A 65 1.29 -9.07 7.40
C ASP A 65 0.44 -7.93 6.84
N ALA A 66 -0.58 -8.29 6.06
CA ALA A 66 -1.46 -7.29 5.47
C ALA A 66 -2.34 -6.65 6.54
N SER A 67 -3.07 -7.49 7.27
CA SER A 67 -3.95 -6.99 8.32
C SER A 67 -3.14 -6.27 9.40
N GLN A 68 -1.96 -6.80 9.69
CA GLN A 68 -1.11 -6.21 10.70
C GLN A 68 -0.76 -4.76 10.34
N LEU A 69 -0.21 -4.58 9.14
CA LEU A 69 0.15 -3.25 8.69
C LEU A 69 -1.07 -2.34 8.62
N LEU A 70 -2.24 -2.96 8.51
CA LEU A 70 -3.48 -2.19 8.45
C LEU A 70 -3.94 -1.80 9.85
N GLN A 71 -3.75 -2.71 10.81
CA GLN A 71 -4.14 -2.44 12.18
C GLN A 71 -3.05 -1.64 12.90
N ILE A 72 -1.82 -1.82 12.46
CA ILE A 72 -0.69 -1.11 13.05
C ILE A 72 -0.68 0.34 12.59
N LEU A 73 -1.06 0.56 11.33
CA LEU A 73 -1.09 1.91 10.78
C LEU A 73 -2.38 2.62 11.17
N GLN A 74 -3.47 1.88 11.26
CA GLN A 74 -4.76 2.46 11.64
C GLN A 74 -4.84 2.64 13.14
N SER A 75 -3.90 2.03 13.86
CA SER A 75 -3.89 2.12 15.32
C SER A 75 -3.53 3.55 15.75
N LEU A 76 -2.77 4.22 14.90
CA LEU A 76 -2.36 5.59 15.19
C LEU A 76 -3.53 6.55 14.96
N HIS A 77 -3.69 7.50 15.88
CA HIS A 77 -4.77 8.47 15.77
C HIS A 77 -4.73 9.21 14.43
N PRO A 78 -3.63 9.84 14.10
CA PRO A 78 -3.51 10.59 12.81
C PRO A 78 -3.31 9.65 11.62
N PRO A 79 -4.24 9.56 10.70
CA PRO A 79 -4.10 8.67 9.51
C PRO A 79 -2.75 8.83 8.83
N LEU A 80 -2.56 8.12 7.71
CA LEU A 80 -1.31 8.20 6.98
C LEU A 80 -1.26 9.51 6.21
N LYS A 81 -0.14 10.24 6.36
CA LYS A 81 0.02 11.52 5.67
C LYS A 81 1.33 11.55 4.89
N ILE A 82 1.21 11.62 3.58
CA ILE A 82 2.38 11.67 2.70
C ILE A 82 2.40 13.02 1.98
N ASP A 83 3.58 13.63 1.91
CA ASP A 83 3.74 14.94 1.26
C ASP A 83 2.76 15.08 0.11
N GLY A 84 1.71 15.85 0.32
CA GLY A 84 0.69 16.06 -0.71
C GLY A 84 -0.70 16.16 -0.10
N LYS A 85 -1.09 15.13 0.64
CA LYS A 85 -2.40 15.10 1.27
C LYS A 85 -2.56 13.86 2.15
N THR A 86 -3.73 13.73 2.77
CA THR A 86 -4.00 12.59 3.64
C THR A 86 -4.09 11.30 2.82
N ILE A 87 -3.59 10.21 3.38
CA ILE A 87 -3.61 8.92 2.71
C ILE A 87 -4.32 7.86 3.55
N GLY A 88 -5.11 7.02 2.89
CA GLY A 88 -5.86 5.97 3.58
C GLY A 88 -5.39 4.58 3.14
N VAL A 89 -5.88 3.55 3.83
CA VAL A 89 -5.51 2.17 3.50
C VAL A 89 -6.77 1.32 3.36
N ASP A 90 -6.76 0.41 2.37
CA ASP A 90 -7.90 -0.46 2.15
C ASP A 90 -7.43 -1.86 1.76
N PHE A 91 -8.34 -2.83 1.87
CA PHE A 91 -8.02 -4.22 1.54
C PHE A 91 -8.10 -4.44 0.03
N ALA A 92 -7.69 -5.62 -0.41
CA ALA A 92 -7.72 -5.95 -1.83
C ALA A 92 -9.07 -5.59 -2.43
N LYS A 93 -9.18 -5.66 -3.75
CA LYS A 93 -10.42 -5.35 -4.44
C LYS A 93 -10.51 -6.09 -5.77
N SER A 94 -9.67 -5.71 -6.72
CA SER A 94 -9.67 -6.34 -8.03
C SER A 94 -11.09 -6.58 -8.53
N ALA A 95 -11.99 -5.66 -8.17
CA ALA A 95 -13.38 -5.78 -8.58
C ALA A 95 -14.13 -4.48 -8.33
N MET A 1 -9.88 -17.34 15.86
CA MET A 1 -10.00 -18.78 15.52
C MET A 1 -10.98 -18.94 14.36
N GLY A 2 -10.55 -18.50 13.18
CA GLY A 2 -11.40 -18.60 11.99
C GLY A 2 -10.94 -19.74 11.08
N HIS A 3 -9.73 -19.62 10.54
CA HIS A 3 -9.20 -20.64 9.66
C HIS A 3 -7.69 -20.77 9.86
N HIS A 4 -7.07 -21.69 9.11
CA HIS A 4 -5.63 -21.91 9.22
C HIS A 4 -4.91 -21.22 8.06
N HIS A 5 -4.97 -21.84 6.88
CA HIS A 5 -4.31 -21.28 5.71
C HIS A 5 -5.26 -20.38 4.94
N HIS A 6 -4.71 -19.40 4.24
CA HIS A 6 -5.52 -18.46 3.47
C HIS A 6 -4.74 -17.95 2.26
N HIS A 7 -5.45 -17.71 1.16
CA HIS A 7 -4.81 -17.22 -0.05
C HIS A 7 -5.73 -16.25 -0.79
N HIS A 8 -6.80 -15.84 -0.12
CA HIS A 8 -7.75 -14.90 -0.71
C HIS A 8 -7.53 -13.49 -0.16
N MET A 9 -6.74 -13.39 0.90
CA MET A 9 -6.47 -12.10 1.51
C MET A 9 -5.02 -12.04 2.02
N ASP A 10 -4.21 -11.20 1.39
CA ASP A 10 -2.81 -11.06 1.78
C ASP A 10 -2.16 -9.91 1.03
N THR A 11 -2.98 -8.94 0.64
CA THR A 11 -2.47 -7.79 -0.10
C THR A 11 -3.35 -6.57 0.15
N ILE A 12 -2.72 -5.43 0.42
CA ILE A 12 -3.46 -4.20 0.68
C ILE A 12 -3.34 -3.25 -0.51
N ILE A 13 -4.27 -2.30 -0.60
CA ILE A 13 -4.26 -1.33 -1.70
C ILE A 13 -4.45 0.08 -1.15
N LEU A 14 -3.78 1.04 -1.78
CA LEU A 14 -3.88 2.43 -1.35
C LEU A 14 -4.86 3.19 -2.23
N ARG A 15 -5.57 4.14 -1.62
CA ARG A 15 -6.55 4.94 -2.36
C ARG A 15 -6.29 6.43 -2.13
N ASN A 16 -6.59 7.23 -3.14
CA ASN A 16 -6.40 8.68 -3.06
C ASN A 16 -4.92 9.02 -2.99
N ILE A 17 -4.16 8.54 -3.96
CA ILE A 17 -2.72 8.80 -4.01
C ILE A 17 -2.44 10.09 -4.80
N ALA A 18 -1.61 10.95 -4.25
CA ALA A 18 -1.27 12.20 -4.91
C ALA A 18 -0.51 11.92 -6.22
N PRO A 19 -0.51 12.86 -7.13
CA PRO A 19 0.19 12.70 -8.45
C PRO A 19 1.71 12.77 -8.30
N HIS A 20 2.17 13.11 -7.10
CA HIS A 20 3.60 13.22 -6.85
C HIS A 20 4.10 12.05 -6.00
N THR A 21 3.36 10.94 -6.04
CA THR A 21 3.73 9.77 -5.27
C THR A 21 4.69 8.87 -6.06
N VAL A 22 5.68 8.32 -5.37
CA VAL A 22 6.66 7.45 -6.01
C VAL A 22 6.91 6.22 -5.15
N VAL A 23 7.59 5.22 -5.73
CA VAL A 23 7.89 3.99 -5.00
C VAL A 23 9.02 4.22 -4.01
N ASP A 24 9.84 5.23 -4.28
CA ASP A 24 10.97 5.54 -3.40
C ASP A 24 10.48 6.05 -2.05
N SER A 25 9.49 6.94 -2.08
CA SER A 25 8.94 7.50 -0.85
C SER A 25 8.16 6.43 -0.08
N ILE A 26 7.39 5.63 -0.80
CA ILE A 26 6.59 4.58 -0.18
C ILE A 26 7.49 3.59 0.56
N MET A 27 8.74 3.47 0.10
CA MET A 27 9.68 2.55 0.72
C MET A 27 10.12 3.09 2.08
N THR A 28 10.73 4.26 2.08
CA THR A 28 11.20 4.86 3.33
C THR A 28 10.03 5.24 4.23
N ALA A 29 8.87 5.45 3.64
CA ALA A 29 7.68 5.81 4.40
C ALA A 29 7.12 4.62 5.16
N LEU A 30 7.25 3.44 4.57
CA LEU A 30 6.75 2.22 5.21
C LEU A 30 7.89 1.42 5.85
N SER A 31 9.08 2.02 5.87
CA SER A 31 10.25 1.35 6.44
C SER A 31 10.04 1.03 7.92
N PRO A 32 9.70 2.01 8.73
CA PRO A 32 9.48 1.80 10.19
C PRO A 32 8.15 1.12 10.49
N TYR A 33 7.35 0.94 9.45
CA TYR A 33 6.04 0.30 9.60
C TYR A 33 6.11 -1.17 9.23
N ALA A 34 7.04 -1.51 8.34
CA ALA A 34 7.19 -2.90 7.90
C ALA A 34 8.20 -2.99 6.76
N SER A 35 8.39 -4.20 6.25
CA SER A 35 9.32 -4.43 5.15
C SER A 35 8.58 -4.87 3.90
N LEU A 36 8.88 -4.22 2.77
CA LEU A 36 8.23 -4.56 1.51
C LEU A 36 9.24 -5.17 0.54
N ALA A 37 8.80 -5.42 -0.68
CA ALA A 37 9.68 -6.01 -1.69
C ALA A 37 9.35 -5.44 -3.07
N VAL A 38 10.38 -4.98 -3.77
CA VAL A 38 10.22 -4.40 -5.10
C VAL A 38 9.37 -5.31 -5.99
N ASN A 39 9.59 -6.62 -5.88
CA ASN A 39 8.86 -7.57 -6.71
C ASN A 39 7.48 -7.87 -6.13
N ASN A 40 7.12 -7.18 -5.04
CA ASN A 40 5.83 -7.39 -4.39
C ASN A 40 4.99 -6.12 -4.44
N ILE A 41 5.53 -5.06 -5.04
CA ILE A 41 4.82 -3.80 -5.14
C ILE A 41 4.92 -3.24 -6.56
N ARG A 42 3.77 -2.87 -7.12
CA ARG A 42 3.74 -2.32 -8.47
C ARG A 42 2.89 -1.05 -8.51
N LEU A 43 3.55 0.10 -8.60
CA LEU A 43 2.83 1.36 -8.65
C LEU A 43 2.49 1.72 -10.09
N ILE A 44 1.23 1.57 -10.44
CA ILE A 44 0.78 1.87 -11.80
C ILE A 44 1.02 3.34 -12.13
N LYS A 45 1.38 3.61 -13.39
CA LYS A 45 1.64 4.97 -13.83
C LYS A 45 0.63 5.38 -14.90
N ASP A 46 0.26 6.66 -14.90
CA ASP A 46 -0.71 7.17 -15.86
C ASP A 46 -0.04 8.08 -16.87
N LYS A 47 -0.64 8.20 -18.05
CA LYS A 47 -0.09 9.05 -19.11
C LYS A 47 -0.67 10.45 -19.01
N GLN A 48 -1.69 10.62 -18.17
CA GLN A 48 -2.32 11.92 -18.01
C GLN A 48 -1.42 12.87 -17.23
N THR A 49 -1.04 12.46 -16.01
CA THR A 49 -0.17 13.29 -15.18
C THR A 49 1.23 12.68 -15.11
N GLN A 50 1.47 11.64 -15.91
CA GLN A 50 2.76 10.98 -15.92
C GLN A 50 3.03 10.33 -14.58
N GLN A 51 1.99 10.27 -13.75
CA GLN A 51 2.10 9.68 -12.42
C GLN A 51 0.86 8.86 -12.10
N ASN A 52 0.96 8.05 -11.05
CA ASN A 52 -0.15 7.21 -10.60
C ASN A 52 -1.50 7.91 -10.80
N ARG A 53 -2.51 7.13 -11.18
CA ARG A 53 -3.85 7.68 -11.40
C ARG A 53 -4.65 7.67 -10.11
N GLY A 54 -3.98 7.92 -8.99
CA GLY A 54 -4.64 7.95 -7.68
C GLY A 54 -4.85 6.53 -7.15
N PHE A 55 -3.95 5.62 -7.49
CA PHE A 55 -4.06 4.23 -7.03
C PHE A 55 -2.69 3.54 -7.03
N ALA A 56 -2.49 2.63 -6.09
CA ALA A 56 -1.24 1.89 -5.98
C ALA A 56 -1.46 0.52 -5.34
N PHE A 57 -0.72 -0.48 -5.81
CA PHE A 57 -0.86 -1.83 -5.27
C PHE A 57 0.35 -2.18 -4.41
N VAL A 58 0.09 -2.80 -3.26
CA VAL A 58 1.16 -3.19 -2.35
C VAL A 58 0.85 -4.54 -1.69
N GLN A 59 1.76 -5.49 -1.86
CA GLN A 59 1.58 -6.83 -1.28
C GLN A 59 2.67 -7.07 -0.23
N LEU A 60 2.35 -7.93 0.74
CA LEU A 60 3.31 -8.25 1.81
C LEU A 60 3.82 -9.68 1.65
N SER A 61 4.90 -10.00 2.36
CA SER A 61 5.48 -11.34 2.28
C SER A 61 4.50 -12.40 2.79
N SER A 62 3.72 -12.05 3.81
CA SER A 62 2.76 -12.98 4.39
C SER A 62 1.35 -12.39 4.35
N ALA A 63 0.39 -13.13 4.90
CA ALA A 63 -0.99 -12.67 4.92
C ALA A 63 -1.25 -11.79 6.13
N MET A 64 -0.82 -12.25 7.29
CA MET A 64 -1.02 -11.49 8.53
C MET A 64 -0.36 -10.12 8.42
N ASP A 65 0.83 -10.08 7.81
CA ASP A 65 1.55 -8.83 7.65
C ASP A 65 0.66 -7.76 7.04
N ALA A 66 -0.30 -8.19 6.23
CA ALA A 66 -1.22 -7.25 5.58
C ALA A 66 -2.09 -6.55 6.61
N SER A 67 -2.82 -7.35 7.40
CA SER A 67 -3.70 -6.80 8.42
C SER A 67 -2.89 -6.01 9.44
N GLN A 68 -1.69 -6.49 9.73
CA GLN A 68 -0.82 -5.82 10.70
C GLN A 68 -0.51 -4.40 10.25
N LEU A 69 0.03 -4.26 9.04
CA LEU A 69 0.36 -2.95 8.52
C LEU A 69 -0.89 -2.09 8.40
N LEU A 70 -2.04 -2.73 8.25
CA LEU A 70 -3.30 -2.01 8.14
C LEU A 70 -3.80 -1.58 9.51
N GLN A 71 -3.63 -2.45 10.50
CA GLN A 71 -4.06 -2.12 11.86
C GLN A 71 -3.01 -1.29 12.57
N ILE A 72 -1.76 -1.42 12.13
CA ILE A 72 -0.66 -0.67 12.74
C ILE A 72 -0.66 0.77 12.26
N LEU A 73 -0.98 0.97 10.97
CA LEU A 73 -1.00 2.32 10.41
C LEU A 73 -2.30 3.03 10.75
N GLN A 74 -3.38 2.26 10.85
CA GLN A 74 -4.68 2.84 11.17
C GLN A 74 -4.85 2.98 12.68
N SER A 75 -3.94 2.35 13.43
CA SER A 75 -3.99 2.42 14.88
C SER A 75 -3.62 3.83 15.35
N LEU A 76 -2.81 4.51 14.55
CA LEU A 76 -2.40 5.87 14.87
C LEU A 76 -3.57 6.83 14.69
N HIS A 77 -3.71 7.76 15.63
CA HIS A 77 -4.80 8.74 15.57
C HIS A 77 -4.81 9.47 14.22
N PRO A 78 -3.73 10.12 13.86
CA PRO A 78 -3.65 10.87 12.57
C PRO A 78 -3.51 9.92 11.36
N PRO A 79 -4.49 9.86 10.47
CA PRO A 79 -4.42 8.96 9.28
C PRO A 79 -3.09 9.10 8.54
N LEU A 80 -2.97 8.40 7.42
CA LEU A 80 -1.73 8.47 6.64
C LEU A 80 -1.70 9.74 5.81
N LYS A 81 -0.71 10.59 6.07
CA LYS A 81 -0.57 11.85 5.35
C LYS A 81 0.76 11.91 4.61
N ILE A 82 0.68 11.96 3.29
CA ILE A 82 1.87 12.03 2.46
C ILE A 82 1.87 13.33 1.67
N ASP A 83 3.04 13.99 1.61
CA ASP A 83 3.16 15.27 0.90
C ASP A 83 2.20 15.33 -0.28
N GLY A 84 1.12 16.08 -0.12
CA GLY A 84 0.12 16.20 -1.18
C GLY A 84 -1.29 16.28 -0.59
N LYS A 85 -1.66 15.28 0.20
CA LYS A 85 -2.98 15.25 0.81
C LYS A 85 -3.12 14.02 1.71
N THR A 86 -4.31 13.86 2.29
CA THR A 86 -4.58 12.73 3.17
C THR A 86 -4.60 11.43 2.38
N ILE A 87 -4.08 10.36 2.99
CA ILE A 87 -4.04 9.05 2.36
C ILE A 87 -4.76 8.01 3.21
N GLY A 88 -5.53 7.15 2.55
CA GLY A 88 -6.28 6.10 3.24
C GLY A 88 -5.75 4.71 2.90
N VAL A 89 -6.22 3.71 3.64
CA VAL A 89 -5.79 2.33 3.42
C VAL A 89 -7.00 1.41 3.33
N ASP A 90 -6.95 0.44 2.42
CA ASP A 90 -8.05 -0.50 2.25
C ASP A 90 -7.51 -1.92 2.10
N PHE A 91 -8.39 -2.91 2.20
CA PHE A 91 -7.99 -4.30 2.08
C PHE A 91 -7.98 -4.72 0.61
N ALA A 92 -7.48 -5.92 0.34
CA ALA A 92 -7.43 -6.43 -1.03
C ALA A 92 -8.82 -6.47 -1.64
N LYS A 93 -9.07 -5.57 -2.59
CA LYS A 93 -10.36 -5.51 -3.25
C LYS A 93 -10.30 -6.20 -4.61
N SER A 94 -11.35 -6.01 -5.41
CA SER A 94 -11.40 -6.62 -6.73
C SER A 94 -12.06 -5.67 -7.73
N ALA A 95 -11.23 -4.85 -8.38
CA ALA A 95 -11.75 -3.90 -9.37
C ALA A 95 -12.41 -4.64 -10.53
N MET A 1 -5.35 -28.50 -12.37
CA MET A 1 -6.66 -27.86 -12.02
C MET A 1 -6.38 -26.51 -11.34
N GLY A 2 -5.39 -26.50 -10.46
CA GLY A 2 -5.03 -25.28 -9.75
C GLY A 2 -5.58 -25.30 -8.33
N HIS A 3 -6.56 -24.45 -8.07
CA HIS A 3 -7.18 -24.38 -6.75
C HIS A 3 -8.69 -24.21 -6.87
N HIS A 4 -9.43 -25.12 -6.25
CA HIS A 4 -10.89 -25.06 -6.29
C HIS A 4 -11.40 -23.90 -5.44
N HIS A 5 -10.87 -23.78 -4.23
CA HIS A 5 -11.27 -22.70 -3.33
C HIS A 5 -10.89 -21.34 -3.90
N HIS A 6 -11.69 -20.34 -3.60
CA HIS A 6 -11.43 -18.98 -4.09
C HIS A 6 -10.09 -18.47 -3.55
N HIS A 7 -9.76 -17.23 -3.88
CA HIS A 7 -8.52 -16.64 -3.42
C HIS A 7 -8.75 -15.84 -2.13
N HIS A 8 -7.93 -16.12 -1.12
CA HIS A 8 -8.05 -15.44 0.16
C HIS A 8 -7.39 -14.07 0.09
N MET A 9 -7.44 -13.33 1.20
CA MET A 9 -6.85 -12.00 1.25
C MET A 9 -5.43 -12.07 1.80
N ASP A 10 -4.57 -11.18 1.31
CA ASP A 10 -3.18 -11.16 1.76
C ASP A 10 -2.43 -9.99 1.11
N THR A 11 -3.16 -8.92 0.80
CA THR A 11 -2.55 -7.75 0.18
C THR A 11 -3.34 -6.49 0.54
N ILE A 12 -2.71 -5.33 0.38
CA ILE A 12 -3.37 -4.06 0.69
C ILE A 12 -3.40 -3.16 -0.55
N ILE A 13 -4.15 -2.07 -0.45
CA ILE A 13 -4.26 -1.13 -1.57
C ILE A 13 -4.43 0.29 -1.05
N LEU A 14 -3.74 1.23 -1.69
CA LEU A 14 -3.82 2.63 -1.29
C LEU A 14 -4.90 3.35 -2.09
N ARG A 15 -5.61 4.26 -1.43
CA ARG A 15 -6.68 5.01 -2.08
C ARG A 15 -6.50 6.51 -1.86
N ASN A 16 -6.95 7.30 -2.82
CA ASN A 16 -6.85 8.75 -2.74
C ASN A 16 -5.38 9.18 -2.67
N ILE A 17 -4.61 8.77 -3.68
CA ILE A 17 -3.19 9.11 -3.72
C ILE A 17 -2.96 10.29 -4.67
N ALA A 18 -1.97 11.11 -4.35
CA ALA A 18 -1.66 12.26 -5.18
C ALA A 18 -0.69 11.88 -6.30
N PRO A 19 -0.61 12.69 -7.34
CA PRO A 19 0.29 12.42 -8.49
C PRO A 19 1.76 12.69 -8.16
N HIS A 20 2.02 13.14 -6.93
CA HIS A 20 3.38 13.45 -6.51
C HIS A 20 3.99 12.30 -5.69
N THR A 21 3.37 11.14 -5.78
CA THR A 21 3.86 9.97 -5.05
C THR A 21 4.91 9.22 -5.88
N VAL A 22 6.05 8.95 -5.26
CA VAL A 22 7.13 8.24 -5.94
C VAL A 22 7.61 7.05 -5.10
N VAL A 23 7.92 5.95 -5.78
CA VAL A 23 8.39 4.75 -5.09
C VAL A 23 9.37 5.12 -3.97
N ASP A 24 10.14 6.17 -4.20
CA ASP A 24 11.12 6.62 -3.21
C ASP A 24 10.42 7.12 -1.95
N SER A 25 9.28 7.78 -2.14
CA SER A 25 8.52 8.32 -1.01
C SER A 25 7.81 7.20 -0.27
N ILE A 26 7.27 6.24 -1.02
CA ILE A 26 6.56 5.12 -0.41
C ILE A 26 7.53 4.24 0.39
N MET A 27 8.63 3.85 -0.25
CA MET A 27 9.63 3.01 0.41
C MET A 27 10.02 3.59 1.77
N THR A 28 10.52 4.81 1.77
CA THR A 28 10.94 5.47 3.00
C THR A 28 9.76 5.68 3.95
N ALA A 29 8.59 5.94 3.38
CA ALA A 29 7.40 6.17 4.20
C ALA A 29 6.93 4.88 4.88
N LEU A 30 7.13 3.75 4.20
CA LEU A 30 6.72 2.46 4.74
C LEU A 30 7.91 1.69 5.30
N SER A 31 9.07 2.35 5.35
CA SER A 31 10.27 1.69 5.85
C SER A 31 10.13 1.26 7.31
N PRO A 32 9.77 2.16 8.19
CA PRO A 32 9.60 1.83 9.65
C PRO A 32 8.30 1.10 9.92
N TYR A 33 7.47 0.97 8.90
CA TYR A 33 6.18 0.29 9.06
C TYR A 33 6.26 -1.14 8.51
N ALA A 34 7.17 -1.37 7.56
CA ALA A 34 7.33 -2.68 6.97
C ALA A 34 8.26 -2.62 5.76
N SER A 35 9.15 -3.61 5.66
CA SER A 35 10.10 -3.65 4.55
C SER A 35 9.48 -4.33 3.34
N LEU A 36 8.58 -3.61 2.67
CA LEU A 36 7.91 -4.15 1.48
C LEU A 36 8.94 -4.69 0.49
N ALA A 37 8.46 -5.13 -0.67
CA ALA A 37 9.35 -5.68 -1.69
C ALA A 37 8.95 -5.17 -3.07
N VAL A 38 9.92 -4.65 -3.81
CA VAL A 38 9.66 -4.11 -5.15
C VAL A 38 8.91 -5.12 -6.01
N ASN A 39 9.26 -6.39 -5.88
CA ASN A 39 8.62 -7.44 -6.67
C ASN A 39 7.27 -7.85 -6.07
N ASN A 40 6.88 -7.20 -4.98
CA ASN A 40 5.62 -7.52 -4.31
C ASN A 40 4.65 -6.34 -4.39
N ILE A 41 5.07 -5.26 -5.06
CA ILE A 41 4.22 -4.09 -5.19
C ILE A 41 4.25 -3.57 -6.62
N ARG A 42 3.08 -3.25 -7.15
CA ARG A 42 2.98 -2.74 -8.51
C ARG A 42 2.24 -1.40 -8.54
N LEU A 43 2.96 -0.35 -8.91
CA LEU A 43 2.38 0.99 -8.97
C LEU A 43 1.93 1.30 -10.39
N ILE A 44 0.63 1.18 -10.63
CA ILE A 44 0.09 1.45 -11.96
C ILE A 44 0.37 2.89 -12.35
N LYS A 45 1.43 3.09 -13.14
CA LYS A 45 1.81 4.43 -13.57
C LYS A 45 1.00 4.85 -14.79
N ASP A 46 0.69 6.14 -14.88
CA ASP A 46 -0.08 6.66 -16.01
C ASP A 46 0.79 7.53 -16.91
N LYS A 47 0.33 7.74 -18.14
CA LYS A 47 1.07 8.56 -19.09
C LYS A 47 0.66 10.03 -18.99
N GLN A 48 -0.28 10.31 -18.10
CA GLN A 48 -0.76 11.68 -17.93
C GLN A 48 0.11 12.44 -16.93
N THR A 49 0.21 11.90 -15.72
CA THR A 49 1.02 12.54 -14.67
C THR A 49 2.29 11.72 -14.42
N GLN A 50 2.64 10.90 -15.39
CA GLN A 50 3.84 10.07 -15.29
C GLN A 50 3.94 9.49 -13.87
N GLN A 51 2.79 9.31 -13.24
CA GLN A 51 2.74 8.77 -11.89
C GLN A 51 1.37 8.15 -11.61
N ASN A 52 1.31 7.31 -10.58
CA ASN A 52 0.08 6.64 -10.18
C ASN A 52 -1.15 7.48 -10.50
N ARG A 53 -2.20 6.83 -11.01
CA ARG A 53 -3.43 7.53 -11.35
C ARG A 53 -4.31 7.69 -10.10
N GLY A 54 -3.66 7.78 -8.94
CA GLY A 54 -4.40 7.92 -7.69
C GLY A 54 -4.73 6.56 -7.07
N PHE A 55 -3.93 5.55 -7.42
CA PHE A 55 -4.15 4.20 -6.90
C PHE A 55 -2.87 3.39 -6.98
N ALA A 56 -2.67 2.51 -6.00
CA ALA A 56 -1.47 1.67 -5.96
C ALA A 56 -1.75 0.37 -5.22
N PHE A 57 -1.14 -0.72 -5.68
CA PHE A 57 -1.33 -2.03 -5.06
C PHE A 57 -0.08 -2.43 -4.27
N VAL A 58 -0.28 -3.06 -3.13
CA VAL A 58 0.84 -3.50 -2.30
C VAL A 58 0.54 -4.84 -1.65
N GLN A 59 1.56 -5.72 -1.63
CA GLN A 59 1.41 -7.04 -1.03
C GLN A 59 2.53 -7.29 -0.02
N LEU A 60 2.24 -8.14 0.96
CA LEU A 60 3.22 -8.47 1.99
C LEU A 60 3.71 -9.90 1.81
N SER A 61 4.78 -10.25 2.51
CA SER A 61 5.34 -11.60 2.42
C SER A 61 4.31 -12.65 2.80
N SER A 62 3.50 -12.34 3.81
CA SER A 62 2.48 -13.26 4.28
C SER A 62 1.11 -12.59 4.27
N ALA A 63 0.09 -13.33 4.73
CA ALA A 63 -1.27 -12.80 4.77
C ALA A 63 -1.50 -12.01 6.05
N MET A 64 -1.01 -12.54 7.17
CA MET A 64 -1.18 -11.88 8.45
C MET A 64 -0.49 -10.52 8.44
N ASP A 65 0.63 -10.44 7.73
CA ASP A 65 1.38 -9.19 7.65
C ASP A 65 0.54 -8.09 7.01
N ALA A 66 -0.29 -8.46 6.04
CA ALA A 66 -1.14 -7.50 5.35
C ALA A 66 -2.14 -6.89 6.33
N SER A 67 -2.82 -7.74 7.07
CA SER A 67 -3.82 -7.28 8.04
C SER A 67 -3.13 -6.48 9.15
N GLN A 68 -1.90 -6.85 9.46
CA GLN A 68 -1.15 -6.17 10.51
C GLN A 68 -0.79 -4.76 10.08
N LEU A 69 -0.07 -4.64 8.96
CA LEU A 69 0.34 -3.33 8.46
C LEU A 69 -0.86 -2.38 8.42
N LEU A 70 -2.05 -2.95 8.28
CA LEU A 70 -3.26 -2.15 8.22
C LEU A 70 -3.67 -1.71 9.63
N GLN A 71 -3.44 -2.58 10.61
CA GLN A 71 -3.78 -2.28 11.99
C GLN A 71 -2.68 -1.45 12.63
N ILE A 72 -1.44 -1.63 12.15
CA ILE A 72 -0.30 -0.90 12.69
C ILE A 72 -0.34 0.55 12.23
N LEU A 73 -0.69 0.76 10.98
CA LEU A 73 -0.75 2.11 10.42
C LEU A 73 -2.03 2.83 10.87
N GLN A 74 -3.11 2.07 11.06
CA GLN A 74 -4.37 2.66 11.49
C GLN A 74 -4.38 2.82 13.01
N SER A 75 -3.42 2.21 13.67
CA SER A 75 -3.33 2.30 15.13
C SER A 75 -2.97 3.71 15.55
N LEU A 76 -2.26 4.41 14.68
CA LEU A 76 -1.86 5.79 14.94
C LEU A 76 -3.07 6.71 14.87
N HIS A 77 -3.15 7.65 15.80
CA HIS A 77 -4.28 8.58 15.83
C HIS A 77 -4.39 9.35 14.51
N PRO A 78 -3.35 10.03 14.08
CA PRO A 78 -3.37 10.80 12.80
C PRO A 78 -3.23 9.88 11.57
N PRO A 79 -4.23 9.78 10.73
CA PRO A 79 -4.15 8.91 9.51
C PRO A 79 -2.87 9.16 8.72
N LEU A 80 -2.74 8.51 7.57
CA LEU A 80 -1.55 8.68 6.74
C LEU A 80 -1.70 9.96 5.90
N LYS A 81 -0.78 10.90 6.11
CA LYS A 81 -0.80 12.16 5.38
C LYS A 81 0.48 12.35 4.59
N ILE A 82 0.35 12.39 3.27
CA ILE A 82 1.50 12.58 2.39
C ILE A 82 1.35 13.90 1.64
N ASP A 83 2.44 14.66 1.55
CA ASP A 83 2.42 15.96 0.86
C ASP A 83 1.45 15.93 -0.31
N GLY A 84 0.29 16.55 -0.13
CA GLY A 84 -0.72 16.60 -1.17
C GLY A 84 -2.12 16.52 -0.58
N LYS A 85 -2.38 15.46 0.19
CA LYS A 85 -3.68 15.28 0.82
C LYS A 85 -3.67 14.09 1.76
N THR A 86 -4.81 13.82 2.39
CA THR A 86 -4.93 12.69 3.31
C THR A 86 -4.87 11.36 2.55
N ILE A 87 -4.22 10.38 3.15
CA ILE A 87 -4.10 9.06 2.54
C ILE A 87 -4.71 7.98 3.43
N GLY A 88 -5.50 7.10 2.82
CA GLY A 88 -6.16 6.03 3.57
C GLY A 88 -5.66 4.65 3.11
N VAL A 89 -6.09 3.61 3.84
CA VAL A 89 -5.70 2.25 3.51
C VAL A 89 -6.92 1.33 3.49
N ASP A 90 -6.95 0.42 2.51
CA ASP A 90 -8.08 -0.51 2.40
C ASP A 90 -7.58 -1.87 1.91
N PHE A 91 -8.37 -2.90 2.18
CA PHE A 91 -8.00 -4.25 1.77
C PHE A 91 -8.19 -4.43 0.27
N ALA A 92 -7.76 -5.57 -0.25
CA ALA A 92 -7.89 -5.85 -1.67
C ALA A 92 -9.25 -5.39 -2.19
N LYS A 93 -9.30 -5.06 -3.48
CA LYS A 93 -10.55 -4.60 -4.08
C LYS A 93 -11.12 -3.42 -3.30
N SER A 94 -12.25 -2.91 -3.77
CA SER A 94 -12.89 -1.77 -3.10
C SER A 94 -14.40 -1.98 -3.03
N ALA A 95 -14.95 -1.83 -1.83
CA ALA A 95 -16.39 -2.01 -1.63
C ALA A 95 -16.87 -1.18 -0.44
#